data_2EEH
#
_entry.id   2EEH
#
_entity_poly.entity_id   1
_entity_poly.type   'polypeptide(L)'
_entity_poly.pdbx_seq_one_letter_code
;GSSGSSGSDIIHSVRVEKSPAGRLGFSVRGGSEHGLGIFVSKVEEGSSAERAGLCVGDKITEVNGLSLESTTMGSAVKVL
TSSSRLHMMVRRMGSGPSSG
;
_entity_poly.pdbx_strand_id   A
#
# COMPACT_ATOMS: atom_id res chain seq x y z
N GLY A 1 17.65 28.75 13.92
CA GLY A 1 17.84 27.41 13.39
C GLY A 1 16.72 26.48 13.83
N SER A 2 16.63 25.34 13.15
CA SER A 2 15.60 24.36 13.46
C SER A 2 16.24 23.13 14.11
N SER A 3 15.81 22.86 15.33
CA SER A 3 16.33 21.72 16.07
C SER A 3 15.35 20.55 15.98
N GLY A 4 15.91 19.35 15.99
CA GLY A 4 15.10 18.14 15.90
C GLY A 4 14.83 17.57 17.30
N SER A 5 13.88 16.64 17.34
CA SER A 5 13.51 16.01 18.60
C SER A 5 12.40 14.99 18.37
N SER A 6 12.58 13.81 18.94
CA SER A 6 11.60 12.76 18.80
C SER A 6 11.43 12.38 17.32
N GLY A 7 10.91 11.19 17.10
CA GLY A 7 10.69 10.70 15.75
C GLY A 7 9.59 11.51 15.05
N SER A 8 9.13 10.98 13.92
CA SER A 8 8.09 11.63 13.16
C SER A 8 7.56 10.68 12.08
N ASP A 9 6.38 11.01 11.56
CA ASP A 9 5.76 10.19 10.53
C ASP A 9 6.63 10.21 9.28
N ILE A 10 6.83 9.02 8.72
CA ILE A 10 7.64 8.88 7.52
C ILE A 10 6.93 7.97 6.52
N ILE A 11 7.29 8.12 5.26
CA ILE A 11 6.70 7.32 4.20
C ILE A 11 7.51 6.04 4.02
N HIS A 12 6.81 4.98 3.65
CA HIS A 12 7.45 3.69 3.44
C HIS A 12 7.57 3.42 1.93
N SER A 13 8.70 2.83 1.56
CA SER A 13 8.95 2.51 0.16
C SER A 13 8.90 1.00 -0.04
N VAL A 14 8.14 0.59 -1.03
CA VAL A 14 8.00 -0.82 -1.34
C VAL A 14 7.84 -0.99 -2.86
N ARG A 15 8.31 -2.13 -3.34
CA ARG A 15 8.24 -2.43 -4.76
C ARG A 15 7.65 -3.82 -4.99
N VAL A 16 6.40 -3.85 -5.41
CA VAL A 16 5.72 -5.11 -5.66
C VAL A 16 5.80 -5.44 -7.15
N GLU A 17 6.00 -6.73 -7.43
CA GLU A 17 6.10 -7.19 -8.80
C GLU A 17 4.75 -7.71 -9.28
N LYS A 18 4.64 -7.86 -10.60
CA LYS A 18 3.42 -8.35 -11.20
C LYS A 18 3.28 -9.84 -10.92
N SER A 19 2.11 -10.37 -11.27
CA SER A 19 1.84 -11.79 -11.07
C SER A 19 1.08 -12.35 -12.27
N PRO A 20 1.13 -13.70 -12.40
CA PRO A 20 0.46 -14.38 -13.50
C PRO A 20 -1.05 -14.43 -13.26
N ALA A 21 -1.43 -15.07 -12.17
CA ALA A 21 -2.83 -15.19 -11.82
C ALA A 21 -2.98 -15.12 -10.30
N GLY A 22 -4.09 -14.53 -9.87
CA GLY A 22 -4.36 -14.38 -8.46
C GLY A 22 -4.17 -12.93 -8.00
N ARG A 23 -5.11 -12.46 -7.21
CA ARG A 23 -5.05 -11.11 -6.70
C ARG A 23 -3.61 -10.73 -6.34
N LEU A 24 -3.35 -9.43 -6.35
CA LEU A 24 -2.03 -8.93 -6.03
C LEU A 24 -1.45 -9.73 -4.86
N GLY A 25 -0.13 -9.70 -4.76
CA GLY A 25 0.55 -10.42 -3.70
C GLY A 25 0.01 -10.02 -2.33
N PHE A 26 -0.66 -8.88 -2.30
CA PHE A 26 -1.24 -8.38 -1.07
C PHE A 26 -2.75 -8.17 -1.22
N SER A 27 -3.44 -8.22 -0.09
CA SER A 27 -4.88 -8.03 -0.09
C SER A 27 -5.23 -6.68 0.52
N VAL A 28 -5.99 -5.90 -0.23
CA VAL A 28 -6.40 -4.58 0.22
C VAL A 28 -7.88 -4.60 0.56
N ARG A 29 -8.26 -3.70 1.46
CA ARG A 29 -9.65 -3.61 1.89
C ARG A 29 -10.15 -2.17 1.77
N GLY A 30 -11.45 -2.04 1.55
CA GLY A 30 -12.06 -0.73 1.41
C GLY A 30 -11.85 -0.17 0.01
N GLY A 31 -12.49 0.97 -0.25
CA GLY A 31 -12.38 1.61 -1.54
C GLY A 31 -13.11 2.96 -1.55
N SER A 32 -13.86 3.19 -2.61
CA SER A 32 -14.60 4.42 -2.76
C SER A 32 -16.04 4.23 -2.25
N GLU A 33 -16.30 4.79 -1.08
CA GLU A 33 -17.62 4.69 -0.48
C GLU A 33 -17.69 5.52 0.80
N HIS A 34 -16.82 5.17 1.74
CA HIS A 34 -16.77 5.87 3.01
C HIS A 34 -15.84 7.07 2.89
N GLY A 35 -14.64 6.81 2.38
CA GLY A 35 -13.65 7.85 2.22
C GLY A 35 -12.43 7.60 3.10
N LEU A 36 -11.73 6.52 2.78
CA LEU A 36 -10.55 6.15 3.54
C LEU A 36 -9.39 5.92 2.57
N GLY A 37 -9.69 5.20 1.49
CA GLY A 37 -8.68 4.91 0.49
C GLY A 37 -8.48 3.39 0.33
N ILE A 38 -7.22 2.99 0.32
CA ILE A 38 -6.88 1.59 0.18
C ILE A 38 -6.02 1.15 1.37
N PHE A 39 -6.52 0.16 2.10
CA PHE A 39 -5.82 -0.35 3.25
C PHE A 39 -5.50 -1.84 3.08
N VAL A 40 -4.32 -2.22 3.55
CA VAL A 40 -3.89 -3.61 3.46
C VAL A 40 -4.56 -4.42 4.57
N SER A 41 -4.94 -5.63 4.22
CA SER A 41 -5.59 -6.51 5.17
C SER A 41 -4.76 -7.80 5.35
N LYS A 42 -4.43 -8.41 4.23
CA LYS A 42 -3.65 -9.63 4.24
C LYS A 42 -2.53 -9.54 3.20
N VAL A 43 -1.55 -10.42 3.34
CA VAL A 43 -0.43 -10.45 2.42
C VAL A 43 -0.06 -11.89 2.10
N GLU A 44 -0.38 -12.31 0.88
CA GLU A 44 -0.09 -13.67 0.45
C GLU A 44 1.27 -14.11 1.00
N GLU A 45 1.40 -15.42 1.18
CA GLU A 45 2.63 -15.99 1.69
C GLU A 45 3.63 -16.20 0.55
N GLY A 46 4.90 -16.05 0.88
CA GLY A 46 5.96 -16.23 -0.10
C GLY A 46 5.62 -15.49 -1.40
N SER A 47 4.95 -14.36 -1.25
CA SER A 47 4.57 -13.55 -2.39
C SER A 47 5.58 -12.43 -2.62
N SER A 48 5.34 -11.65 -3.66
CA SER A 48 6.23 -10.55 -4.00
C SER A 48 6.00 -9.39 -3.01
N ALA A 49 4.78 -9.31 -2.51
CA ALA A 49 4.43 -8.26 -1.57
C ALA A 49 5.24 -8.44 -0.28
N GLU A 50 5.11 -9.63 0.30
CA GLU A 50 5.82 -9.92 1.53
C GLU A 50 7.32 -9.64 1.36
N ARG A 51 7.80 -9.87 0.14
CA ARG A 51 9.20 -9.64 -0.17
C ARG A 51 9.45 -8.16 -0.45
N ALA A 52 8.45 -7.54 -1.09
CA ALA A 52 8.55 -6.13 -1.42
C ALA A 52 8.63 -5.30 -0.14
N GLY A 53 8.14 -5.90 0.94
CA GLY A 53 8.14 -5.24 2.23
C GLY A 53 6.72 -5.00 2.73
N LEU A 54 5.76 -5.29 1.86
CA LEU A 54 4.36 -5.11 2.20
C LEU A 54 3.93 -6.20 3.17
N CYS A 55 3.30 -5.76 4.26
CA CYS A 55 2.83 -6.70 5.27
C CYS A 55 1.46 -6.22 5.77
N VAL A 56 0.93 -6.95 6.73
CA VAL A 56 -0.36 -6.61 7.31
C VAL A 56 -0.18 -5.51 8.35
N GLY A 57 -1.11 -4.57 8.35
CA GLY A 57 -1.07 -3.47 9.28
C GLY A 57 -0.50 -2.22 8.63
N ASP A 58 -0.91 -2.00 7.38
CA ASP A 58 -0.45 -0.85 6.63
C ASP A 58 -1.58 -0.35 5.73
N LYS A 59 -1.51 0.93 5.38
CA LYS A 59 -2.52 1.54 4.53
C LYS A 59 -1.82 2.26 3.37
N ILE A 60 -2.15 1.83 2.17
CA ILE A 60 -1.58 2.41 0.97
C ILE A 60 -2.26 3.75 0.68
N THR A 61 -1.47 4.82 0.79
CA THR A 61 -1.99 6.15 0.55
C THR A 61 -1.77 6.55 -0.91
N GLU A 62 -0.70 6.03 -1.48
CA GLU A 62 -0.37 6.32 -2.87
C GLU A 62 0.43 5.16 -3.48
N VAL A 63 0.36 5.07 -4.79
CA VAL A 63 1.07 4.02 -5.51
C VAL A 63 1.32 4.47 -6.95
N ASN A 64 2.47 4.07 -7.47
CA ASN A 64 2.84 4.43 -8.83
C ASN A 64 2.59 5.92 -9.06
N GLY A 65 2.61 6.66 -7.96
CA GLY A 65 2.39 8.10 -8.02
C GLY A 65 0.90 8.42 -7.87
N LEU A 66 0.08 7.53 -8.40
CA LEU A 66 -1.36 7.72 -8.33
C LEU A 66 -1.81 7.68 -6.87
N SER A 67 -2.48 8.75 -6.46
CA SER A 67 -2.97 8.85 -5.10
C SER A 67 -4.26 8.03 -4.94
N LEU A 68 -4.29 7.23 -3.89
CA LEU A 68 -5.45 6.41 -3.61
C LEU A 68 -6.09 6.84 -2.29
N GLU A 69 -6.18 8.15 -2.13
CA GLU A 69 -6.76 8.71 -0.92
C GLU A 69 -8.27 8.92 -1.10
N SER A 70 -8.70 8.83 -2.36
CA SER A 70 -10.11 9.01 -2.69
C SER A 70 -10.42 8.33 -4.02
N THR A 71 -9.87 7.15 -4.19
CA THR A 71 -10.08 6.39 -5.41
C THR A 71 -10.76 5.05 -5.11
N THR A 72 -11.37 4.48 -6.13
CA THR A 72 -12.06 3.21 -5.99
C THR A 72 -11.06 2.06 -6.02
N MET A 73 -11.48 0.94 -5.45
CA MET A 73 -10.64 -0.24 -5.39
C MET A 73 -10.26 -0.70 -6.81
N GLY A 74 -11.29 -0.95 -7.60
CA GLY A 74 -11.07 -1.40 -8.98
C GLY A 74 -9.88 -0.67 -9.61
N SER A 75 -10.08 0.61 -9.86
CA SER A 75 -9.03 1.42 -10.46
C SER A 75 -7.67 1.06 -9.86
N ALA A 76 -7.62 1.10 -8.53
CA ALA A 76 -6.40 0.78 -7.83
C ALA A 76 -5.92 -0.62 -8.25
N VAL A 77 -6.82 -1.58 -8.13
CA VAL A 77 -6.51 -2.95 -8.49
C VAL A 77 -5.87 -2.97 -9.88
N LYS A 78 -6.57 -2.40 -10.84
CA LYS A 78 -6.09 -2.34 -12.20
C LYS A 78 -4.61 -1.94 -12.20
N VAL A 79 -4.37 -0.68 -11.84
CA VAL A 79 -3.03 -0.15 -11.78
C VAL A 79 -2.16 -1.08 -10.94
N LEU A 80 -2.74 -1.57 -9.86
CA LEU A 80 -2.03 -2.47 -8.96
C LEU A 80 -1.63 -3.73 -9.73
N THR A 81 -2.45 -4.07 -10.70
CA THR A 81 -2.19 -5.26 -11.52
C THR A 81 -1.68 -4.85 -12.90
N SER A 82 -1.46 -3.54 -13.06
CA SER A 82 -0.98 -3.02 -14.33
C SER A 82 0.37 -2.33 -14.13
N SER A 83 1.42 -3.14 -14.16
CA SER A 83 2.76 -2.62 -13.99
C SER A 83 3.71 -3.76 -13.59
N SER A 84 4.99 -3.54 -13.87
CA SER A 84 6.00 -4.54 -13.55
C SER A 84 6.80 -4.08 -12.32
N ARG A 85 6.50 -2.88 -11.87
CA ARG A 85 7.17 -2.32 -10.70
C ARG A 85 6.32 -1.24 -10.05
N LEU A 86 5.48 -1.67 -9.12
CA LEU A 86 4.61 -0.74 -8.42
C LEU A 86 5.37 -0.11 -7.25
N HIS A 87 5.07 1.15 -7.02
CA HIS A 87 5.72 1.89 -5.94
C HIS A 87 4.66 2.43 -4.98
N MET A 88 4.32 1.61 -4.00
CA MET A 88 3.32 1.99 -3.01
C MET A 88 3.98 2.61 -1.78
N MET A 89 3.33 3.64 -1.25
CA MET A 89 3.83 4.33 -0.08
C MET A 89 2.76 4.41 1.01
N VAL A 90 3.09 3.84 2.16
CA VAL A 90 2.17 3.84 3.28
C VAL A 90 2.63 4.89 4.30
N ARG A 91 1.69 5.29 5.14
CA ARG A 91 1.99 6.28 6.17
C ARG A 91 1.92 5.65 7.56
N ARG A 92 3.07 5.62 8.21
CA ARG A 92 3.16 5.05 9.54
C ARG A 92 3.34 6.15 10.59
N MET A 93 2.73 5.93 11.74
CA MET A 93 2.82 6.90 12.83
C MET A 93 3.60 6.32 14.01
N GLY A 94 3.86 5.03 13.94
CA GLY A 94 4.61 4.35 14.99
C GLY A 94 3.73 3.31 15.69
N SER A 95 4.27 2.73 16.75
CA SER A 95 3.56 1.73 17.52
C SER A 95 3.41 0.45 16.69
N GLY A 96 3.00 -0.61 17.36
CA GLY A 96 2.82 -1.89 16.71
C GLY A 96 1.60 -2.64 17.28
N PRO A 97 0.46 -2.48 16.57
CA PRO A 97 -0.77 -3.12 16.99
C PRO A 97 -0.74 -4.62 16.68
N SER A 98 -1.76 -5.32 17.16
CA SER A 98 -1.86 -6.75 16.95
C SER A 98 -3.28 -7.11 16.51
N SER A 99 -3.38 -8.27 15.86
CA SER A 99 -4.66 -8.74 15.38
C SER A 99 -5.24 -9.79 16.34
N GLY A 100 -6.55 -9.94 16.30
CA GLY A 100 -7.22 -10.89 17.16
C GLY A 100 -8.49 -10.28 17.78
N GLY A 1 5.90 26.93 2.95
CA GLY A 1 5.52 25.58 2.58
C GLY A 1 6.34 24.53 3.35
N SER A 2 7.64 24.58 3.12
CA SER A 2 8.54 23.65 3.79
C SER A 2 8.16 23.51 5.26
N SER A 3 8.24 22.29 5.75
CA SER A 3 7.91 22.02 7.15
C SER A 3 8.97 22.61 8.06
N GLY A 4 8.69 22.56 9.35
CA GLY A 4 9.61 23.09 10.35
C GLY A 4 10.33 21.97 11.09
N SER A 5 10.02 21.83 12.37
CA SER A 5 10.63 20.81 13.18
C SER A 5 9.55 20.00 13.91
N SER A 6 9.23 18.85 13.33
CA SER A 6 8.22 17.98 13.91
C SER A 6 8.29 16.60 13.26
N GLY A 7 7.80 15.61 13.99
CA GLY A 7 7.79 14.25 13.49
C GLY A 7 6.40 13.85 12.98
N SER A 8 6.37 13.39 11.74
CA SER A 8 5.12 12.98 11.13
C SER A 8 5.25 11.55 10.58
N ASP A 9 4.10 10.94 10.34
CA ASP A 9 4.07 9.59 9.82
C ASP A 9 4.97 9.51 8.58
N ILE A 10 6.11 8.83 8.75
CA ILE A 10 7.05 8.68 7.67
C ILE A 10 6.43 7.80 6.58
N ILE A 11 6.97 7.93 5.37
CA ILE A 11 6.48 7.14 4.25
C ILE A 11 7.35 5.89 4.10
N HIS A 12 6.73 4.83 3.59
CA HIS A 12 7.43 3.58 3.39
C HIS A 12 7.53 3.29 1.88
N SER A 13 8.71 2.83 1.49
CA SER A 13 8.96 2.51 0.09
C SER A 13 8.93 1.00 -0.11
N VAL A 14 8.13 0.57 -1.09
CA VAL A 14 8.01 -0.84 -1.40
C VAL A 14 7.80 -1.02 -2.90
N ARG A 15 8.30 -2.14 -3.40
CA ARG A 15 8.19 -2.45 -4.82
C ARG A 15 7.59 -3.84 -5.02
N VAL A 16 6.31 -3.86 -5.37
CA VAL A 16 5.61 -5.11 -5.59
C VAL A 16 5.63 -5.45 -7.08
N GLU A 17 6.03 -6.67 -7.38
CA GLU A 17 6.09 -7.12 -8.76
C GLU A 17 4.80 -7.84 -9.15
N LYS A 18 4.44 -7.69 -10.42
CA LYS A 18 3.22 -8.32 -10.92
C LYS A 18 3.50 -9.80 -11.20
N SER A 19 2.41 -10.55 -11.27
CA SER A 19 2.52 -11.99 -11.52
C SER A 19 1.27 -12.49 -12.23
N PRO A 20 1.46 -13.51 -13.10
CA PRO A 20 0.36 -14.09 -13.85
C PRO A 20 -0.52 -14.96 -12.96
N ALA A 21 -1.22 -14.31 -12.05
CA ALA A 21 -2.10 -15.02 -11.13
C ALA A 21 -3.48 -14.36 -11.14
N GLY A 22 -3.50 -13.10 -10.75
CA GLY A 22 -4.74 -12.35 -10.71
C GLY A 22 -4.79 -11.41 -9.50
N ARG A 23 -4.83 -12.01 -8.33
CA ARG A 23 -4.86 -11.24 -7.10
C ARG A 23 -3.44 -10.85 -6.67
N LEU A 24 -3.24 -9.55 -6.56
CA LEU A 24 -1.94 -9.03 -6.16
C LEU A 24 -1.40 -9.85 -5.00
N GLY A 25 -0.09 -9.79 -4.85
CA GLY A 25 0.58 -10.53 -3.78
C GLY A 25 0.01 -10.13 -2.41
N PHE A 26 -0.68 -9.01 -2.40
CA PHE A 26 -1.28 -8.52 -1.17
C PHE A 26 -2.79 -8.32 -1.33
N SER A 27 -3.48 -8.35 -0.20
CA SER A 27 -4.92 -8.18 -0.20
C SER A 27 -5.29 -6.85 0.46
N VAL A 28 -6.15 -6.11 -0.22
CA VAL A 28 -6.59 -4.82 0.29
C VAL A 28 -8.05 -4.92 0.74
N ARG A 29 -8.41 -4.03 1.64
CA ARG A 29 -9.77 -4.02 2.17
C ARG A 29 -10.37 -2.61 2.03
N GLY A 30 -11.70 -2.58 2.02
CA GLY A 30 -12.41 -1.31 1.90
C GLY A 30 -13.40 -1.35 0.73
N GLY A 31 -12.92 -0.92 -0.43
CA GLY A 31 -13.75 -0.91 -1.61
C GLY A 31 -14.42 0.46 -1.80
N SER A 32 -15.22 0.55 -2.85
CA SER A 32 -15.94 1.79 -3.14
C SER A 32 -16.61 2.31 -1.87
N GLU A 33 -17.19 3.50 -1.99
CA GLU A 33 -17.86 4.12 -0.88
C GLU A 33 -16.88 4.41 0.26
N HIS A 34 -17.27 5.33 1.12
CA HIS A 34 -16.43 5.71 2.24
C HIS A 34 -15.06 6.19 1.74
N GLY A 35 -14.84 7.48 1.86
CA GLY A 35 -13.59 8.08 1.42
C GLY A 35 -12.44 7.68 2.34
N LEU A 36 -12.02 6.43 2.22
CA LEU A 36 -10.94 5.92 3.04
C LEU A 36 -9.73 5.62 2.14
N GLY A 37 -10.01 4.97 1.01
CA GLY A 37 -8.96 4.63 0.07
C GLY A 37 -8.74 3.11 0.03
N ILE A 38 -7.47 2.73 0.05
CA ILE A 38 -7.12 1.32 0.00
C ILE A 38 -6.24 0.98 1.20
N PHE A 39 -6.62 -0.08 1.90
CA PHE A 39 -5.88 -0.51 3.08
C PHE A 39 -5.53 -2.00 2.98
N VAL A 40 -4.33 -2.31 3.43
CA VAL A 40 -3.85 -3.68 3.40
C VAL A 40 -4.46 -4.45 4.58
N SER A 41 -4.78 -5.72 4.31
CA SER A 41 -5.37 -6.57 5.33
C SER A 41 -4.56 -7.86 5.46
N LYS A 42 -4.30 -8.47 4.32
CA LYS A 42 -3.54 -9.71 4.28
C LYS A 42 -2.46 -9.62 3.20
N VAL A 43 -1.53 -10.56 3.26
CA VAL A 43 -0.44 -10.59 2.30
C VAL A 43 -0.09 -12.05 1.99
N GLU A 44 -0.38 -12.45 0.76
CA GLU A 44 -0.10 -13.81 0.34
C GLU A 44 1.26 -14.27 0.88
N GLU A 45 1.32 -15.55 1.21
CA GLU A 45 2.56 -16.12 1.74
C GLU A 45 3.61 -16.22 0.64
N GLY A 46 4.86 -16.02 1.03
CA GLY A 46 5.96 -16.08 0.10
C GLY A 46 5.62 -15.33 -1.20
N SER A 47 4.98 -14.20 -1.04
CA SER A 47 4.58 -13.39 -2.18
C SER A 47 5.59 -12.25 -2.37
N SER A 48 5.55 -11.68 -3.57
CA SER A 48 6.45 -10.57 -3.90
C SER A 48 6.25 -9.43 -2.91
N ALA A 49 5.02 -9.29 -2.45
CA ALA A 49 4.69 -8.24 -1.50
C ALA A 49 5.49 -8.43 -0.22
N GLU A 50 5.24 -9.54 0.45
CA GLU A 50 5.94 -9.86 1.68
C GLU A 50 7.43 -9.55 1.54
N ARG A 51 7.94 -9.81 0.34
CA ARG A 51 9.34 -9.57 0.06
C ARG A 51 9.58 -8.09 -0.24
N ALA A 52 8.59 -7.49 -0.90
CA ALA A 52 8.68 -6.09 -1.26
C ALA A 52 8.70 -5.23 0.02
N GLY A 53 8.21 -5.83 1.09
CA GLY A 53 8.17 -5.15 2.37
C GLY A 53 6.72 -4.93 2.83
N LEU A 54 5.80 -5.25 1.93
CA LEU A 54 4.39 -5.09 2.24
C LEU A 54 3.96 -6.14 3.25
N CYS A 55 3.33 -5.68 4.31
CA CYS A 55 2.87 -6.57 5.37
C CYS A 55 1.45 -6.16 5.76
N VAL A 56 0.95 -6.81 6.80
CA VAL A 56 -0.39 -6.53 7.27
C VAL A 56 -0.35 -5.37 8.27
N GLY A 57 -1.32 -4.49 8.17
CA GLY A 57 -1.40 -3.34 9.05
C GLY A 57 -0.82 -2.09 8.37
N ASP A 58 -1.01 -2.01 7.07
CA ASP A 58 -0.50 -0.89 6.31
C ASP A 58 -1.64 -0.31 5.45
N LYS A 59 -1.55 0.98 5.18
CA LYS A 59 -2.55 1.65 4.37
C LYS A 59 -1.86 2.39 3.22
N ILE A 60 -2.09 1.89 2.02
CA ILE A 60 -1.49 2.49 0.83
C ILE A 60 -2.18 3.82 0.54
N THR A 61 -1.42 4.89 0.74
CA THR A 61 -1.94 6.23 0.50
C THR A 61 -1.70 6.65 -0.95
N GLU A 62 -0.68 6.03 -1.56
CA GLU A 62 -0.33 6.34 -2.93
C GLU A 62 0.44 5.17 -3.55
N VAL A 63 0.37 5.08 -4.87
CA VAL A 63 1.05 4.03 -5.59
C VAL A 63 1.27 4.47 -7.05
N ASN A 64 2.44 4.13 -7.56
CA ASN A 64 2.78 4.47 -8.93
C ASN A 64 2.67 5.99 -9.11
N GLY A 65 2.69 6.69 -7.98
CA GLY A 65 2.59 8.14 -8.00
C GLY A 65 1.14 8.59 -7.83
N LEU A 66 0.24 7.82 -8.42
CA LEU A 66 -1.17 8.13 -8.35
C LEU A 66 -1.64 8.01 -6.90
N SER A 67 -2.22 9.09 -6.40
CA SER A 67 -2.71 9.12 -5.04
C SER A 67 -4.04 8.37 -4.94
N LEU A 68 -4.13 7.52 -3.94
CA LEU A 68 -5.34 6.74 -3.73
C LEU A 68 -6.00 7.17 -2.42
N GLU A 69 -5.84 8.45 -2.11
CA GLU A 69 -6.41 9.01 -0.90
C GLU A 69 -7.92 9.24 -1.08
N SER A 70 -8.34 9.16 -2.33
CA SER A 70 -9.75 9.36 -2.66
C SER A 70 -10.11 8.57 -3.91
N THR A 71 -9.41 7.45 -4.10
CA THR A 71 -9.66 6.60 -5.25
C THR A 71 -10.41 5.34 -4.83
N THR A 72 -11.03 4.70 -5.81
CA THR A 72 -11.78 3.48 -5.56
C THR A 72 -10.84 2.29 -5.45
N MET A 73 -11.42 1.10 -5.52
CA MET A 73 -10.64 -0.12 -5.42
C MET A 73 -10.36 -0.70 -6.81
N GLY A 74 -11.42 -0.85 -7.58
CA GLY A 74 -11.30 -1.38 -8.92
C GLY A 74 -10.15 -0.72 -9.67
N SER A 75 -10.27 0.58 -9.84
CA SER A 75 -9.24 1.35 -10.54
C SER A 75 -7.86 1.01 -9.97
N ALA A 76 -7.73 1.19 -8.67
CA ALA A 76 -6.47 0.91 -8.00
C ALA A 76 -6.01 -0.49 -8.37
N VAL A 77 -6.91 -1.45 -8.19
CA VAL A 77 -6.61 -2.84 -8.49
C VAL A 77 -5.96 -2.92 -9.88
N LYS A 78 -6.69 -2.42 -10.87
CA LYS A 78 -6.22 -2.44 -12.24
C LYS A 78 -4.74 -2.04 -12.26
N VAL A 79 -4.50 -0.77 -11.95
CA VAL A 79 -3.14 -0.26 -11.93
C VAL A 79 -2.27 -1.15 -11.05
N LEU A 80 -2.86 -1.61 -9.95
CA LEU A 80 -2.16 -2.47 -9.02
C LEU A 80 -1.77 -3.77 -9.73
N THR A 81 -2.57 -4.11 -10.74
CA THR A 81 -2.33 -5.33 -11.50
C THR A 81 -1.85 -4.98 -12.91
N SER A 82 -1.62 -3.70 -13.13
CA SER A 82 -1.16 -3.22 -14.42
C SER A 82 0.15 -2.44 -14.25
N SER A 83 1.23 -3.19 -14.09
CA SER A 83 2.54 -2.59 -13.93
C SER A 83 3.59 -3.68 -13.66
N SER A 84 4.82 -3.37 -14.01
CA SER A 84 5.92 -4.30 -13.82
C SER A 84 6.71 -3.93 -12.56
N ARG A 85 6.42 -2.74 -12.06
CA ARG A 85 7.10 -2.25 -10.86
C ARG A 85 6.24 -1.20 -10.16
N LEU A 86 5.42 -1.67 -9.24
CA LEU A 86 4.55 -0.78 -8.49
C LEU A 86 5.32 -0.18 -7.31
N HIS A 87 5.01 1.07 -7.01
CA HIS A 87 5.65 1.77 -5.91
C HIS A 87 4.60 2.32 -4.95
N MET A 88 4.25 1.51 -3.98
CA MET A 88 3.25 1.91 -3.00
C MET A 88 3.91 2.56 -1.78
N MET A 89 3.24 3.59 -1.26
CA MET A 89 3.75 4.30 -0.11
C MET A 89 2.69 4.42 0.98
N VAL A 90 3.00 3.88 2.14
CA VAL A 90 2.08 3.92 3.26
C VAL A 90 2.54 4.99 4.25
N ARG A 91 1.65 5.32 5.17
CA ARG A 91 1.94 6.33 6.18
C ARG A 91 1.84 5.73 7.57
N ARG A 92 3.01 5.43 8.15
CA ARG A 92 3.06 4.86 9.47
C ARG A 92 3.56 5.89 10.48
N MET A 93 3.01 5.82 11.69
CA MET A 93 3.39 6.74 12.75
C MET A 93 4.84 6.51 13.17
N GLY A 94 5.39 7.50 13.86
CA GLY A 94 6.76 7.43 14.32
C GLY A 94 7.01 6.12 15.07
N SER A 95 6.82 6.17 16.38
CA SER A 95 7.01 4.99 17.21
C SER A 95 6.01 3.91 16.84
N GLY A 96 4.74 4.24 17.00
CA GLY A 96 3.67 3.30 16.67
C GLY A 96 3.55 2.23 17.76
N PRO A 97 2.43 2.32 18.53
CA PRO A 97 2.18 1.36 19.60
C PRO A 97 1.72 0.02 19.03
N SER A 98 1.54 -0.93 19.94
CA SER A 98 1.10 -2.25 19.55
C SER A 98 2.19 -2.94 18.72
N SER A 99 2.95 -3.79 19.39
CA SER A 99 4.03 -4.51 18.74
C SER A 99 3.46 -5.62 17.87
N GLY A 100 4.19 -5.95 16.81
CA GLY A 100 3.77 -6.99 15.89
C GLY A 100 4.96 -7.83 15.43
N GLY A 1 11.67 25.10 3.69
CA GLY A 1 11.65 25.10 5.15
C GLY A 1 10.46 24.31 5.69
N SER A 2 9.98 24.73 6.84
CA SER A 2 8.84 24.07 7.48
C SER A 2 9.13 22.57 7.63
N SER A 3 9.45 22.19 8.86
CA SER A 3 9.74 20.80 9.15
C SER A 3 8.70 20.23 10.12
N GLY A 4 8.64 20.84 11.29
CA GLY A 4 7.69 20.42 12.31
C GLY A 4 8.27 19.26 13.14
N SER A 5 8.38 19.51 14.43
CA SER A 5 8.91 18.49 15.34
C SER A 5 7.82 18.05 16.32
N SER A 6 6.88 17.28 15.81
CA SER A 6 5.78 16.79 16.62
C SER A 6 5.63 15.28 16.44
N GLY A 7 5.50 14.88 15.18
CA GLY A 7 5.35 13.47 14.85
C GLY A 7 4.28 13.26 13.78
N SER A 8 4.72 12.69 12.67
CA SER A 8 3.81 12.44 11.56
C SER A 8 4.08 11.05 10.98
N ASP A 9 3.03 10.46 10.43
CA ASP A 9 3.14 9.13 9.84
C ASP A 9 4.18 9.17 8.72
N ILE A 10 5.28 8.46 8.96
CA ILE A 10 6.36 8.39 7.99
C ILE A 10 5.90 7.61 6.77
N ILE A 11 6.57 7.85 5.65
CA ILE A 11 6.23 7.17 4.41
C ILE A 11 7.14 5.95 4.24
N HIS A 12 6.54 4.87 3.76
CA HIS A 12 7.29 3.63 3.54
C HIS A 12 7.40 3.36 2.04
N SER A 13 8.52 2.76 1.66
CA SER A 13 8.77 2.43 0.26
C SER A 13 8.64 0.93 0.05
N VAL A 14 7.91 0.56 -1.00
CA VAL A 14 7.70 -0.83 -1.33
C VAL A 14 7.67 -1.00 -2.85
N ARG A 15 8.10 -2.17 -3.30
CA ARG A 15 8.12 -2.46 -4.71
C ARG A 15 7.48 -3.83 -4.99
N VAL A 16 6.24 -3.79 -5.45
CA VAL A 16 5.51 -5.01 -5.75
C VAL A 16 5.60 -5.29 -7.26
N GLU A 17 5.79 -6.56 -7.58
CA GLU A 17 5.88 -6.97 -8.97
C GLU A 17 4.71 -7.88 -9.33
N LYS A 18 4.36 -7.87 -10.61
CA LYS A 18 3.26 -8.67 -11.11
C LYS A 18 3.71 -10.14 -11.21
N SER A 19 2.74 -11.03 -11.13
CA SER A 19 3.02 -12.45 -11.21
C SER A 19 1.85 -13.17 -11.88
N PRO A 20 2.19 -14.30 -12.56
CA PRO A 20 1.19 -15.09 -13.25
C PRO A 20 0.34 -15.90 -12.27
N ALA A 21 -0.32 -15.18 -11.38
CA ALA A 21 -1.17 -15.81 -10.37
C ALA A 21 -2.61 -15.31 -10.52
N GLY A 22 -2.74 -13.98 -10.45
CA GLY A 22 -4.05 -13.37 -10.58
C GLY A 22 -4.20 -12.19 -9.60
N ARG A 23 -4.53 -12.53 -8.36
CA ARG A 23 -4.70 -11.53 -7.33
C ARG A 23 -3.34 -11.01 -6.86
N LEU A 24 -3.30 -9.71 -6.61
CA LEU A 24 -2.07 -9.07 -6.16
C LEU A 24 -1.43 -9.92 -5.06
N GLY A 25 -0.13 -9.76 -4.91
CA GLY A 25 0.61 -10.50 -3.91
C GLY A 25 0.11 -10.18 -2.49
N PHE A 26 -0.69 -9.13 -2.42
CA PHE A 26 -1.24 -8.69 -1.15
C PHE A 26 -2.77 -8.56 -1.23
N SER A 27 -3.39 -8.59 -0.06
CA SER A 27 -4.84 -8.47 0.02
C SER A 27 -5.22 -7.11 0.59
N VAL A 28 -6.04 -6.39 -0.17
CA VAL A 28 -6.48 -5.08 0.26
C VAL A 28 -7.96 -5.15 0.66
N ARG A 29 -8.32 -4.33 1.63
CA ARG A 29 -9.68 -4.30 2.12
C ARG A 29 -10.32 -2.94 1.80
N GLY A 30 -11.65 -2.92 1.85
CA GLY A 30 -12.39 -1.70 1.58
C GLY A 30 -11.67 -0.48 2.17
N GLY A 31 -11.66 0.60 1.38
CA GLY A 31 -11.02 1.82 1.82
C GLY A 31 -11.29 2.96 0.82
N SER A 32 -12.53 3.40 0.78
CA SER A 32 -12.93 4.47 -0.11
C SER A 32 -14.43 4.71 0.00
N GLU A 33 -14.78 5.74 0.75
CA GLU A 33 -16.18 6.10 0.95
C GLU A 33 -16.30 7.29 1.90
N HIS A 34 -16.00 7.03 3.16
CA HIS A 34 -16.07 8.08 4.17
C HIS A 34 -15.06 9.17 3.85
N GLY A 35 -13.81 8.77 3.73
CA GLY A 35 -12.74 9.70 3.43
C GLY A 35 -11.37 9.12 3.79
N LEU A 36 -10.98 8.09 3.06
CA LEU A 36 -9.72 7.43 3.31
C LEU A 36 -9.22 6.79 2.01
N GLY A 37 -8.05 6.17 2.10
CA GLY A 37 -7.46 5.53 0.93
C GLY A 37 -7.58 4.01 1.03
N ILE A 38 -6.70 3.33 0.31
CA ILE A 38 -6.70 1.87 0.31
C ILE A 38 -6.00 1.37 1.57
N PHE A 39 -6.37 0.16 1.96
CA PHE A 39 -5.79 -0.45 3.15
C PHE A 39 -5.44 -1.92 2.89
N VAL A 40 -4.42 -2.38 3.60
CA VAL A 40 -3.97 -3.76 3.46
C VAL A 40 -4.49 -4.58 4.63
N SER A 41 -5.08 -5.72 4.31
CA SER A 41 -5.63 -6.60 5.32
C SER A 41 -4.74 -7.84 5.46
N LYS A 42 -4.49 -8.49 4.34
CA LYS A 42 -3.67 -9.68 4.33
C LYS A 42 -2.53 -9.51 3.31
N VAL A 43 -1.57 -10.41 3.39
CA VAL A 43 -0.43 -10.36 2.49
C VAL A 43 0.01 -11.79 2.15
N GLU A 44 -0.24 -12.17 0.91
CA GLU A 44 0.11 -13.50 0.44
C GLU A 44 1.58 -13.81 0.78
N GLU A 45 1.78 -14.95 1.42
CA GLU A 45 3.12 -15.37 1.79
C GLU A 45 3.92 -15.77 0.56
N GLY A 46 5.23 -15.84 0.74
CA GLY A 46 6.12 -16.20 -0.34
C GLY A 46 5.74 -15.47 -1.63
N SER A 47 5.15 -14.30 -1.45
CA SER A 47 4.73 -13.50 -2.59
C SER A 47 5.72 -12.34 -2.80
N SER A 48 5.42 -11.54 -3.81
CA SER A 48 6.27 -10.40 -4.13
C SER A 48 5.98 -9.26 -3.15
N ALA A 49 4.77 -9.27 -2.60
CA ALA A 49 4.37 -8.25 -1.66
C ALA A 49 5.17 -8.41 -0.36
N GLU A 50 4.88 -9.49 0.35
CA GLU A 50 5.56 -9.77 1.59
C GLU A 50 7.07 -9.53 1.44
N ARG A 51 7.54 -9.70 0.22
CA ARG A 51 8.95 -9.51 -0.08
C ARG A 51 9.23 -8.04 -0.42
N ALA A 52 8.27 -7.44 -1.10
CA ALA A 52 8.39 -6.04 -1.49
C ALA A 52 8.45 -5.17 -0.24
N GLY A 53 7.95 -5.71 0.84
CA GLY A 53 7.94 -4.99 2.11
C GLY A 53 6.51 -4.79 2.61
N LEU A 54 5.56 -5.10 1.74
CA LEU A 54 4.16 -4.97 2.10
C LEU A 54 3.77 -6.05 3.09
N CYS A 55 3.13 -5.62 4.17
CA CYS A 55 2.71 -6.55 5.21
C CYS A 55 1.30 -6.15 5.65
N VAL A 56 0.83 -6.82 6.70
CA VAL A 56 -0.49 -6.54 7.24
C VAL A 56 -0.43 -5.32 8.15
N GLY A 57 -1.47 -4.52 8.08
CA GLY A 57 -1.55 -3.32 8.90
C GLY A 57 -0.90 -2.13 8.19
N ASP A 58 -1.10 -2.09 6.89
CA ASP A 58 -0.53 -1.01 6.08
C ASP A 58 -1.67 -0.27 5.36
N LYS A 59 -1.41 0.99 5.05
CA LYS A 59 -2.40 1.80 4.37
C LYS A 59 -1.75 2.47 3.15
N ILE A 60 -2.14 1.97 1.98
CA ILE A 60 -1.60 2.50 0.74
C ILE A 60 -2.22 3.87 0.47
N THR A 61 -1.35 4.88 0.45
CA THR A 61 -1.79 6.24 0.21
C THR A 61 -1.52 6.65 -1.24
N GLU A 62 -0.44 6.07 -1.77
CA GLU A 62 -0.05 6.37 -3.14
C GLU A 62 0.51 5.11 -3.81
N VAL A 63 0.39 5.07 -5.13
CA VAL A 63 0.89 3.94 -5.89
C VAL A 63 1.26 4.41 -7.30
N ASN A 64 2.52 4.16 -7.65
CA ASN A 64 3.02 4.54 -8.96
C ASN A 64 3.00 6.07 -9.08
N GLY A 65 2.94 6.71 -7.92
CA GLY A 65 2.93 8.17 -7.88
C GLY A 65 1.50 8.69 -7.70
N LEU A 66 0.55 7.97 -8.31
CA LEU A 66 -0.85 8.35 -8.22
C LEU A 66 -1.33 8.19 -6.77
N SER A 67 -1.97 9.23 -6.27
CA SER A 67 -2.49 9.22 -4.91
C SER A 67 -3.86 8.55 -4.89
N LEU A 68 -4.01 7.62 -3.95
CA LEU A 68 -5.26 6.90 -3.80
C LEU A 68 -5.91 7.27 -2.46
N GLU A 69 -5.90 8.56 -2.18
CA GLU A 69 -6.48 9.05 -0.94
C GLU A 69 -7.99 9.20 -1.07
N SER A 70 -8.48 8.84 -2.24
CA SER A 70 -9.91 8.92 -2.52
C SER A 70 -10.21 8.42 -3.93
N THR A 71 -9.99 7.13 -4.13
CA THR A 71 -10.23 6.52 -5.43
C THR A 71 -10.85 5.12 -5.25
N THR A 72 -11.59 4.71 -6.27
CA THR A 72 -12.23 3.41 -6.24
C THR A 72 -11.19 2.30 -6.10
N MET A 73 -11.53 1.31 -5.30
CA MET A 73 -10.65 0.18 -5.07
C MET A 73 -10.21 -0.45 -6.39
N GLY A 74 -11.20 -0.86 -7.17
CA GLY A 74 -10.93 -1.49 -8.46
C GLY A 74 -9.76 -0.80 -9.17
N SER A 75 -9.98 0.45 -9.51
CA SER A 75 -8.96 1.24 -10.20
C SER A 75 -7.59 0.93 -9.59
N ALA A 76 -7.43 1.27 -8.32
CA ALA A 76 -6.18 1.03 -7.63
C ALA A 76 -5.65 -0.35 -7.99
N VAL A 77 -6.54 -1.34 -7.86
CA VAL A 77 -6.18 -2.71 -8.17
C VAL A 77 -5.77 -2.81 -9.64
N LYS A 78 -6.70 -2.40 -10.51
CA LYS A 78 -6.46 -2.44 -11.94
C LYS A 78 -5.01 -2.01 -12.22
N VAL A 79 -4.50 -1.16 -11.35
CA VAL A 79 -3.14 -0.67 -11.49
C VAL A 79 -2.19 -1.60 -10.73
N LEU A 80 -2.59 -1.94 -9.51
CA LEU A 80 -1.78 -2.82 -8.69
C LEU A 80 -1.58 -4.15 -9.40
N THR A 81 -2.41 -4.38 -10.41
CA THR A 81 -2.32 -5.60 -11.19
C THR A 81 -1.75 -5.31 -12.58
N SER A 82 -1.35 -4.06 -12.78
CA SER A 82 -0.78 -3.65 -14.05
C SER A 82 0.55 -2.93 -13.82
N SER A 83 1.61 -3.72 -13.73
CA SER A 83 2.94 -3.18 -13.52
C SER A 83 3.86 -4.26 -12.96
N SER A 84 5.09 -4.27 -13.48
CA SER A 84 6.08 -5.25 -13.04
C SER A 84 6.86 -4.70 -11.85
N ARG A 85 6.54 -3.46 -11.48
CA ARG A 85 7.20 -2.81 -10.37
C ARG A 85 6.39 -1.61 -9.89
N LEU A 86 5.48 -1.88 -8.98
CA LEU A 86 4.63 -0.82 -8.43
C LEU A 86 5.36 -0.13 -7.29
N HIS A 87 5.12 1.17 -7.18
CA HIS A 87 5.75 1.97 -6.14
C HIS A 87 4.67 2.57 -5.24
N MET A 88 4.32 1.83 -4.20
CA MET A 88 3.32 2.28 -3.26
C MET A 88 3.97 2.84 -1.99
N MET A 89 3.28 3.80 -1.40
CA MET A 89 3.78 4.43 -0.18
C MET A 89 2.69 4.45 0.90
N VAL A 90 3.00 3.79 2.02
CA VAL A 90 2.07 3.73 3.13
C VAL A 90 2.51 4.71 4.21
N ARG A 91 1.54 5.17 4.99
CA ARG A 91 1.81 6.11 6.06
C ARG A 91 1.59 5.44 7.42
N ARG A 92 2.69 5.25 8.13
CA ARG A 92 2.64 4.62 9.44
C ARG A 92 3.65 5.28 10.39
N MET A 93 3.17 5.63 11.57
CA MET A 93 4.00 6.26 12.57
C MET A 93 5.02 5.27 13.14
N GLY A 94 5.91 5.80 13.97
CA GLY A 94 6.93 4.99 14.59
C GLY A 94 7.30 5.52 15.98
N SER A 95 6.91 4.76 16.99
CA SER A 95 7.19 5.13 18.36
C SER A 95 7.82 3.96 19.11
N GLY A 96 8.32 4.25 20.30
CA GLY A 96 8.94 3.24 21.13
C GLY A 96 10.37 2.95 20.66
N PRO A 97 11.20 2.43 21.61
CA PRO A 97 12.58 2.11 21.30
C PRO A 97 12.67 0.83 20.46
N SER A 98 13.86 0.58 19.95
CA SER A 98 14.09 -0.61 19.14
C SER A 98 15.31 -1.37 19.66
N SER A 99 16.44 -0.68 19.69
CA SER A 99 17.67 -1.27 20.17
C SER A 99 18.04 -2.48 19.31
N GLY A 100 19.15 -2.36 18.60
CA GLY A 100 19.60 -3.43 17.73
C GLY A 100 21.14 -3.50 17.70
N GLY A 1 15.86 20.91 -1.56
CA GLY A 1 15.23 20.38 -0.36
C GLY A 1 13.70 20.49 -0.45
N SER A 2 13.06 19.34 -0.50
CA SER A 2 11.61 19.28 -0.59
C SER A 2 11.10 17.90 -0.18
N SER A 3 9.97 17.90 0.52
CA SER A 3 9.39 16.66 0.97
C SER A 3 10.19 16.08 2.13
N GLY A 4 11.47 15.83 1.85
CA GLY A 4 12.35 15.28 2.86
C GLY A 4 12.24 16.06 4.17
N SER A 5 11.58 15.43 5.14
CA SER A 5 11.41 16.04 6.44
C SER A 5 11.54 15.00 7.54
N SER A 6 11.78 15.48 8.76
CA SER A 6 11.94 14.59 9.90
C SER A 6 10.79 14.80 10.88
N GLY A 7 10.54 13.78 11.69
CA GLY A 7 9.47 13.84 12.67
C GLY A 7 8.12 13.48 12.03
N SER A 8 7.16 13.19 12.89
CA SER A 8 5.83 12.83 12.43
C SER A 8 5.89 11.55 11.60
N ASP A 9 4.72 11.01 11.32
CA ASP A 9 4.63 9.79 10.53
C ASP A 9 5.63 9.85 9.39
N ILE A 10 6.02 8.67 8.92
CA ILE A 10 6.98 8.57 7.83
C ILE A 10 6.41 7.68 6.73
N ILE A 11 6.92 7.88 5.52
CA ILE A 11 6.47 7.09 4.38
C ILE A 11 7.39 5.88 4.23
N HIS A 12 6.82 4.82 3.66
CA HIS A 12 7.57 3.59 3.43
C HIS A 12 7.64 3.30 1.93
N SER A 13 8.83 2.92 1.49
CA SER A 13 9.04 2.60 0.09
C SER A 13 9.01 1.09 -0.12
N VAL A 14 8.19 0.67 -1.08
CA VAL A 14 8.06 -0.74 -1.39
C VAL A 14 7.84 -0.91 -2.90
N ARG A 15 8.29 -2.05 -3.40
CA ARG A 15 8.14 -2.34 -4.82
C ARG A 15 7.63 -3.77 -5.01
N VAL A 16 6.36 -3.87 -5.38
CA VAL A 16 5.74 -5.16 -5.60
C VAL A 16 5.72 -5.46 -7.10
N GLU A 17 6.28 -6.61 -7.45
CA GLU A 17 6.34 -7.02 -8.84
C GLU A 17 5.07 -7.80 -9.21
N LYS A 18 4.72 -7.72 -10.48
CA LYS A 18 3.54 -8.40 -10.99
C LYS A 18 3.87 -9.86 -11.25
N SER A 19 3.00 -10.73 -10.74
CA SER A 19 3.20 -12.16 -10.92
C SER A 19 2.00 -12.76 -11.66
N PRO A 20 2.32 -13.66 -12.63
CA PRO A 20 1.28 -14.31 -13.41
C PRO A 20 0.57 -15.39 -12.59
N ALA A 21 -0.39 -14.95 -11.80
CA ALA A 21 -1.15 -15.86 -10.96
C ALA A 21 -2.61 -15.37 -10.88
N GLY A 22 -2.76 -14.18 -10.35
CA GLY A 22 -4.08 -13.58 -10.21
C GLY A 22 -4.18 -12.77 -8.92
N ARG A 23 -4.72 -11.57 -9.06
CA ARG A 23 -4.89 -10.68 -7.93
C ARG A 23 -3.52 -10.34 -7.32
N LEU A 24 -3.41 -9.12 -6.83
CA LEU A 24 -2.17 -8.65 -6.22
C LEU A 24 -1.72 -9.67 -5.18
N GLY A 25 -0.42 -9.63 -4.89
CA GLY A 25 0.15 -10.55 -3.91
C GLY A 25 -0.38 -10.25 -2.51
N PHE A 26 -1.10 -9.14 -2.41
CA PHE A 26 -1.66 -8.73 -1.13
C PHE A 26 -3.16 -8.45 -1.26
N SER A 27 -3.85 -8.57 -0.13
CA SER A 27 -5.29 -8.33 -0.11
C SER A 27 -5.57 -6.98 0.53
N VAL A 28 -6.33 -6.16 -0.20
CA VAL A 28 -6.68 -4.83 0.27
C VAL A 28 -8.17 -4.82 0.62
N ARG A 29 -8.50 -3.97 1.60
CA ARG A 29 -9.87 -3.84 2.04
C ARG A 29 -10.38 -2.42 1.79
N GLY A 30 -11.71 -2.31 1.70
CA GLY A 30 -12.33 -1.03 1.45
C GLY A 30 -12.80 -0.90 0.00
N GLY A 31 -12.89 0.33 -0.46
CA GLY A 31 -13.33 0.60 -1.82
C GLY A 31 -14.64 1.38 -1.84
N SER A 32 -15.70 0.71 -1.39
CA SER A 32 -17.01 1.34 -1.35
C SER A 32 -17.29 1.88 0.06
N GLU A 33 -17.58 0.96 0.96
CA GLU A 33 -17.88 1.33 2.33
C GLU A 33 -16.82 2.29 2.86
N HIS A 34 -17.25 3.51 3.12
CA HIS A 34 -16.34 4.53 3.63
C HIS A 34 -15.22 4.77 2.62
N GLY A 35 -15.29 5.91 1.96
CA GLY A 35 -14.28 6.27 0.97
C GLY A 35 -12.88 5.86 1.44
N LEU A 36 -12.24 6.79 2.14
CA LEU A 36 -10.90 6.55 2.65
C LEU A 36 -10.01 6.04 1.52
N GLY A 37 -8.80 5.67 1.88
CA GLY A 37 -7.83 5.17 0.92
C GLY A 37 -7.83 3.63 0.88
N ILE A 38 -6.75 3.09 0.35
CA ILE A 38 -6.61 1.65 0.25
C ILE A 38 -5.82 1.14 1.46
N PHE A 39 -6.38 0.14 2.12
CA PHE A 39 -5.72 -0.44 3.29
C PHE A 39 -5.46 -1.93 3.07
N VAL A 40 -4.30 -2.37 3.57
CA VAL A 40 -3.92 -3.77 3.44
C VAL A 40 -4.62 -4.58 4.52
N SER A 41 -4.94 -5.82 4.17
CA SER A 41 -5.61 -6.71 5.10
C SER A 41 -4.80 -8.01 5.26
N LYS A 42 -4.41 -8.56 4.11
CA LYS A 42 -3.65 -9.78 4.10
C LYS A 42 -2.56 -9.70 3.04
N VAL A 43 -1.52 -10.49 3.23
CA VAL A 43 -0.41 -10.51 2.29
C VAL A 43 0.04 -11.96 2.06
N GLU A 44 -0.28 -12.46 0.87
CA GLU A 44 0.07 -13.82 0.50
C GLU A 44 1.46 -14.17 1.06
N GLU A 45 1.60 -15.43 1.44
CA GLU A 45 2.86 -15.91 1.99
C GLU A 45 3.88 -16.13 0.86
N GLY A 46 5.13 -15.91 1.19
CA GLY A 46 6.20 -16.09 0.22
C GLY A 46 5.89 -15.36 -1.09
N SER A 47 5.11 -14.30 -0.95
CA SER A 47 4.73 -13.51 -2.11
C SER A 47 5.74 -12.39 -2.35
N SER A 48 5.49 -11.61 -3.39
CA SER A 48 6.37 -10.51 -3.73
C SER A 48 6.15 -9.34 -2.76
N ALA A 49 4.93 -9.24 -2.29
CA ALA A 49 4.57 -8.16 -1.37
C ALA A 49 5.40 -8.32 -0.08
N GLU A 50 5.13 -9.42 0.62
CA GLU A 50 5.84 -9.69 1.86
C GLU A 50 7.34 -9.45 1.69
N ARG A 51 7.79 -9.62 0.45
CA ARG A 51 9.20 -9.42 0.14
C ARG A 51 9.46 -7.94 -0.19
N ALA A 52 8.49 -7.33 -0.85
CA ALA A 52 8.61 -5.93 -1.22
C ALA A 52 8.68 -5.08 0.04
N GLY A 53 8.16 -5.63 1.13
CA GLY A 53 8.16 -4.93 2.40
C GLY A 53 6.74 -4.68 2.88
N LEU A 54 5.78 -5.07 2.04
CA LEU A 54 4.37 -4.89 2.38
C LEU A 54 3.98 -5.90 3.45
N CYS A 55 3.30 -5.41 4.47
CA CYS A 55 2.86 -6.25 5.56
C CYS A 55 1.36 -6.01 5.78
N VAL A 56 0.82 -6.71 6.76
CA VAL A 56 -0.60 -6.59 7.07
C VAL A 56 -0.80 -5.44 8.07
N GLY A 57 -1.86 -4.69 7.84
CA GLY A 57 -2.19 -3.57 8.70
C GLY A 57 -1.68 -2.25 8.11
N ASP A 58 -0.98 -2.38 6.99
CA ASP A 58 -0.44 -1.22 6.30
C ASP A 58 -1.58 -0.46 5.63
N LYS A 59 -1.31 0.81 5.35
CA LYS A 59 -2.30 1.67 4.72
C LYS A 59 -1.68 2.33 3.50
N ILE A 60 -2.03 1.82 2.32
CA ILE A 60 -1.53 2.36 1.08
C ILE A 60 -2.19 3.71 0.80
N THR A 61 -1.36 4.74 0.71
CA THR A 61 -1.86 6.07 0.44
C THR A 61 -1.60 6.46 -1.01
N GLU A 62 -0.70 5.72 -1.64
CA GLU A 62 -0.35 5.98 -3.03
C GLU A 62 0.32 4.74 -3.64
N VAL A 63 0.29 4.68 -4.96
CA VAL A 63 0.89 3.57 -5.67
C VAL A 63 1.19 4.00 -7.12
N ASN A 64 2.37 3.62 -7.57
CA ASN A 64 2.80 3.95 -8.92
C ASN A 64 2.66 5.46 -9.14
N GLY A 65 2.65 6.19 -8.02
CA GLY A 65 2.52 7.63 -8.08
C GLY A 65 1.06 8.07 -7.84
N LEU A 66 0.16 7.35 -8.49
CA LEU A 66 -1.26 7.65 -8.37
C LEU A 66 -1.67 7.52 -6.90
N SER A 67 -2.21 8.63 -6.38
CA SER A 67 -2.65 8.65 -5.00
C SER A 67 -4.03 8.01 -4.87
N LEU A 68 -4.17 7.17 -3.85
CA LEU A 68 -5.42 6.49 -3.61
C LEU A 68 -6.10 7.08 -2.38
N GLU A 69 -5.97 8.39 -2.25
CA GLU A 69 -6.56 9.10 -1.13
C GLU A 69 -7.97 9.57 -1.47
N SER A 70 -8.37 9.27 -2.70
CA SER A 70 -9.69 9.66 -3.17
C SER A 70 -10.07 8.84 -4.40
N THR A 71 -9.63 7.58 -4.40
CA THR A 71 -9.92 6.68 -5.50
C THR A 71 -10.54 5.39 -4.98
N THR A 72 -11.29 4.74 -5.85
CA THR A 72 -11.95 3.49 -5.51
C THR A 72 -10.91 2.39 -5.29
N MET A 73 -11.40 1.16 -5.29
CA MET A 73 -10.53 0.00 -5.10
C MET A 73 -10.11 -0.59 -6.44
N GLY A 74 -11.10 -0.85 -7.27
CA GLY A 74 -10.84 -1.42 -8.59
C GLY A 74 -9.69 -0.70 -9.28
N SER A 75 -9.93 0.58 -9.56
CA SER A 75 -8.92 1.39 -10.22
C SER A 75 -7.53 1.05 -9.70
N ALA A 76 -7.35 1.27 -8.40
CA ALA A 76 -6.09 0.99 -7.75
C ALA A 76 -5.56 -0.36 -8.23
N VAL A 77 -6.45 -1.34 -8.21
CA VAL A 77 -6.10 -2.69 -8.64
C VAL A 77 -5.80 -2.68 -10.13
N LYS A 78 -6.80 -2.30 -10.91
CA LYS A 78 -6.66 -2.24 -12.36
C LYS A 78 -5.30 -1.63 -12.70
N VAL A 79 -4.88 -0.68 -11.88
CA VAL A 79 -3.61 -0.02 -12.09
C VAL A 79 -2.48 -0.91 -11.57
N LEU A 80 -2.70 -1.46 -10.38
CA LEU A 80 -1.71 -2.33 -9.76
C LEU A 80 -1.47 -3.53 -10.67
N THR A 81 -2.51 -3.92 -11.39
CA THR A 81 -2.42 -5.05 -12.29
C THR A 81 -1.91 -4.59 -13.67
N SER A 82 -1.55 -3.32 -13.74
CA SER A 82 -1.04 -2.75 -14.97
C SER A 82 0.21 -1.93 -14.69
N SER A 83 1.35 -2.59 -14.78
CA SER A 83 2.63 -1.92 -14.54
C SER A 83 3.70 -2.95 -14.19
N SER A 84 4.90 -2.69 -14.68
CA SER A 84 6.02 -3.59 -14.42
C SER A 84 6.85 -3.07 -13.24
N ARG A 85 6.15 -2.45 -12.31
CA ARG A 85 6.81 -1.90 -11.13
C ARG A 85 5.85 -1.01 -10.34
N LEU A 86 5.32 -1.58 -9.26
CA LEU A 86 4.38 -0.85 -8.43
C LEU A 86 5.14 -0.18 -7.29
N HIS A 87 4.85 1.10 -7.10
CA HIS A 87 5.50 1.86 -6.04
C HIS A 87 4.45 2.38 -5.06
N MET A 88 4.18 1.57 -4.05
CA MET A 88 3.20 1.94 -3.04
C MET A 88 3.86 2.70 -1.88
N MET A 89 3.09 3.61 -1.31
CA MET A 89 3.59 4.40 -0.20
C MET A 89 2.58 4.41 0.96
N VAL A 90 3.00 3.84 2.07
CA VAL A 90 2.15 3.78 3.25
C VAL A 90 2.61 4.83 4.26
N ARG A 91 1.70 5.20 5.14
CA ARG A 91 1.98 6.19 6.17
C ARG A 91 1.95 5.56 7.55
N ARG A 92 3.14 5.27 8.07
CA ARG A 92 3.25 4.66 9.39
C ARG A 92 3.65 5.71 10.42
N MET A 93 3.05 5.61 11.59
CA MET A 93 3.33 6.54 12.67
C MET A 93 4.54 6.07 13.49
N GLY A 94 4.97 6.94 14.39
CA GLY A 94 6.11 6.63 15.24
C GLY A 94 5.93 5.28 15.93
N SER A 95 5.32 5.32 17.10
CA SER A 95 5.09 4.11 17.87
C SER A 95 3.66 4.09 18.40
N GLY A 96 3.26 2.94 18.91
CA GLY A 96 1.91 2.78 19.45
C GLY A 96 1.65 1.32 19.84
N PRO A 97 2.24 0.93 21.01
CA PRO A 97 2.06 -0.43 21.51
C PRO A 97 0.67 -0.62 22.09
N SER A 98 0.32 0.24 23.03
CA SER A 98 -0.97 0.18 23.67
C SER A 98 -0.99 -0.98 24.68
N SER A 99 -0.80 -2.18 24.16
CA SER A 99 -0.78 -3.37 25.00
C SER A 99 -2.00 -3.35 25.92
N GLY A 100 -3.12 -3.84 25.40
CA GLY A 100 -4.35 -3.89 26.16
C GLY A 100 -4.56 -5.28 26.77
N GLY A 1 -1.89 18.03 -1.33
CA GLY A 1 -0.64 18.28 -0.63
C GLY A 1 -0.83 19.33 0.47
N SER A 2 -1.32 18.86 1.61
CA SER A 2 -1.56 19.73 2.74
C SER A 2 -0.56 19.42 3.86
N SER A 3 -0.20 20.47 4.59
CA SER A 3 0.74 20.32 5.69
C SER A 3 2.10 19.88 5.15
N GLY A 4 3.14 20.50 5.67
CA GLY A 4 4.50 20.19 5.25
C GLY A 4 5.36 19.78 6.45
N SER A 5 6.48 20.46 6.59
CA SER A 5 7.39 20.18 7.68
C SER A 5 7.95 18.77 7.55
N SER A 6 9.19 18.61 7.98
CA SER A 6 9.85 17.32 7.92
C SER A 6 9.35 16.41 9.05
N GLY A 7 9.31 15.12 8.76
CA GLY A 7 8.86 14.15 9.73
C GLY A 7 7.34 13.99 9.67
N SER A 8 6.76 13.69 10.83
CA SER A 8 5.32 13.51 10.92
C SER A 8 4.89 12.31 10.08
N ASP A 9 5.05 11.12 10.66
CA ASP A 9 4.69 9.90 9.98
C ASP A 9 5.52 9.77 8.70
N ILE A 10 6.62 9.03 8.82
CA ILE A 10 7.50 8.83 7.69
C ILE A 10 6.79 7.95 6.65
N ILE A 11 7.29 8.04 5.42
CA ILE A 11 6.71 7.27 4.33
C ILE A 11 7.53 6.00 4.11
N HIS A 12 6.82 4.93 3.81
CA HIS A 12 7.47 3.65 3.58
C HIS A 12 7.59 3.39 2.08
N SER A 13 8.72 2.83 1.69
CA SER A 13 8.97 2.53 0.29
C SER A 13 8.91 1.01 0.06
N VAL A 14 8.10 0.63 -0.91
CA VAL A 14 7.95 -0.78 -1.24
C VAL A 14 7.73 -0.91 -2.75
N ARG A 15 8.23 -2.02 -3.29
CA ARG A 15 8.10 -2.29 -4.71
C ARG A 15 7.56 -3.71 -4.94
N VAL A 16 6.27 -3.77 -5.27
CA VAL A 16 5.63 -5.05 -5.51
C VAL A 16 5.67 -5.35 -7.01
N GLU A 17 6.33 -6.46 -7.34
CA GLU A 17 6.45 -6.88 -8.72
C GLU A 17 5.16 -7.56 -9.18
N LYS A 18 5.03 -7.69 -10.49
CA LYS A 18 3.86 -8.32 -11.08
C LYS A 18 4.03 -9.84 -11.04
N SER A 19 2.90 -10.52 -11.00
CA SER A 19 2.91 -11.98 -10.96
C SER A 19 1.61 -12.52 -11.56
N PRO A 20 1.78 -13.57 -12.43
CA PRO A 20 0.64 -14.19 -13.07
C PRO A 20 -0.13 -15.08 -12.09
N ALA A 21 -1.24 -14.54 -11.60
CA ALA A 21 -2.08 -15.27 -10.66
C ALA A 21 -3.50 -14.72 -10.72
N GLY A 22 -3.62 -13.43 -10.46
CA GLY A 22 -4.92 -12.77 -10.47
C GLY A 22 -5.00 -11.66 -9.44
N ARG A 23 -4.90 -12.06 -8.18
CA ARG A 23 -4.95 -11.10 -7.08
C ARG A 23 -3.54 -10.80 -6.58
N LEU A 24 -3.25 -9.51 -6.45
CA LEU A 24 -1.94 -9.08 -5.98
C LEU A 24 -1.49 -9.98 -4.83
N GLY A 25 -0.19 -9.99 -4.60
CA GLY A 25 0.38 -10.80 -3.53
C GLY A 25 -0.23 -10.44 -2.18
N PHE A 26 -0.89 -9.29 -2.15
CA PHE A 26 -1.52 -8.82 -0.93
C PHE A 26 -3.01 -8.55 -1.15
N SER A 27 -3.75 -8.55 -0.06
CA SER A 27 -5.17 -8.29 -0.12
C SER A 27 -5.50 -6.95 0.53
N VAL A 28 -6.24 -6.13 -0.22
CA VAL A 28 -6.62 -4.81 0.27
C VAL A 28 -8.11 -4.82 0.61
N ARG A 29 -8.49 -3.89 1.48
CA ARG A 29 -9.87 -3.77 1.90
C ARG A 29 -10.37 -2.34 1.69
N GLY A 30 -11.69 -2.19 1.74
CA GLY A 30 -12.30 -0.89 1.56
C GLY A 30 -12.42 -0.53 0.07
N GLY A 31 -12.35 0.76 -0.20
CA GLY A 31 -12.44 1.24 -1.57
C GLY A 31 -13.24 2.55 -1.64
N SER A 32 -13.83 2.79 -2.80
CA SER A 32 -14.62 3.99 -3.00
C SER A 32 -15.63 4.16 -1.88
N GLU A 33 -16.39 5.24 -1.96
CA GLU A 33 -17.40 5.52 -0.95
C GLU A 33 -16.75 5.68 0.42
N HIS A 34 -17.55 6.12 1.37
CA HIS A 34 -17.07 6.32 2.73
C HIS A 34 -16.12 7.53 2.76
N GLY A 35 -15.04 7.39 2.01
CA GLY A 35 -14.04 8.46 1.94
C GLY A 35 -12.75 8.03 2.63
N LEU A 36 -12.18 6.94 2.12
CA LEU A 36 -10.94 6.42 2.67
C LEU A 36 -10.04 5.92 1.53
N GLY A 37 -8.80 5.66 1.87
CA GLY A 37 -7.84 5.17 0.89
C GLY A 37 -7.80 3.64 0.87
N ILE A 38 -6.80 3.11 0.18
CA ILE A 38 -6.64 1.67 0.08
C ILE A 38 -5.77 1.17 1.23
N PHE A 39 -6.28 0.17 1.93
CA PHE A 39 -5.56 -0.40 3.05
C PHE A 39 -5.27 -1.89 2.83
N VAL A 40 -4.30 -2.40 3.57
CA VAL A 40 -3.93 -3.79 3.47
C VAL A 40 -4.70 -4.61 4.49
N SER A 41 -4.98 -5.85 4.13
CA SER A 41 -5.72 -6.74 5.00
C SER A 41 -4.93 -8.04 5.21
N LYS A 42 -4.47 -8.60 4.10
CA LYS A 42 -3.71 -9.83 4.15
C LYS A 42 -2.56 -9.75 3.14
N VAL A 43 -1.51 -10.50 3.43
CA VAL A 43 -0.34 -10.52 2.55
C VAL A 43 0.11 -11.97 2.36
N GLU A 44 -0.17 -12.50 1.18
CA GLU A 44 0.20 -13.86 0.86
C GLU A 44 1.69 -14.09 1.14
N GLU A 45 1.96 -15.10 1.94
CA GLU A 45 3.32 -15.44 2.31
C GLU A 45 4.12 -15.79 1.06
N GLY A 46 5.44 -15.69 1.20
CA GLY A 46 6.33 -15.99 0.09
C GLY A 46 5.81 -15.38 -1.22
N SER A 47 5.24 -14.20 -1.09
CA SER A 47 4.70 -13.51 -2.25
C SER A 47 5.58 -12.30 -2.58
N SER A 48 5.15 -11.57 -3.60
CA SER A 48 5.88 -10.38 -4.04
C SER A 48 5.73 -9.27 -3.00
N ALA A 49 4.54 -9.21 -2.41
CA ALA A 49 4.26 -8.20 -1.42
C ALA A 49 5.20 -8.38 -0.22
N GLU A 50 4.92 -9.44 0.54
CA GLU A 50 5.73 -9.76 1.71
C GLU A 50 7.22 -9.58 1.39
N ARG A 51 7.56 -9.89 0.14
CA ARG A 51 8.94 -9.77 -0.30
C ARG A 51 9.29 -8.31 -0.57
N ALA A 52 8.34 -7.60 -1.15
CA ALA A 52 8.54 -6.19 -1.46
C ALA A 52 8.73 -5.41 -0.16
N GLY A 53 8.21 -5.98 0.92
CA GLY A 53 8.30 -5.35 2.23
C GLY A 53 6.91 -5.02 2.78
N LEU A 54 5.90 -5.32 1.98
CA LEU A 54 4.53 -5.05 2.37
C LEU A 54 4.13 -6.04 3.48
N CYS A 55 3.61 -5.48 4.56
CA CYS A 55 3.18 -6.29 5.68
C CYS A 55 1.69 -6.05 5.90
N VAL A 56 1.15 -6.73 6.91
CA VAL A 56 -0.25 -6.62 7.24
C VAL A 56 -0.45 -5.50 8.26
N GLY A 57 -1.49 -4.72 8.06
CA GLY A 57 -1.80 -3.62 8.95
C GLY A 57 -1.22 -2.30 8.43
N ASP A 58 -1.02 -2.26 7.11
CA ASP A 58 -0.48 -1.08 6.48
C ASP A 58 -1.61 -0.31 5.79
N LYS A 59 -1.30 0.94 5.45
CA LYS A 59 -2.28 1.79 4.79
C LYS A 59 -1.65 2.42 3.54
N ILE A 60 -2.07 1.94 2.39
CA ILE A 60 -1.57 2.44 1.12
C ILE A 60 -2.18 3.81 0.84
N THR A 61 -1.30 4.81 0.76
CA THR A 61 -1.74 6.17 0.49
C THR A 61 -1.52 6.53 -0.98
N GLU A 62 -0.59 5.81 -1.59
CA GLU A 62 -0.26 6.04 -2.99
C GLU A 62 0.40 4.81 -3.59
N VAL A 63 0.31 4.69 -4.90
CA VAL A 63 0.90 3.56 -5.61
C VAL A 63 1.22 3.99 -7.05
N ASN A 64 2.47 3.76 -7.42
CA ASN A 64 2.93 4.10 -8.75
C ASN A 64 2.66 5.59 -9.01
N GLY A 65 2.59 6.33 -7.93
CA GLY A 65 2.34 7.77 -8.02
C GLY A 65 0.86 8.08 -7.78
N LEU A 66 0.01 7.32 -8.45
CA LEU A 66 -1.43 7.50 -8.31
C LEU A 66 -1.81 7.48 -6.83
N SER A 67 -2.47 8.53 -6.40
CA SER A 67 -2.89 8.65 -5.01
C SER A 67 -4.21 7.89 -4.81
N LEU A 68 -4.18 6.96 -3.88
CA LEU A 68 -5.36 6.16 -3.58
C LEU A 68 -5.99 6.66 -2.28
N GLU A 69 -6.06 7.98 -2.17
CA GLU A 69 -6.64 8.61 -0.99
C GLU A 69 -8.14 8.82 -1.19
N SER A 70 -8.58 8.66 -2.42
CA SER A 70 -9.98 8.83 -2.76
C SER A 70 -10.26 8.30 -4.16
N THR A 71 -9.89 7.04 -4.37
CA THR A 71 -10.09 6.40 -5.66
C THR A 71 -10.81 5.06 -5.49
N THR A 72 -11.54 4.68 -6.52
CA THR A 72 -12.28 3.43 -6.49
C THR A 72 -11.31 2.24 -6.49
N MET A 73 -11.63 1.26 -5.65
CA MET A 73 -10.79 0.08 -5.55
C MET A 73 -10.40 -0.44 -6.93
N GLY A 74 -11.40 -0.56 -7.79
CA GLY A 74 -11.17 -1.05 -9.14
C GLY A 74 -9.94 -0.37 -9.76
N SER A 75 -10.07 0.91 -10.04
CA SER A 75 -8.98 1.67 -10.63
C SER A 75 -7.65 1.26 -9.98
N ALA A 76 -7.58 1.48 -8.68
CA ALA A 76 -6.38 1.14 -7.94
C ALA A 76 -5.90 -0.26 -8.34
N VAL A 77 -6.86 -1.17 -8.41
CA VAL A 77 -6.55 -2.54 -8.80
C VAL A 77 -6.07 -2.57 -10.25
N LYS A 78 -6.92 -2.07 -11.13
CA LYS A 78 -6.60 -2.03 -12.54
C LYS A 78 -5.15 -1.55 -12.71
N VAL A 79 -4.78 -0.58 -11.90
CA VAL A 79 -3.43 -0.03 -11.96
C VAL A 79 -2.48 -0.96 -11.20
N LEU A 80 -2.92 -1.39 -10.03
CA LEU A 80 -2.12 -2.27 -9.21
C LEU A 80 -1.84 -3.56 -9.98
N THR A 81 -2.67 -3.80 -10.99
CA THR A 81 -2.52 -4.99 -11.82
C THR A 81 -2.00 -4.62 -13.21
N SER A 82 -1.69 -3.34 -13.37
CA SER A 82 -1.19 -2.84 -14.64
C SER A 82 0.08 -2.03 -14.42
N SER A 83 1.19 -2.74 -14.29
CA SER A 83 2.48 -2.09 -14.08
C SER A 83 3.54 -3.15 -13.78
N SER A 84 4.75 -2.88 -14.26
CA SER A 84 5.86 -3.79 -14.06
C SER A 84 6.67 -3.36 -12.83
N ARG A 85 6.14 -2.37 -12.14
CA ARG A 85 6.80 -1.84 -10.95
C ARG A 85 5.85 -0.95 -10.16
N LEU A 86 5.23 -1.55 -9.14
CA LEU A 86 4.30 -0.83 -8.30
C LEU A 86 5.06 -0.15 -7.16
N HIS A 87 4.90 1.16 -7.08
CA HIS A 87 5.56 1.93 -6.04
C HIS A 87 4.53 2.44 -5.02
N MET A 88 4.27 1.60 -4.03
CA MET A 88 3.31 1.96 -3.00
C MET A 88 4.01 2.52 -1.76
N MET A 89 3.36 3.50 -1.16
CA MET A 89 3.91 4.14 0.03
C MET A 89 2.85 4.28 1.12
N VAL A 90 3.14 3.70 2.28
CA VAL A 90 2.22 3.76 3.40
C VAL A 90 2.70 4.81 4.39
N ARG A 91 1.78 5.26 5.22
CA ARG A 91 2.09 6.26 6.22
C ARG A 91 2.10 5.64 7.62
N ARG A 92 3.30 5.38 8.12
CA ARG A 92 3.45 4.79 9.44
C ARG A 92 4.68 5.36 10.13
N MET A 93 4.57 5.49 11.44
CA MET A 93 5.67 6.03 12.24
C MET A 93 6.66 4.92 12.61
N GLY A 94 7.72 5.33 13.29
CA GLY A 94 8.75 4.39 13.71
C GLY A 94 8.99 3.33 12.62
N SER A 95 9.43 2.16 13.08
CA SER A 95 9.71 1.07 12.17
C SER A 95 9.99 -0.21 12.96
N GLY A 96 9.30 -1.28 12.58
CA GLY A 96 9.47 -2.56 13.25
C GLY A 96 9.81 -3.66 12.23
N PRO A 97 10.45 -4.74 12.76
CA PRO A 97 10.84 -5.86 11.92
C PRO A 97 9.62 -6.72 11.55
N SER A 98 9.84 -7.63 10.62
CA SER A 98 8.78 -8.51 10.16
C SER A 98 8.06 -9.12 11.37
N SER A 99 6.74 -9.24 11.24
CA SER A 99 5.93 -9.80 12.31
C SER A 99 6.06 -8.95 13.57
N GLY A 100 5.18 -9.22 14.52
CA GLY A 100 5.19 -8.47 15.78
C GLY A 100 5.23 -9.44 16.97
N GLY A 1 19.91 18.01 1.68
CA GLY A 1 19.11 19.15 2.07
C GLY A 1 17.85 18.71 2.83
N SER A 2 17.09 19.69 3.28
CA SER A 2 15.87 19.41 4.01
C SER A 2 14.73 19.10 3.03
N SER A 3 13.62 18.64 3.59
CA SER A 3 12.47 18.30 2.78
C SER A 3 11.19 18.78 3.47
N GLY A 4 11.00 18.30 4.70
CA GLY A 4 9.83 18.67 5.47
C GLY A 4 10.22 19.51 6.70
N SER A 5 9.32 19.52 7.68
CA SER A 5 9.58 20.27 8.89
C SER A 5 9.45 19.35 10.12
N SER A 6 8.29 18.73 10.24
CA SER A 6 8.04 17.82 11.34
C SER A 6 6.70 17.11 11.13
N GLY A 7 6.48 16.10 11.96
CA GLY A 7 5.24 15.33 11.88
C GLY A 7 5.46 13.90 12.41
N SER A 8 4.34 13.20 12.58
CA SER A 8 4.39 11.84 13.07
C SER A 8 3.73 10.89 12.07
N ASP A 9 4.40 10.68 10.95
CA ASP A 9 3.88 9.81 9.91
C ASP A 9 4.89 9.75 8.77
N ILE A 10 5.79 8.79 8.86
CA ILE A 10 6.81 8.59 7.85
C ILE A 10 6.25 7.72 6.72
N ILE A 11 6.83 7.89 5.54
CA ILE A 11 6.39 7.13 4.38
C ILE A 11 7.31 5.91 4.21
N HIS A 12 6.71 4.81 3.77
CA HIS A 12 7.46 3.59 3.55
C HIS A 12 7.58 3.31 2.05
N SER A 13 8.79 2.97 1.63
CA SER A 13 9.04 2.67 0.24
C SER A 13 9.03 1.16 0.00
N VAL A 14 8.23 0.75 -0.96
CA VAL A 14 8.12 -0.67 -1.28
C VAL A 14 7.89 -0.82 -2.79
N ARG A 15 8.42 -1.91 -3.32
CA ARG A 15 8.29 -2.19 -4.74
C ARG A 15 7.81 -3.63 -4.96
N VAL A 16 6.54 -3.75 -5.29
CA VAL A 16 5.94 -5.06 -5.53
C VAL A 16 6.06 -5.40 -7.02
N GLU A 17 6.37 -6.66 -7.29
CA GLU A 17 6.50 -7.12 -8.66
C GLU A 17 5.13 -7.50 -9.24
N LYS A 18 5.11 -7.70 -10.54
CA LYS A 18 3.87 -8.06 -11.22
C LYS A 18 3.53 -9.52 -10.89
N SER A 19 2.36 -9.69 -10.29
CA SER A 19 1.89 -11.01 -9.92
C SER A 19 1.10 -11.64 -11.07
N PRO A 20 1.11 -13.00 -11.10
CA PRO A 20 0.40 -13.73 -12.14
C PRO A 20 -1.11 -13.71 -11.89
N ALA A 21 -1.86 -14.00 -12.93
CA ALA A 21 -3.31 -14.02 -12.85
C ALA A 21 -3.72 -14.72 -11.55
N GLY A 22 -4.14 -13.92 -10.58
CA GLY A 22 -4.57 -14.45 -9.31
C GLY A 22 -4.59 -13.36 -8.24
N ARG A 23 -5.11 -12.20 -8.63
CA ARG A 23 -5.20 -11.07 -7.72
C ARG A 23 -3.80 -10.65 -7.27
N LEU A 24 -3.74 -9.45 -6.70
CA LEU A 24 -2.48 -8.92 -6.21
C LEU A 24 -1.94 -9.82 -5.10
N GLY A 25 -0.62 -9.81 -4.95
CA GLY A 25 0.03 -10.61 -3.93
C GLY A 25 -0.46 -10.22 -2.53
N PHE A 26 -1.12 -9.09 -2.46
CA PHE A 26 -1.64 -8.59 -1.20
C PHE A 26 -3.15 -8.36 -1.28
N SER A 27 -3.78 -8.41 -0.12
CA SER A 27 -5.23 -8.21 -0.05
C SER A 27 -5.53 -6.85 0.59
N VAL A 28 -6.33 -6.07 -0.11
CA VAL A 28 -6.70 -4.75 0.36
C VAL A 28 -8.18 -4.77 0.79
N ARG A 29 -8.52 -3.82 1.64
CA ARG A 29 -9.88 -3.71 2.14
C ARG A 29 -10.44 -2.31 1.86
N GLY A 30 -11.76 -2.20 1.95
CA GLY A 30 -12.42 -0.93 1.72
C GLY A 30 -13.13 -0.92 0.36
N GLY A 31 -13.30 0.27 -0.17
CA GLY A 31 -13.96 0.44 -1.46
C GLY A 31 -14.61 1.81 -1.58
N SER A 32 -15.86 1.88 -1.15
CA SER A 32 -16.60 3.13 -1.20
C SER A 32 -17.16 3.46 0.19
N GLU A 33 -17.89 2.50 0.74
CA GLU A 33 -18.48 2.68 2.06
C GLU A 33 -17.45 3.25 3.04
N HIS A 34 -17.95 3.86 4.09
CA HIS A 34 -17.09 4.45 5.10
C HIS A 34 -16.40 5.69 4.52
N GLY A 35 -15.62 5.46 3.47
CA GLY A 35 -14.91 6.54 2.81
C GLY A 35 -13.46 6.62 3.32
N LEU A 36 -12.56 6.00 2.57
CA LEU A 36 -11.16 6.00 2.94
C LEU A 36 -10.34 5.40 1.81
N GLY A 37 -9.07 5.76 1.77
CA GLY A 37 -8.16 5.26 0.75
C GLY A 37 -8.11 3.74 0.76
N ILE A 38 -7.03 3.21 0.20
CA ILE A 38 -6.85 1.77 0.14
C ILE A 38 -5.98 1.33 1.32
N PHE A 39 -6.44 0.30 2.01
CA PHE A 39 -5.72 -0.22 3.15
C PHE A 39 -5.44 -1.72 2.99
N VAL A 40 -4.25 -2.12 3.41
CA VAL A 40 -3.85 -3.51 3.31
C VAL A 40 -4.55 -4.32 4.41
N SER A 41 -4.84 -5.57 4.09
CA SER A 41 -5.50 -6.45 5.03
C SER A 41 -4.70 -7.74 5.19
N LYS A 42 -4.36 -8.34 4.06
CA LYS A 42 -3.59 -9.57 4.06
C LYS A 42 -2.49 -9.49 3.01
N VAL A 43 -1.45 -10.29 3.22
CA VAL A 43 -0.33 -10.31 2.29
C VAL A 43 0.11 -11.76 2.07
N GLU A 44 -0.29 -12.30 0.93
CA GLU A 44 0.06 -13.66 0.58
C GLU A 44 1.51 -13.96 0.96
N GLU A 45 1.70 -15.05 1.69
CA GLU A 45 3.02 -15.44 2.12
C GLU A 45 3.88 -15.82 0.91
N GLY A 46 5.19 -15.92 1.16
CA GLY A 46 6.12 -16.26 0.11
C GLY A 46 5.73 -15.60 -1.22
N SER A 47 5.18 -14.40 -1.10
CA SER A 47 4.75 -13.66 -2.28
C SER A 47 5.75 -12.54 -2.57
N SER A 48 5.44 -11.76 -3.60
CA SER A 48 6.29 -10.66 -4.00
C SER A 48 6.11 -9.49 -3.03
N ALA A 49 4.89 -9.33 -2.56
CA ALA A 49 4.57 -8.25 -1.63
C ALA A 49 5.36 -8.46 -0.34
N GLU A 50 5.04 -9.56 0.35
CA GLU A 50 5.71 -9.88 1.60
C GLU A 50 7.22 -9.66 1.46
N ARG A 51 7.75 -10.05 0.31
CA ARG A 51 9.17 -9.91 0.05
C ARG A 51 9.49 -8.44 -0.28
N ALA A 52 8.57 -7.80 -0.98
CA ALA A 52 8.75 -6.42 -1.36
C ALA A 52 8.82 -5.55 -0.10
N GLY A 53 8.26 -6.08 0.98
CA GLY A 53 8.26 -5.37 2.24
C GLY A 53 6.82 -5.12 2.73
N LEU A 54 5.89 -5.31 1.82
CA LEU A 54 4.48 -5.10 2.13
C LEU A 54 4.03 -6.18 3.12
N CYS A 55 3.42 -5.71 4.21
CA CYS A 55 2.93 -6.61 5.24
C CYS A 55 1.53 -6.15 5.65
N VAL A 56 1.01 -6.81 6.68
CA VAL A 56 -0.31 -6.48 7.18
C VAL A 56 -0.19 -5.41 8.27
N GLY A 57 -1.13 -4.48 8.25
CA GLY A 57 -1.14 -3.40 9.22
C GLY A 57 -0.64 -2.09 8.60
N ASP A 58 -0.76 -2.02 7.28
CA ASP A 58 -0.33 -0.85 6.54
C ASP A 58 -1.45 -0.37 5.63
N LYS A 59 -1.36 0.90 5.25
CA LYS A 59 -2.37 1.48 4.37
C LYS A 59 -1.67 2.19 3.21
N ILE A 60 -2.06 1.79 2.01
CA ILE A 60 -1.49 2.37 0.80
C ILE A 60 -2.18 3.70 0.50
N THR A 61 -1.42 4.77 0.66
CA THR A 61 -1.94 6.10 0.41
C THR A 61 -1.62 6.54 -1.02
N GLU A 62 -0.65 5.87 -1.62
CA GLU A 62 -0.24 6.18 -2.97
C GLU A 62 0.45 4.97 -3.61
N VAL A 63 0.37 4.91 -4.93
CA VAL A 63 0.97 3.82 -5.67
C VAL A 63 1.16 4.23 -7.13
N ASN A 64 2.34 3.96 -7.64
CA ASN A 64 2.65 4.29 -9.03
C ASN A 64 2.65 5.81 -9.19
N GLY A 65 2.63 6.49 -8.06
CA GLY A 65 2.62 7.94 -8.05
C GLY A 65 1.21 8.49 -7.84
N LEU A 66 0.24 7.73 -8.33
CA LEU A 66 -1.15 8.13 -8.21
C LEU A 66 -1.61 7.91 -6.77
N SER A 67 -2.34 8.88 -6.25
CA SER A 67 -2.85 8.81 -4.89
C SER A 67 -4.18 8.07 -4.87
N LEU A 68 -4.37 7.27 -3.83
CA LEU A 68 -5.60 6.52 -3.68
C LEU A 68 -6.31 6.95 -2.39
N GLU A 69 -6.22 8.24 -2.11
CA GLU A 69 -6.84 8.80 -0.93
C GLU A 69 -8.29 9.17 -1.22
N SER A 70 -8.64 9.13 -2.49
CA SER A 70 -9.99 9.46 -2.92
C SER A 70 -10.34 8.71 -4.20
N THR A 71 -9.88 7.47 -4.26
CA THR A 71 -10.13 6.64 -5.44
C THR A 71 -10.74 5.29 -5.01
N THR A 72 -11.50 4.72 -5.93
CA THR A 72 -12.14 3.44 -5.67
C THR A 72 -11.09 2.34 -5.49
N MET A 73 -11.57 1.11 -5.42
CA MET A 73 -10.69 -0.04 -5.26
C MET A 73 -10.25 -0.58 -6.61
N GLY A 74 -11.23 -1.04 -7.38
CA GLY A 74 -10.95 -1.59 -8.69
C GLY A 74 -9.85 -0.81 -9.39
N SER A 75 -10.14 0.44 -9.71
CA SER A 75 -9.18 1.30 -10.38
C SER A 75 -7.78 1.06 -9.81
N ALA A 76 -7.69 1.19 -8.50
CA ALA A 76 -6.42 1.00 -7.81
C ALA A 76 -5.84 -0.38 -8.19
N VAL A 77 -6.67 -1.39 -8.02
CA VAL A 77 -6.26 -2.75 -8.34
C VAL A 77 -5.81 -2.81 -9.80
N LYS A 78 -6.68 -2.34 -10.68
CA LYS A 78 -6.38 -2.33 -12.10
C LYS A 78 -4.93 -1.86 -12.31
N VAL A 79 -4.58 -0.81 -11.57
CA VAL A 79 -3.24 -0.26 -11.67
C VAL A 79 -2.24 -1.22 -11.04
N LEU A 80 -2.66 -1.83 -9.94
CA LEU A 80 -1.83 -2.78 -9.24
C LEU A 80 -1.66 -4.04 -10.09
N THR A 81 -2.55 -4.19 -11.05
CA THR A 81 -2.51 -5.34 -11.94
C THR A 81 -1.87 -4.95 -13.28
N SER A 82 -1.40 -3.72 -13.34
CA SER A 82 -0.76 -3.23 -14.55
C SER A 82 0.50 -2.43 -14.19
N SER A 83 1.62 -3.15 -14.18
CA SER A 83 2.90 -2.53 -13.86
C SER A 83 3.90 -3.60 -13.42
N SER A 84 5.08 -3.52 -14.01
CA SER A 84 6.14 -4.47 -13.69
C SER A 84 6.95 -3.97 -12.50
N ARG A 85 6.48 -2.88 -11.92
CA ARG A 85 7.16 -2.29 -10.77
C ARG A 85 6.26 -1.23 -10.13
N LEU A 86 5.49 -1.68 -9.14
CA LEU A 86 4.59 -0.78 -8.44
C LEU A 86 5.34 -0.13 -7.28
N HIS A 87 5.03 1.14 -7.05
CA HIS A 87 5.66 1.89 -5.98
C HIS A 87 4.59 2.44 -5.03
N MET A 88 4.26 1.63 -4.03
CA MET A 88 3.25 2.02 -3.06
C MET A 88 3.90 2.75 -1.87
N MET A 89 3.14 3.69 -1.32
CA MET A 89 3.63 4.46 -0.18
C MET A 89 2.59 4.47 0.95
N VAL A 90 2.98 3.88 2.07
CA VAL A 90 2.09 3.82 3.22
C VAL A 90 2.54 4.86 4.25
N ARG A 91 1.61 5.22 5.12
CA ARG A 91 1.89 6.20 6.15
C ARG A 91 1.74 5.56 7.54
N ARG A 92 2.88 5.28 8.14
CA ARG A 92 2.90 4.68 9.46
C ARG A 92 3.55 5.63 10.47
N MET A 93 2.96 5.68 11.66
CA MET A 93 3.47 6.53 12.72
C MET A 93 4.15 5.71 13.81
N GLY A 94 4.81 6.42 14.71
CA GLY A 94 5.51 5.76 15.80
C GLY A 94 4.53 5.32 16.90
N SER A 95 3.78 4.28 16.59
CA SER A 95 2.81 3.76 17.53
C SER A 95 3.01 2.24 17.69
N GLY A 96 2.32 1.70 18.68
CA GLY A 96 2.42 0.27 18.96
C GLY A 96 2.05 -0.55 17.72
N PRO A 97 1.86 -1.88 17.95
CA PRO A 97 1.50 -2.78 16.86
C PRO A 97 0.03 -2.60 16.47
N SER A 98 -0.83 -2.71 17.47
CA SER A 98 -2.26 -2.56 17.24
C SER A 98 -3.00 -2.55 18.57
N SER A 99 -2.79 -3.61 19.34
CA SER A 99 -3.44 -3.74 20.63
C SER A 99 -2.39 -3.92 21.72
N GLY A 100 -2.82 -3.69 22.96
CA GLY A 100 -1.92 -3.83 24.09
C GLY A 100 -2.65 -4.44 25.30
N GLY A 1 16.39 18.12 -5.76
CA GLY A 1 16.27 17.16 -4.67
C GLY A 1 15.18 17.59 -3.69
N SER A 2 14.23 16.69 -3.48
CA SER A 2 13.12 16.96 -2.57
C SER A 2 13.65 17.08 -1.14
N SER A 3 12.77 17.55 -0.26
CA SER A 3 13.13 17.72 1.13
C SER A 3 11.87 17.89 1.98
N GLY A 4 12.00 17.56 3.26
CA GLY A 4 10.88 17.68 4.18
C GLY A 4 11.01 18.94 5.04
N SER A 5 10.04 19.11 5.92
CA SER A 5 10.04 20.27 6.81
C SER A 5 10.29 19.83 8.24
N SER A 6 9.43 18.94 8.72
CA SER A 6 9.55 18.42 10.08
C SER A 6 8.36 17.51 10.40
N GLY A 7 8.64 16.49 11.20
CA GLY A 7 7.61 15.55 11.59
C GLY A 7 8.22 14.18 11.91
N SER A 8 7.40 13.34 12.54
CA SER A 8 7.85 12.01 12.91
C SER A 8 7.43 11.00 11.83
N ASP A 9 6.14 11.00 11.54
CA ASP A 9 5.60 10.10 10.53
C ASP A 9 6.44 10.21 9.25
N ILE A 10 6.72 9.06 8.67
CA ILE A 10 7.51 9.01 7.45
C ILE A 10 6.82 8.08 6.45
N ILE A 11 7.18 8.26 5.18
CA ILE A 11 6.61 7.45 4.12
C ILE A 11 7.45 6.18 3.96
N HIS A 12 6.78 5.11 3.57
CA HIS A 12 7.45 3.83 3.38
C HIS A 12 7.59 3.55 1.88
N SER A 13 8.72 2.96 1.53
CA SER A 13 9.00 2.64 0.13
C SER A 13 8.97 1.12 -0.07
N VAL A 14 8.16 0.70 -1.02
CA VAL A 14 8.03 -0.71 -1.33
C VAL A 14 7.80 -0.89 -2.83
N ARG A 15 8.34 -1.99 -3.35
CA ARG A 15 8.21 -2.29 -4.77
C ARG A 15 7.59 -3.66 -4.96
N VAL A 16 6.32 -3.67 -5.31
CA VAL A 16 5.61 -4.91 -5.53
C VAL A 16 5.54 -5.20 -7.04
N GLU A 17 5.35 -6.48 -7.35
CA GLU A 17 5.28 -6.90 -8.74
C GLU A 17 3.90 -7.49 -9.04
N LYS A 18 3.52 -7.42 -10.30
CA LYS A 18 2.24 -7.94 -10.74
C LYS A 18 2.30 -9.47 -10.76
N SER A 19 1.14 -10.07 -10.98
CA SER A 19 1.04 -11.52 -11.04
C SER A 19 0.03 -11.94 -12.11
N PRO A 20 0.45 -12.91 -12.95
CA PRO A 20 -0.40 -13.42 -14.01
C PRO A 20 -1.50 -14.33 -13.45
N ALA A 21 -2.64 -13.73 -13.19
CA ALA A 21 -3.78 -14.48 -12.65
C ALA A 21 -4.94 -13.51 -12.41
N GLY A 22 -4.70 -12.53 -11.57
CA GLY A 22 -5.72 -11.54 -11.25
C GLY A 22 -5.95 -11.45 -9.73
N ARG A 23 -4.85 -11.24 -9.02
CA ARG A 23 -4.90 -11.13 -7.58
C ARG A 23 -3.54 -10.72 -7.02
N LEU A 24 -3.41 -9.43 -6.76
CA LEU A 24 -2.17 -8.89 -6.23
C LEU A 24 -1.67 -9.80 -5.10
N GLY A 25 -0.36 -9.77 -4.88
CA GLY A 25 0.25 -10.57 -3.84
C GLY A 25 -0.28 -10.18 -2.45
N PHE A 26 -0.96 -9.04 -2.43
CA PHE A 26 -1.52 -8.53 -1.18
C PHE A 26 -3.03 -8.30 -1.31
N SER A 27 -3.70 -8.34 -0.17
CA SER A 27 -5.14 -8.13 -0.15
C SER A 27 -5.46 -6.80 0.52
N VAL A 28 -6.27 -6.01 -0.16
CA VAL A 28 -6.66 -4.70 0.35
C VAL A 28 -8.15 -4.74 0.74
N ARG A 29 -8.50 -3.86 1.67
CA ARG A 29 -9.86 -3.78 2.15
C ARG A 29 -10.42 -2.37 1.95
N GLY A 30 -11.73 -2.29 1.81
CA GLY A 30 -12.39 -1.01 1.62
C GLY A 30 -12.96 -0.90 0.21
N GLY A 31 -12.96 0.33 -0.30
CA GLY A 31 -13.48 0.59 -1.64
C GLY A 31 -14.86 -0.05 -1.82
N SER A 32 -15.81 0.44 -1.05
CA SER A 32 -17.17 -0.07 -1.11
C SER A 32 -18.17 1.01 -0.67
N GLU A 33 -18.58 1.83 -1.63
CA GLU A 33 -19.52 2.90 -1.35
C GLU A 33 -18.82 4.04 -0.62
N HIS A 34 -18.34 3.73 0.58
CA HIS A 34 -17.65 4.72 1.39
C HIS A 34 -16.63 5.47 0.53
N GLY A 35 -15.63 4.73 0.08
CA GLY A 35 -14.59 5.31 -0.76
C GLY A 35 -13.21 5.12 -0.12
N LEU A 36 -12.88 6.05 0.76
CA LEU A 36 -11.60 6.01 1.46
C LEU A 36 -10.50 5.64 0.45
N GLY A 37 -9.34 5.31 0.99
CA GLY A 37 -8.21 4.93 0.16
C GLY A 37 -8.12 3.42 0.00
N ILE A 38 -6.90 2.90 0.16
CA ILE A 38 -6.68 1.47 0.04
C ILE A 38 -5.86 0.99 1.24
N PHE A 39 -6.48 0.11 2.01
CA PHE A 39 -5.82 -0.44 3.19
C PHE A 39 -5.53 -1.93 3.01
N VAL A 40 -4.34 -2.32 3.44
CA VAL A 40 -3.92 -3.70 3.33
C VAL A 40 -4.64 -4.54 4.39
N SER A 41 -4.92 -5.78 4.04
CA SER A 41 -5.60 -6.68 4.95
C SER A 41 -4.78 -7.95 5.14
N LYS A 42 -4.36 -8.53 4.03
CA LYS A 42 -3.55 -9.74 4.07
C LYS A 42 -2.46 -9.67 3.00
N VAL A 43 -1.38 -10.38 3.27
CA VAL A 43 -0.25 -10.39 2.34
C VAL A 43 0.21 -11.84 2.12
N GLU A 44 -0.11 -12.35 0.94
CA GLU A 44 0.26 -13.71 0.61
C GLU A 44 1.69 -14.01 1.05
N GLU A 45 1.88 -15.21 1.57
CA GLU A 45 3.19 -15.63 2.04
C GLU A 45 4.08 -16.02 0.86
N GLY A 46 5.36 -16.22 1.16
CA GLY A 46 6.32 -16.60 0.14
C GLY A 46 6.03 -15.87 -1.18
N SER A 47 5.48 -14.68 -1.05
CA SER A 47 5.14 -13.88 -2.22
C SER A 47 6.17 -12.75 -2.38
N SER A 48 5.99 -11.98 -3.45
CA SER A 48 6.89 -10.88 -3.73
C SER A 48 6.58 -9.70 -2.80
N ALA A 49 5.31 -9.61 -2.41
CA ALA A 49 4.87 -8.54 -1.53
C ALA A 49 5.56 -8.70 -0.18
N GLU A 50 5.22 -9.78 0.51
CA GLU A 50 5.80 -10.06 1.81
C GLU A 50 7.30 -9.79 1.80
N ARG A 51 7.91 -10.05 0.65
CA ARG A 51 9.34 -9.83 0.48
C ARG A 51 9.62 -8.37 0.14
N ALA A 52 8.71 -7.79 -0.63
CA ALA A 52 8.85 -6.40 -1.03
C ALA A 52 8.79 -5.50 0.21
N GLY A 53 8.24 -6.06 1.28
CA GLY A 53 8.11 -5.33 2.52
C GLY A 53 6.65 -5.12 2.90
N LEU A 54 5.78 -5.42 1.94
CA LEU A 54 4.35 -5.27 2.15
C LEU A 54 3.87 -6.37 3.10
N CYS A 55 3.12 -5.95 4.11
CA CYS A 55 2.58 -6.89 5.08
C CYS A 55 1.29 -6.31 5.65
N VAL A 56 0.68 -7.07 6.54
CA VAL A 56 -0.57 -6.64 7.16
C VAL A 56 -0.27 -5.51 8.15
N GLY A 57 -1.20 -4.55 8.21
CA GLY A 57 -1.05 -3.43 9.10
C GLY A 57 -0.44 -2.23 8.37
N ASP A 58 -0.88 -2.04 7.14
CA ASP A 58 -0.39 -0.94 6.33
C ASP A 58 -1.54 -0.32 5.54
N LYS A 59 -1.40 0.96 5.24
CA LYS A 59 -2.43 1.68 4.51
C LYS A 59 -1.79 2.40 3.32
N ILE A 60 -2.01 1.83 2.14
CA ILE A 60 -1.47 2.40 0.91
C ILE A 60 -2.14 3.76 0.65
N THR A 61 -1.33 4.81 0.75
CA THR A 61 -1.83 6.16 0.52
C THR A 61 -1.65 6.55 -0.94
N GLU A 62 -0.59 6.02 -1.54
CA GLU A 62 -0.30 6.31 -2.94
C GLU A 62 0.49 5.15 -3.57
N VAL A 63 0.39 5.04 -4.88
CA VAL A 63 1.08 4.00 -5.60
C VAL A 63 1.26 4.43 -7.06
N ASN A 64 2.41 4.07 -7.61
CA ASN A 64 2.72 4.42 -8.99
C ASN A 64 2.52 5.92 -9.19
N GLY A 65 2.56 6.65 -8.08
CA GLY A 65 2.39 8.08 -8.13
C GLY A 65 0.92 8.47 -7.91
N LEU A 66 0.05 7.64 -8.46
CA LEU A 66 -1.39 7.88 -8.34
C LEU A 66 -1.78 7.82 -6.86
N SER A 67 -2.41 8.89 -6.41
CA SER A 67 -2.85 8.97 -5.02
C SER A 67 -4.16 8.23 -4.84
N LEU A 68 -4.17 7.33 -3.87
CA LEU A 68 -5.36 6.53 -3.59
C LEU A 68 -5.96 6.98 -2.25
N GLU A 69 -6.10 8.29 -2.11
CA GLU A 69 -6.64 8.86 -0.89
C GLU A 69 -8.15 9.07 -1.04
N SER A 70 -8.70 8.51 -2.10
CA SER A 70 -10.12 8.63 -2.38
C SER A 70 -10.44 8.09 -3.78
N THR A 71 -9.93 6.90 -4.05
CA THR A 71 -10.14 6.27 -5.34
C THR A 71 -10.88 4.94 -5.16
N THR A 72 -11.45 4.47 -6.26
CA THR A 72 -12.18 3.21 -6.24
C THR A 72 -11.20 2.03 -6.27
N MET A 73 -11.56 1.00 -5.51
CA MET A 73 -10.72 -0.19 -5.43
C MET A 73 -10.28 -0.65 -6.83
N GLY A 74 -11.26 -0.96 -7.66
CA GLY A 74 -11.00 -1.41 -9.01
C GLY A 74 -9.87 -0.58 -9.64
N SER A 75 -10.16 0.69 -9.85
CA SER A 75 -9.19 1.59 -10.44
C SER A 75 -7.79 1.29 -9.89
N ALA A 76 -7.65 1.48 -8.59
CA ALA A 76 -6.38 1.23 -7.93
C ALA A 76 -5.82 -0.11 -8.41
N VAL A 77 -6.64 -1.14 -8.27
CA VAL A 77 -6.24 -2.48 -8.68
C VAL A 77 -5.80 -2.44 -10.15
N LYS A 78 -6.66 -1.86 -10.97
CA LYS A 78 -6.38 -1.76 -12.39
C LYS A 78 -4.91 -1.36 -12.60
N VAL A 79 -4.40 -0.61 -11.63
CA VAL A 79 -3.02 -0.16 -11.69
C VAL A 79 -2.13 -1.18 -10.99
N LEU A 80 -2.59 -1.65 -9.84
CA LEU A 80 -1.84 -2.63 -9.07
C LEU A 80 -1.69 -3.90 -9.89
N THR A 81 -2.47 -3.98 -10.95
CA THR A 81 -2.43 -5.14 -11.83
C THR A 81 -1.78 -4.78 -13.17
N SER A 82 -1.54 -3.49 -13.35
CA SER A 82 -0.93 -3.00 -14.57
C SER A 82 0.36 -2.24 -14.25
N SER A 83 1.46 -2.99 -14.21
CA SER A 83 2.75 -2.41 -13.91
C SER A 83 3.72 -3.50 -13.44
N SER A 84 4.89 -3.51 -14.05
CA SER A 84 5.91 -4.48 -13.70
C SER A 84 6.82 -3.92 -12.61
N ARG A 85 6.29 -2.95 -11.88
CA ARG A 85 7.04 -2.33 -10.80
C ARG A 85 6.19 -1.25 -10.12
N LEU A 86 5.37 -1.70 -9.18
CA LEU A 86 4.50 -0.79 -8.45
C LEU A 86 5.28 -0.20 -7.27
N HIS A 87 5.03 1.09 -7.04
CA HIS A 87 5.70 1.78 -5.95
C HIS A 87 4.66 2.35 -4.99
N MET A 88 4.30 1.54 -4.01
CA MET A 88 3.31 1.95 -3.01
C MET A 88 3.98 2.61 -1.81
N MET A 89 3.31 3.62 -1.28
CA MET A 89 3.84 4.34 -0.13
C MET A 89 2.78 4.43 0.98
N VAL A 90 3.11 3.82 2.12
CA VAL A 90 2.20 3.84 3.25
C VAL A 90 2.70 4.85 4.28
N ARG A 91 1.76 5.30 5.11
CA ARG A 91 2.09 6.27 6.14
C ARG A 91 2.03 5.62 7.52
N ARG A 92 3.17 5.64 8.20
CA ARG A 92 3.26 5.06 9.53
C ARG A 92 3.70 6.12 10.54
N MET A 93 3.19 5.98 11.76
CA MET A 93 3.53 6.91 12.82
C MET A 93 4.40 6.24 13.88
N GLY A 94 4.52 4.93 13.76
CA GLY A 94 5.33 4.16 14.70
C GLY A 94 4.44 3.21 15.53
N SER A 95 4.41 1.97 15.09
CA SER A 95 3.62 0.96 15.77
C SER A 95 3.59 -0.33 14.96
N GLY A 96 3.54 -1.45 15.68
CA GLY A 96 3.52 -2.75 15.03
C GLY A 96 2.72 -3.76 15.86
N PRO A 97 1.63 -4.28 15.24
CA PRO A 97 0.78 -5.25 15.91
C PRO A 97 1.46 -6.63 15.97
N SER A 98 0.99 -7.44 16.90
CA SER A 98 1.54 -8.78 17.08
C SER A 98 0.47 -9.70 17.68
N SER A 99 0.44 -10.92 17.16
CA SER A 99 -0.52 -11.90 17.64
C SER A 99 -0.35 -13.22 16.86
N GLY A 100 -0.50 -13.12 15.56
CA GLY A 100 -0.37 -14.29 14.70
C GLY A 100 0.33 -13.93 13.39
N GLY A 1 11.91 26.51 23.99
CA GLY A 1 11.73 25.27 23.26
C GLY A 1 10.77 24.33 23.98
N SER A 2 9.91 23.69 23.20
CA SER A 2 8.94 22.77 23.75
C SER A 2 9.00 21.43 23.01
N SER A 3 9.22 20.38 23.79
CA SER A 3 9.31 19.05 23.22
C SER A 3 8.06 18.24 23.58
N GLY A 4 7.68 17.36 22.67
CA GLY A 4 6.51 16.52 22.89
C GLY A 4 6.91 15.08 23.19
N SER A 5 7.17 14.33 22.12
CA SER A 5 7.55 12.94 22.25
C SER A 5 8.54 12.57 21.15
N SER A 6 8.09 12.76 19.91
CA SER A 6 8.93 12.45 18.76
C SER A 6 8.15 12.72 17.47
N GLY A 7 7.08 11.97 17.29
CA GLY A 7 6.24 12.13 16.11
C GLY A 7 7.10 12.32 14.86
N SER A 8 7.56 11.19 14.32
CA SER A 8 8.38 11.22 13.12
C SER A 8 7.50 11.21 11.87
N ASP A 9 6.76 10.12 11.72
CA ASP A 9 5.88 9.98 10.57
C ASP A 9 6.70 10.01 9.28
N ILE A 10 6.98 8.82 8.76
CA ILE A 10 7.75 8.71 7.54
C ILE A 10 6.99 7.82 6.54
N ILE A 11 7.37 7.94 5.29
CA ILE A 11 6.74 7.16 4.23
C ILE A 11 7.53 5.87 4.02
N HIS A 12 6.82 4.84 3.58
CA HIS A 12 7.44 3.55 3.33
C HIS A 12 7.52 3.29 1.83
N SER A 13 8.66 2.77 1.41
CA SER A 13 8.87 2.47 0.00
C SER A 13 8.88 0.96 -0.22
N VAL A 14 8.08 0.52 -1.19
CA VAL A 14 7.99 -0.89 -1.50
C VAL A 14 7.77 -1.05 -3.01
N ARG A 15 8.28 -2.17 -3.53
CA ARG A 15 8.15 -2.44 -4.94
C ARG A 15 7.59 -3.86 -5.16
N VAL A 16 6.32 -3.92 -5.52
CA VAL A 16 5.66 -5.20 -5.75
C VAL A 16 5.68 -5.51 -7.24
N GLU A 17 6.35 -6.60 -7.58
CA GLU A 17 6.46 -7.03 -8.96
C GLU A 17 5.20 -7.79 -9.38
N LYS A 18 4.95 -7.79 -10.68
CA LYS A 18 3.79 -8.47 -11.22
C LYS A 18 4.01 -9.99 -11.14
N SER A 19 3.10 -10.65 -10.45
CA SER A 19 3.18 -12.09 -10.29
C SER A 19 2.14 -12.78 -11.17
N PRO A 20 2.42 -14.06 -11.51
CA PRO A 20 1.51 -14.83 -12.34
C PRO A 20 0.29 -15.29 -11.55
N ALA A 21 -0.56 -14.32 -11.22
CA ALA A 21 -1.75 -14.61 -10.46
C ALA A 21 -2.85 -13.59 -10.83
N GLY A 22 -4.05 -13.87 -10.36
CA GLY A 22 -5.18 -12.99 -10.64
C GLY A 22 -5.20 -11.81 -9.68
N ARG A 23 -5.22 -12.13 -8.38
CA ARG A 23 -5.24 -11.10 -7.36
C ARG A 23 -3.82 -10.75 -6.93
N LEU A 24 -3.62 -9.49 -6.58
CA LEU A 24 -2.32 -9.02 -6.15
C LEU A 24 -1.80 -9.93 -5.03
N GLY A 25 -0.48 -9.94 -4.89
CA GLY A 25 0.15 -10.75 -3.87
C GLY A 25 -0.37 -10.40 -2.48
N PHE A 26 -1.03 -9.26 -2.39
CA PHE A 26 -1.58 -8.80 -1.14
C PHE A 26 -3.07 -8.48 -1.27
N SER A 27 -3.78 -8.57 -0.15
CA SER A 27 -5.20 -8.30 -0.14
C SER A 27 -5.47 -6.95 0.52
N VAL A 28 -6.30 -6.15 -0.14
CA VAL A 28 -6.65 -4.84 0.37
C VAL A 28 -8.12 -4.83 0.78
N ARG A 29 -8.44 -3.92 1.69
CA ARG A 29 -9.81 -3.79 2.17
C ARG A 29 -10.27 -2.33 2.09
N GLY A 30 -11.58 -2.17 2.04
CA GLY A 30 -12.16 -0.83 1.96
C GLY A 30 -12.26 -0.37 0.50
N GLY A 31 -11.98 0.91 0.30
CA GLY A 31 -12.04 1.50 -1.02
C GLY A 31 -13.20 2.48 -1.15
N SER A 32 -12.89 3.75 -0.99
CA SER A 32 -13.89 4.79 -1.08
C SER A 32 -15.15 4.38 -0.29
N GLU A 33 -15.11 4.67 1.01
CA GLU A 33 -16.22 4.34 1.87
C GLU A 33 -16.58 5.53 2.76
N HIS A 34 -15.56 6.09 3.39
CA HIS A 34 -15.74 7.24 4.26
C HIS A 34 -14.73 8.33 3.90
N GLY A 35 -14.23 8.25 2.68
CA GLY A 35 -13.25 9.22 2.22
C GLY A 35 -11.83 8.80 2.60
N LEU A 36 -11.54 7.53 2.37
CA LEU A 36 -10.23 6.99 2.69
C LEU A 36 -9.60 6.40 1.43
N GLY A 37 -8.39 5.90 1.59
CA GLY A 37 -7.67 5.30 0.47
C GLY A 37 -7.75 3.77 0.51
N ILE A 38 -6.71 3.15 -0.01
CA ILE A 38 -6.65 1.69 -0.03
C ILE A 38 -5.80 1.21 1.13
N PHE A 39 -6.28 0.15 1.79
CA PHE A 39 -5.58 -0.42 2.92
C PHE A 39 -5.27 -1.89 2.67
N VAL A 40 -4.27 -2.39 3.41
CA VAL A 40 -3.87 -3.78 3.28
C VAL A 40 -4.59 -4.61 4.33
N SER A 41 -4.87 -5.85 3.96
CA SER A 41 -5.56 -6.76 4.86
C SER A 41 -4.74 -8.04 5.04
N LYS A 42 -4.31 -8.61 3.92
CA LYS A 42 -3.53 -9.82 3.94
C LYS A 42 -2.39 -9.71 2.91
N VAL A 43 -1.33 -10.47 3.16
CA VAL A 43 -0.19 -10.45 2.28
C VAL A 43 0.32 -11.89 2.10
N GLU A 44 0.00 -12.46 0.95
CA GLU A 44 0.41 -13.82 0.63
C GLU A 44 1.87 -14.02 1.02
N GLU A 45 2.10 -15.03 1.86
CA GLU A 45 3.44 -15.34 2.31
C GLU A 45 4.30 -15.81 1.13
N GLY A 46 5.61 -15.78 1.35
CA GLY A 46 6.54 -16.20 0.31
C GLY A 46 6.18 -15.59 -1.04
N SER A 47 5.55 -14.43 -0.97
CA SER A 47 5.14 -13.73 -2.18
C SER A 47 6.06 -12.54 -2.44
N SER A 48 5.76 -11.81 -3.50
CA SER A 48 6.55 -10.65 -3.86
C SER A 48 6.27 -9.50 -2.89
N ALA A 49 5.02 -9.44 -2.43
CA ALA A 49 4.61 -8.41 -1.51
C ALA A 49 5.44 -8.53 -0.22
N GLU A 50 5.16 -9.58 0.52
CA GLU A 50 5.87 -9.82 1.77
C GLU A 50 7.37 -9.57 1.59
N ARG A 51 7.83 -9.82 0.38
CA ARG A 51 9.23 -9.63 0.06
C ARG A 51 9.52 -8.15 -0.22
N ALA A 52 8.58 -7.52 -0.91
CA ALA A 52 8.72 -6.12 -1.25
C ALA A 52 8.71 -5.29 0.04
N GLY A 53 8.15 -5.87 1.08
CA GLY A 53 8.07 -5.20 2.37
C GLY A 53 6.61 -5.01 2.80
N LEU A 54 5.72 -5.26 1.86
CA LEU A 54 4.29 -5.12 2.13
C LEU A 54 3.86 -6.20 3.11
N CYS A 55 3.23 -5.75 4.20
CA CYS A 55 2.76 -6.68 5.21
C CYS A 55 1.32 -6.30 5.57
N VAL A 56 0.81 -6.94 6.62
CA VAL A 56 -0.55 -6.67 7.07
C VAL A 56 -0.53 -5.52 8.07
N GLY A 57 -1.56 -4.69 7.99
CA GLY A 57 -1.67 -3.55 8.89
C GLY A 57 -1.02 -2.31 8.28
N ASP A 58 -1.27 -2.12 6.98
CA ASP A 58 -0.70 -0.98 6.28
C ASP A 58 -1.83 -0.21 5.59
N LYS A 59 -1.54 1.05 5.28
CA LYS A 59 -2.52 1.89 4.63
C LYS A 59 -1.87 2.58 3.42
N ILE A 60 -2.10 1.98 2.25
CA ILE A 60 -1.54 2.51 1.02
C ILE A 60 -2.24 3.83 0.68
N THR A 61 -1.46 4.91 0.72
CA THR A 61 -1.99 6.22 0.42
C THR A 61 -1.75 6.57 -1.05
N GLU A 62 -0.64 6.06 -1.57
CA GLU A 62 -0.29 6.31 -2.97
C GLU A 62 0.44 5.10 -3.55
N VAL A 63 0.33 4.97 -4.87
CA VAL A 63 0.98 3.87 -5.55
C VAL A 63 1.52 4.36 -6.90
N ASN A 64 2.65 3.80 -7.29
CA ASN A 64 3.27 4.17 -8.56
C ASN A 64 3.12 5.67 -8.78
N GLY A 65 3.13 6.40 -7.67
CA GLY A 65 2.99 7.85 -7.72
C GLY A 65 1.53 8.26 -7.66
N LEU A 66 0.70 7.54 -8.41
CA LEU A 66 -0.72 7.82 -8.46
C LEU A 66 -1.29 7.74 -7.03
N SER A 67 -1.85 8.85 -6.60
CA SER A 67 -2.44 8.91 -5.26
C SER A 67 -3.76 8.14 -5.24
N LEU A 68 -3.88 7.29 -4.23
CA LEU A 68 -5.09 6.49 -4.07
C LEU A 68 -5.88 7.00 -2.87
N GLU A 69 -5.78 8.31 -2.64
CA GLU A 69 -6.48 8.92 -1.53
C GLU A 69 -7.90 9.31 -1.95
N SER A 70 -8.85 8.48 -1.56
CA SER A 70 -10.25 8.72 -1.89
C SER A 70 -10.56 8.16 -3.28
N THR A 71 -9.78 7.16 -3.67
CA THR A 71 -9.96 6.54 -4.98
C THR A 71 -10.68 5.20 -4.83
N THR A 72 -11.47 4.87 -5.85
CA THR A 72 -12.21 3.62 -5.84
C THR A 72 -11.25 2.43 -5.84
N MET A 73 -11.81 1.26 -5.53
CA MET A 73 -11.02 0.05 -5.48
C MET A 73 -10.68 -0.44 -6.89
N GLY A 74 -11.72 -0.61 -7.70
CA GLY A 74 -11.55 -1.07 -9.07
C GLY A 74 -10.33 -0.40 -9.71
N SER A 75 -10.47 0.89 -9.97
CA SER A 75 -9.40 1.66 -10.58
C SER A 75 -8.06 1.24 -9.98
N ALA A 76 -7.98 1.32 -8.67
CA ALA A 76 -6.76 0.97 -7.96
C ALA A 76 -6.33 -0.44 -8.39
N VAL A 77 -7.23 -1.38 -8.23
CA VAL A 77 -6.96 -2.76 -8.59
C VAL A 77 -6.30 -2.79 -9.96
N LYS A 78 -6.94 -2.13 -10.92
CA LYS A 78 -6.41 -2.08 -12.27
C LYS A 78 -4.92 -1.77 -12.23
N VAL A 79 -4.61 -0.54 -11.88
CA VAL A 79 -3.22 -0.10 -11.79
C VAL A 79 -2.44 -1.08 -10.90
N LEU A 80 -3.09 -1.51 -9.84
CA LEU A 80 -2.48 -2.44 -8.91
C LEU A 80 -2.15 -3.74 -9.64
N THR A 81 -2.92 -4.01 -10.69
CA THR A 81 -2.72 -5.20 -11.48
C THR A 81 -2.16 -4.85 -12.86
N SER A 82 -1.85 -3.57 -13.03
CA SER A 82 -1.32 -3.09 -14.29
C SER A 82 -0.01 -2.33 -14.06
N SER A 83 1.09 -3.06 -14.19
CA SER A 83 2.41 -2.46 -13.99
C SER A 83 3.43 -3.56 -13.70
N SER A 84 4.69 -3.17 -13.79
CA SER A 84 5.79 -4.11 -13.55
C SER A 84 6.58 -3.68 -12.32
N ARG A 85 6.22 -2.51 -11.80
CA ARG A 85 6.89 -1.97 -10.64
C ARG A 85 5.97 -1.00 -9.89
N LEU A 86 5.18 -1.56 -8.98
CA LEU A 86 4.26 -0.76 -8.20
C LEU A 86 4.99 -0.16 -7.00
N HIS A 87 4.87 1.16 -6.88
CA HIS A 87 5.52 1.85 -5.78
C HIS A 87 4.47 2.37 -4.79
N MET A 88 4.12 1.51 -3.85
CA MET A 88 3.12 1.86 -2.85
C MET A 88 3.78 2.50 -1.62
N MET A 89 3.18 3.59 -1.18
CA MET A 89 3.69 4.31 -0.01
C MET A 89 2.62 4.41 1.08
N VAL A 90 2.95 3.84 2.23
CA VAL A 90 2.03 3.85 3.36
C VAL A 90 2.50 4.92 4.37
N ARG A 91 1.55 5.36 5.18
CA ARG A 91 1.84 6.37 6.18
C ARG A 91 1.74 5.77 7.58
N ARG A 92 2.91 5.61 8.20
CA ARG A 92 2.97 5.05 9.54
C ARG A 92 3.26 6.15 10.57
N MET A 93 2.58 6.05 11.70
CA MET A 93 2.75 7.03 12.77
C MET A 93 3.22 6.35 14.05
N GLY A 94 4.26 6.93 14.64
CA GLY A 94 4.82 6.40 15.88
C GLY A 94 5.53 5.06 15.63
N SER A 95 6.26 4.62 16.64
CA SER A 95 6.99 3.37 16.55
C SER A 95 7.53 2.97 17.93
N GLY A 96 7.60 1.67 18.15
CA GLY A 96 8.09 1.15 19.41
C GLY A 96 8.36 -0.35 19.31
N PRO A 97 7.29 -1.15 19.57
CA PRO A 97 7.40 -2.60 19.52
C PRO A 97 7.46 -3.09 18.07
N SER A 98 8.06 -4.26 17.91
CA SER A 98 8.19 -4.85 16.58
C SER A 98 8.98 -6.16 16.67
N SER A 99 8.32 -7.24 16.29
CA SER A 99 8.94 -8.55 16.31
C SER A 99 8.71 -9.27 14.98
N GLY A 100 9.71 -10.04 14.58
CA GLY A 100 9.62 -10.78 13.33
C GLY A 100 10.85 -10.53 12.47
N GLY A 1 7.79 31.20 3.48
CA GLY A 1 6.91 30.20 4.08
C GLY A 1 7.71 29.07 4.71
N SER A 2 7.24 28.62 5.86
CA SER A 2 7.91 27.55 6.58
C SER A 2 7.10 26.25 6.44
N SER A 3 7.81 25.13 6.53
CA SER A 3 7.17 23.84 6.42
C SER A 3 7.42 23.02 7.69
N GLY A 4 8.69 22.83 8.00
CA GLY A 4 9.07 22.07 9.18
C GLY A 4 9.92 20.86 8.81
N SER A 5 10.00 19.93 9.75
CA SER A 5 10.78 18.71 9.54
C SER A 5 10.10 17.53 10.22
N SER A 6 9.91 17.68 11.53
CA SER A 6 9.26 16.63 12.31
C SER A 6 10.07 15.33 12.20
N GLY A 7 9.90 14.49 13.20
CA GLY A 7 10.60 13.22 13.24
C GLY A 7 9.75 12.14 13.92
N SER A 8 9.04 11.38 13.10
CA SER A 8 8.19 10.32 13.61
C SER A 8 7.45 9.64 12.46
N ASP A 9 6.62 10.43 11.79
CA ASP A 9 5.83 9.93 10.67
C ASP A 9 6.71 9.94 9.41
N ILE A 10 6.92 8.75 8.87
CA ILE A 10 7.72 8.59 7.66
C ILE A 10 6.99 7.71 6.67
N ILE A 11 7.40 7.81 5.41
CA ILE A 11 6.79 7.03 4.35
C ILE A 11 7.61 5.75 4.12
N HIS A 12 6.91 4.67 3.86
CA HIS A 12 7.56 3.39 3.62
C HIS A 12 7.62 3.12 2.12
N SER A 13 8.82 2.84 1.64
CA SER A 13 9.03 2.56 0.23
C SER A 13 8.99 1.05 -0.01
N VAL A 14 8.16 0.65 -0.96
CA VAL A 14 8.04 -0.76 -1.30
C VAL A 14 7.78 -0.90 -2.81
N ARG A 15 8.23 -2.03 -3.34
CA ARG A 15 8.06 -2.29 -4.76
C ARG A 15 7.57 -3.72 -4.98
N VAL A 16 6.32 -3.84 -5.38
CA VAL A 16 5.73 -5.14 -5.64
C VAL A 16 5.75 -5.43 -7.13
N GLU A 17 5.97 -6.70 -7.45
CA GLU A 17 6.02 -7.13 -8.84
C GLU A 17 4.67 -7.69 -9.27
N LYS A 18 4.53 -7.87 -10.58
CA LYS A 18 3.30 -8.40 -11.14
C LYS A 18 3.25 -9.91 -10.92
N SER A 19 2.17 -10.36 -10.30
CA SER A 19 1.99 -11.78 -10.03
C SER A 19 1.35 -12.47 -11.24
N PRO A 20 1.77 -13.74 -11.45
CA PRO A 20 1.25 -14.52 -12.56
C PRO A 20 -0.17 -15.00 -12.29
N ALA A 21 -0.38 -15.46 -11.06
CA ALA A 21 -1.68 -15.96 -10.66
C ALA A 21 -2.75 -14.93 -11.07
N GLY A 22 -2.60 -13.73 -10.54
CA GLY A 22 -3.55 -12.67 -10.84
C GLY A 22 -3.66 -11.69 -9.67
N ARG A 23 -4.52 -12.06 -8.72
CA ARG A 23 -4.73 -11.23 -7.54
C ARG A 23 -3.39 -10.76 -6.97
N LEU A 24 -3.34 -9.50 -6.60
CA LEU A 24 -2.14 -8.93 -6.03
C LEU A 24 -1.59 -9.85 -4.95
N GLY A 25 -0.28 -9.79 -4.75
CA GLY A 25 0.36 -10.62 -3.75
C GLY A 25 -0.11 -10.26 -2.34
N PHE A 26 -0.83 -9.15 -2.27
CA PHE A 26 -1.35 -8.68 -0.99
C PHE A 26 -2.86 -8.48 -1.06
N SER A 27 -3.49 -8.57 0.10
CA SER A 27 -4.93 -8.40 0.20
C SER A 27 -5.26 -7.03 0.79
N VAL A 28 -5.95 -6.24 -0.01
CA VAL A 28 -6.34 -4.90 0.42
C VAL A 28 -7.85 -4.87 0.69
N ARG A 29 -8.22 -4.11 1.70
CA ARG A 29 -9.62 -3.99 2.07
C ARG A 29 -10.10 -2.55 1.83
N GLY A 30 -11.42 -2.43 1.67
CA GLY A 30 -12.02 -1.13 1.44
C GLY A 30 -12.75 -1.09 0.10
N GLY A 31 -13.11 0.12 -0.31
CA GLY A 31 -13.81 0.31 -1.57
C GLY A 31 -14.03 1.79 -1.86
N SER A 32 -15.30 2.17 -1.96
CA SER A 32 -15.65 3.55 -2.24
C SER A 32 -16.82 3.98 -1.35
N GLU A 33 -16.49 4.42 -0.15
CA GLU A 33 -17.51 4.86 0.80
C GLU A 33 -16.86 5.64 1.94
N HIS A 34 -17.60 6.63 2.42
CA HIS A 34 -17.12 7.47 3.51
C HIS A 34 -16.01 8.39 2.99
N GLY A 35 -14.96 7.78 2.49
CA GLY A 35 -13.82 8.54 1.97
C GLY A 35 -12.50 7.99 2.51
N LEU A 36 -12.24 6.74 2.21
CA LEU A 36 -11.01 6.09 2.65
C LEU A 36 -10.32 5.45 1.45
N GLY A 37 -9.00 5.55 1.45
CA GLY A 37 -8.20 4.98 0.38
C GLY A 37 -8.23 3.45 0.42
N ILE A 38 -7.07 2.86 0.20
CA ILE A 38 -6.95 1.41 0.22
C ILE A 38 -6.06 0.99 1.39
N PHE A 39 -6.56 0.03 2.16
CA PHE A 39 -5.82 -0.47 3.30
C PHE A 39 -5.52 -1.96 3.16
N VAL A 40 -4.31 -2.33 3.56
CA VAL A 40 -3.88 -3.72 3.48
C VAL A 40 -4.54 -4.52 4.61
N SER A 41 -4.94 -5.73 4.28
CA SER A 41 -5.58 -6.61 5.26
C SER A 41 -4.74 -7.87 5.45
N LYS A 42 -4.38 -8.48 4.33
CA LYS A 42 -3.59 -9.70 4.36
C LYS A 42 -2.46 -9.59 3.34
N VAL A 43 -1.42 -10.40 3.56
CA VAL A 43 -0.28 -10.40 2.66
C VAL A 43 0.15 -11.84 2.41
N GLU A 44 -0.07 -12.28 1.17
CA GLU A 44 0.29 -13.64 0.80
C GLU A 44 1.76 -13.90 1.10
N GLU A 45 2.02 -15.03 1.74
CA GLU A 45 3.37 -15.41 2.11
C GLU A 45 4.16 -15.77 0.84
N GLY A 46 5.48 -15.82 1.01
CA GLY A 46 6.36 -16.16 -0.09
C GLY A 46 5.90 -15.47 -1.38
N SER A 47 5.28 -14.32 -1.21
CA SER A 47 4.79 -13.56 -2.35
C SER A 47 5.73 -12.39 -2.64
N SER A 48 5.35 -11.61 -3.65
CA SER A 48 6.15 -10.46 -4.04
C SER A 48 5.97 -9.33 -3.02
N ALA A 49 4.75 -9.24 -2.50
CA ALA A 49 4.44 -8.21 -1.52
C ALA A 49 5.27 -8.44 -0.26
N GLU A 50 4.98 -9.56 0.40
CA GLU A 50 5.69 -9.90 1.62
C GLU A 50 7.20 -9.69 1.44
N ARG A 51 7.64 -9.84 0.20
CA ARG A 51 9.04 -9.66 -0.12
C ARG A 51 9.35 -8.19 -0.41
N ALA A 52 8.37 -7.53 -1.03
CA ALA A 52 8.52 -6.13 -1.36
C ALA A 52 8.63 -5.31 -0.08
N GLY A 53 8.13 -5.89 1.00
CA GLY A 53 8.18 -5.23 2.29
C GLY A 53 6.76 -4.98 2.81
N LEU A 54 5.78 -5.25 1.97
CA LEU A 54 4.39 -5.06 2.33
C LEU A 54 3.98 -6.14 3.34
N CYS A 55 3.39 -5.69 4.43
CA CYS A 55 2.94 -6.61 5.46
C CYS A 55 1.51 -6.23 5.86
N VAL A 56 1.03 -6.86 6.92
CA VAL A 56 -0.31 -6.60 7.40
C VAL A 56 -0.28 -5.40 8.35
N GLY A 57 -1.34 -4.60 8.27
CA GLY A 57 -1.44 -3.42 9.11
C GLY A 57 -0.83 -2.21 8.42
N ASP A 58 -1.01 -2.16 7.10
CA ASP A 58 -0.49 -1.05 6.32
C ASP A 58 -1.63 -0.40 5.53
N LYS A 59 -1.50 0.91 5.35
CA LYS A 59 -2.51 1.65 4.62
C LYS A 59 -1.85 2.36 3.43
N ILE A 60 -2.15 1.86 2.24
CA ILE A 60 -1.60 2.43 1.03
C ILE A 60 -2.29 3.77 0.73
N THR A 61 -1.49 4.82 0.70
CA THR A 61 -2.01 6.15 0.44
C THR A 61 -1.72 6.55 -1.01
N GLU A 62 -0.77 5.86 -1.61
CA GLU A 62 -0.40 6.13 -2.98
C GLU A 62 0.30 4.92 -3.60
N VAL A 63 0.29 4.87 -4.92
CA VAL A 63 0.92 3.77 -5.64
C VAL A 63 1.28 4.23 -7.06
N ASN A 64 2.47 3.84 -7.48
CA ASN A 64 2.94 4.20 -8.81
C ASN A 64 2.75 5.71 -9.01
N GLY A 65 2.71 6.43 -7.90
CA GLY A 65 2.54 7.87 -7.95
C GLY A 65 1.06 8.26 -7.75
N LEU A 66 0.20 7.51 -8.42
CA LEU A 66 -1.23 7.76 -8.33
C LEU A 66 -1.68 7.61 -6.88
N SER A 67 -2.30 8.67 -6.37
CA SER A 67 -2.78 8.66 -5.00
C SER A 67 -4.14 7.96 -4.93
N LEU A 68 -4.31 7.19 -3.86
CA LEU A 68 -5.56 6.46 -3.65
C LEU A 68 -6.28 7.02 -2.42
N GLU A 69 -6.10 8.32 -2.22
CA GLU A 69 -6.72 8.98 -1.08
C GLU A 69 -8.15 9.41 -1.43
N SER A 70 -8.59 8.96 -2.60
CA SER A 70 -9.94 9.29 -3.06
C SER A 70 -10.21 8.62 -4.40
N THR A 71 -9.85 7.34 -4.47
CA THR A 71 -10.04 6.58 -5.69
C THR A 71 -10.76 5.26 -5.39
N THR A 72 -11.43 4.74 -6.41
CA THR A 72 -12.16 3.49 -6.27
C THR A 72 -11.20 2.30 -6.31
N MET A 73 -11.57 1.25 -5.58
CA MET A 73 -10.76 0.06 -5.52
C MET A 73 -10.32 -0.37 -6.92
N GLY A 74 -11.30 -0.55 -7.79
CA GLY A 74 -11.03 -0.96 -9.15
C GLY A 74 -9.78 -0.26 -9.70
N SER A 75 -9.91 1.04 -9.91
CA SER A 75 -8.81 1.83 -10.43
C SER A 75 -7.50 1.36 -9.79
N ALA A 76 -7.46 1.44 -8.47
CA ALA A 76 -6.27 1.04 -7.73
C ALA A 76 -5.79 -0.32 -8.24
N VAL A 77 -6.75 -1.22 -8.42
CA VAL A 77 -6.44 -2.56 -8.91
C VAL A 77 -5.98 -2.46 -10.37
N LYS A 78 -6.77 -1.79 -11.18
CA LYS A 78 -6.46 -1.63 -12.59
C LYS A 78 -4.99 -1.24 -12.73
N VAL A 79 -4.47 -0.60 -11.69
CA VAL A 79 -3.08 -0.18 -11.69
C VAL A 79 -2.21 -1.26 -11.05
N LEU A 80 -2.69 -1.77 -9.92
CA LEU A 80 -1.98 -2.81 -9.21
C LEU A 80 -1.88 -4.05 -10.09
N THR A 81 -2.67 -4.04 -11.15
CA THR A 81 -2.69 -5.16 -12.09
C THR A 81 -2.03 -4.75 -13.41
N SER A 82 -1.50 -3.54 -13.43
CA SER A 82 -0.85 -3.03 -14.62
C SER A 82 0.42 -2.26 -14.24
N SER A 83 1.54 -2.98 -14.24
CA SER A 83 2.81 -2.38 -13.90
C SER A 83 3.81 -3.47 -13.49
N SER A 84 4.98 -3.42 -14.11
CA SER A 84 6.03 -4.38 -13.83
C SER A 84 6.77 -4.00 -12.55
N ARG A 85 6.39 -2.86 -12.00
CA ARG A 85 7.01 -2.36 -10.79
C ARG A 85 6.13 -1.29 -10.14
N LEU A 86 5.34 -1.74 -9.17
CA LEU A 86 4.45 -0.84 -8.45
C LEU A 86 5.22 -0.15 -7.33
N HIS A 87 4.84 1.09 -7.07
CA HIS A 87 5.48 1.87 -6.02
C HIS A 87 4.43 2.40 -5.05
N MET A 88 4.14 1.60 -4.04
CA MET A 88 3.15 1.97 -3.04
C MET A 88 3.81 2.70 -1.88
N MET A 89 3.06 3.64 -1.31
CA MET A 89 3.56 4.42 -0.18
C MET A 89 2.54 4.43 0.96
N VAL A 90 2.95 3.85 2.08
CA VAL A 90 2.08 3.79 3.25
C VAL A 90 2.54 4.84 4.27
N ARG A 91 1.60 5.24 5.12
CA ARG A 91 1.90 6.23 6.14
C ARG A 91 1.88 5.58 7.53
N ARG A 92 3.06 5.50 8.12
CA ARG A 92 3.20 4.90 9.44
C ARG A 92 3.61 5.97 10.46
N MET A 93 2.76 6.14 11.46
CA MET A 93 3.04 7.12 12.50
C MET A 93 3.22 6.43 13.86
N GLY A 94 2.71 5.21 13.95
CA GLY A 94 2.82 4.44 15.18
C GLY A 94 1.68 3.45 15.31
N SER A 95 1.71 2.68 16.38
CA SER A 95 0.69 1.68 16.63
C SER A 95 0.68 0.65 15.50
N GLY A 96 0.59 -0.61 15.91
CA GLY A 96 0.57 -1.70 14.94
C GLY A 96 0.66 -3.06 15.64
N PRO A 97 -0.53 -3.70 15.81
CA PRO A 97 -0.61 -4.99 16.46
C PRO A 97 -0.11 -6.10 15.53
N SER A 98 0.17 -7.24 16.14
CA SER A 98 0.65 -8.39 15.38
C SER A 98 0.81 -9.60 16.31
N SER A 99 -0.12 -10.53 16.18
CA SER A 99 -0.10 -11.73 17.00
C SER A 99 0.87 -12.75 16.39
N GLY A 100 1.51 -12.34 15.31
CA GLY A 100 2.46 -13.21 14.64
C GLY A 100 3.02 -12.53 13.38
N GLY A 1 -4.69 26.47 5.66
CA GLY A 1 -4.85 27.01 7.00
C GLY A 1 -3.50 27.41 7.59
N SER A 2 -3.06 26.62 8.56
CA SER A 2 -1.79 26.87 9.23
C SER A 2 -0.98 25.57 9.31
N SER A 3 0.27 25.72 9.70
CA SER A 3 1.16 24.58 9.83
C SER A 3 1.93 24.66 11.15
N GLY A 4 2.14 23.49 11.75
CA GLY A 4 2.86 23.42 13.01
C GLY A 4 3.63 22.11 13.12
N SER A 5 3.77 21.64 14.36
CA SER A 5 4.49 20.40 14.61
C SER A 5 3.96 19.29 13.69
N SER A 6 4.72 18.21 13.63
CA SER A 6 4.35 17.08 12.80
C SER A 6 4.41 15.79 13.61
N GLY A 7 5.61 15.48 14.08
CA GLY A 7 5.82 14.29 14.87
C GLY A 7 6.50 13.19 14.04
N SER A 8 6.47 11.98 14.57
CA SER A 8 7.07 10.84 13.89
C SER A 8 6.14 10.32 12.81
N ASP A 9 6.59 10.46 11.57
CA ASP A 9 5.80 10.00 10.44
C ASP A 9 6.66 10.07 9.17
N ILE A 10 6.81 8.91 8.53
CA ILE A 10 7.59 8.83 7.31
C ILE A 10 6.89 7.91 6.31
N ILE A 11 7.25 8.07 5.05
CA ILE A 11 6.66 7.27 4.00
C ILE A 11 7.47 6.00 3.81
N HIS A 12 6.76 4.89 3.59
CA HIS A 12 7.41 3.61 3.40
C HIS A 12 7.49 3.30 1.90
N SER A 13 8.65 2.79 1.51
CA SER A 13 8.87 2.44 0.11
C SER A 13 8.84 0.92 -0.06
N VAL A 14 8.08 0.48 -1.05
CA VAL A 14 7.95 -0.94 -1.33
C VAL A 14 7.81 -1.15 -2.84
N ARG A 15 8.33 -2.28 -3.30
CA ARG A 15 8.27 -2.61 -4.71
C ARG A 15 7.71 -4.02 -4.91
N VAL A 16 6.51 -4.07 -5.46
CA VAL A 16 5.86 -5.35 -5.72
C VAL A 16 5.85 -5.63 -7.21
N GLU A 17 5.90 -6.92 -7.54
CA GLU A 17 5.90 -7.34 -8.93
C GLU A 17 4.47 -7.58 -9.41
N LYS A 18 4.32 -7.69 -10.73
CA LYS A 18 3.03 -7.94 -11.32
C LYS A 18 2.76 -9.44 -11.37
N SER A 19 1.52 -9.80 -11.08
CA SER A 19 1.12 -11.20 -11.09
C SER A 19 0.63 -11.59 -12.47
N PRO A 20 0.85 -12.88 -12.82
CA PRO A 20 0.43 -13.39 -14.12
C PRO A 20 -1.09 -13.61 -14.15
N ALA A 21 -1.82 -12.53 -13.96
CA ALA A 21 -3.27 -12.58 -13.96
C ALA A 21 -3.74 -13.45 -12.80
N GLY A 22 -4.20 -12.78 -11.75
CA GLY A 22 -4.69 -13.47 -10.57
C GLY A 22 -5.06 -12.48 -9.47
N ARG A 23 -4.04 -12.03 -8.75
CA ARG A 23 -4.24 -11.08 -7.67
C ARG A 23 -2.89 -10.70 -7.04
N LEU A 24 -2.80 -9.44 -6.64
CA LEU A 24 -1.59 -8.94 -6.03
C LEU A 24 -1.11 -9.92 -4.96
N GLY A 25 0.16 -9.80 -4.61
CA GLY A 25 0.74 -10.66 -3.61
C GLY A 25 0.13 -10.40 -2.23
N PHE A 26 -0.66 -9.34 -2.16
CA PHE A 26 -1.31 -8.97 -0.92
C PHE A 26 -2.80 -8.70 -1.13
N SER A 27 -3.55 -8.82 -0.05
CA SER A 27 -4.98 -8.60 -0.10
C SER A 27 -5.33 -7.27 0.56
N VAL A 28 -6.10 -6.46 -0.17
CA VAL A 28 -6.51 -5.16 0.34
C VAL A 28 -8.01 -5.18 0.64
N ARG A 29 -8.40 -4.36 1.59
CA ARG A 29 -9.81 -4.28 1.98
C ARG A 29 -10.45 -3.03 1.36
N GLY A 30 -11.76 -3.13 1.14
CA GLY A 30 -12.50 -2.02 0.56
C GLY A 30 -12.44 -0.79 1.46
N GLY A 31 -12.27 0.36 0.82
CA GLY A 31 -12.19 1.61 1.54
C GLY A 31 -13.58 2.23 1.71
N SER A 32 -14.53 1.38 2.09
CA SER A 32 -15.89 1.84 2.30
C SER A 32 -16.17 2.01 3.79
N GLU A 33 -17.43 2.29 4.10
CA GLU A 33 -17.83 2.48 5.48
C GLU A 33 -17.19 3.74 6.06
N HIS A 34 -15.90 3.63 6.34
CA HIS A 34 -15.15 4.75 6.89
C HIS A 34 -15.13 5.90 5.88
N GLY A 35 -14.26 5.77 4.90
CA GLY A 35 -14.13 6.79 3.87
C GLY A 35 -12.67 7.13 3.61
N LEU A 36 -11.91 6.10 3.27
CA LEU A 36 -10.49 6.27 2.98
C LEU A 36 -10.18 5.71 1.59
N GLY A 37 -8.89 5.61 1.31
CA GLY A 37 -8.45 5.09 0.02
C GLY A 37 -8.42 3.56 0.02
N ILE A 38 -7.21 3.03 0.09
CA ILE A 38 -7.02 1.59 0.09
C ILE A 38 -6.21 1.19 1.33
N PHE A 39 -6.51 0.00 1.84
CA PHE A 39 -5.82 -0.51 3.01
C PHE A 39 -5.49 -1.99 2.85
N VAL A 40 -4.40 -2.39 3.50
CA VAL A 40 -3.96 -3.77 3.44
C VAL A 40 -4.64 -4.57 4.55
N SER A 41 -5.01 -5.80 4.21
CA SER A 41 -5.66 -6.67 5.17
C SER A 41 -4.86 -7.97 5.34
N LYS A 42 -4.40 -8.49 4.21
CA LYS A 42 -3.62 -9.72 4.22
C LYS A 42 -2.46 -9.59 3.23
N VAL A 43 -1.41 -10.35 3.48
CA VAL A 43 -0.24 -10.33 2.62
C VAL A 43 0.25 -11.77 2.42
N GLU A 44 -0.05 -12.28 1.23
CA GLU A 44 0.37 -13.64 0.89
C GLU A 44 1.82 -13.86 1.27
N GLU A 45 2.07 -14.96 1.98
CA GLU A 45 3.41 -15.30 2.40
C GLU A 45 4.26 -15.72 1.20
N GLY A 46 5.57 -15.74 1.42
CA GLY A 46 6.49 -16.12 0.37
C GLY A 46 6.08 -15.52 -0.98
N SER A 47 5.46 -14.35 -0.90
CA SER A 47 5.00 -13.65 -2.10
C SER A 47 5.93 -12.48 -2.40
N SER A 48 5.59 -11.75 -3.45
CA SER A 48 6.38 -10.60 -3.86
C SER A 48 6.16 -9.44 -2.89
N ALA A 49 4.93 -9.34 -2.40
CA ALA A 49 4.57 -8.29 -1.46
C ALA A 49 5.34 -8.50 -0.15
N GLU A 50 5.00 -9.59 0.52
CA GLU A 50 5.65 -9.91 1.79
C GLU A 50 7.16 -9.72 1.67
N ARG A 51 7.67 -9.94 0.47
CA ARG A 51 9.09 -9.80 0.21
C ARG A 51 9.43 -8.34 -0.11
N ALA A 52 8.49 -7.70 -0.80
CA ALA A 52 8.68 -6.31 -1.19
C ALA A 52 8.75 -5.44 0.07
N GLY A 53 8.18 -5.97 1.15
CA GLY A 53 8.18 -5.26 2.42
C GLY A 53 6.75 -5.01 2.89
N LEU A 54 5.81 -5.25 2.00
CA LEU A 54 4.40 -5.05 2.31
C LEU A 54 3.93 -6.17 3.24
N CYS A 55 3.35 -5.76 4.37
CA CYS A 55 2.86 -6.72 5.34
C CYS A 55 1.45 -6.28 5.76
N VAL A 56 0.91 -6.99 6.73
CA VAL A 56 -0.42 -6.69 7.24
C VAL A 56 -0.33 -5.52 8.23
N GLY A 57 -1.32 -4.65 8.14
CA GLY A 57 -1.37 -3.48 9.01
C GLY A 57 -0.75 -2.26 8.33
N ASP A 58 -0.95 -2.20 7.01
CA ASP A 58 -0.41 -1.09 6.23
C ASP A 58 -1.58 -0.31 5.61
N LYS A 59 -1.31 0.95 5.30
CA LYS A 59 -2.31 1.80 4.70
C LYS A 59 -1.73 2.47 3.45
N ILE A 60 -2.03 1.89 2.30
CA ILE A 60 -1.55 2.41 1.04
C ILE A 60 -2.30 3.71 0.71
N THR A 61 -1.55 4.80 0.71
CA THR A 61 -2.12 6.10 0.41
C THR A 61 -1.89 6.47 -1.06
N GLU A 62 -0.76 6.00 -1.58
CA GLU A 62 -0.41 6.28 -2.97
C GLU A 62 0.37 5.09 -3.55
N VAL A 63 0.28 4.97 -4.87
CA VAL A 63 0.97 3.90 -5.57
C VAL A 63 1.46 4.41 -6.92
N ASN A 64 2.60 3.88 -7.35
CA ASN A 64 3.18 4.27 -8.62
C ASN A 64 3.00 5.77 -8.82
N GLY A 65 3.00 6.48 -7.70
CA GLY A 65 2.84 7.93 -7.73
C GLY A 65 1.36 8.31 -7.66
N LEU A 66 0.55 7.59 -8.42
CA LEU A 66 -0.87 7.84 -8.45
C LEU A 66 -1.43 7.82 -7.03
N SER A 67 -1.99 8.94 -6.62
CA SER A 67 -2.56 9.06 -5.29
C SER A 67 -3.86 8.26 -5.21
N LEU A 68 -3.92 7.40 -4.19
CA LEU A 68 -5.10 6.58 -4.00
C LEU A 68 -5.75 6.95 -2.66
N GLU A 69 -5.62 8.22 -2.30
CA GLU A 69 -6.20 8.71 -1.06
C GLU A 69 -7.71 8.81 -1.18
N SER A 70 -8.17 9.15 -2.37
CA SER A 70 -9.60 9.27 -2.63
C SER A 70 -9.96 8.55 -3.92
N THR A 71 -9.46 7.32 -4.04
CA THR A 71 -9.72 6.51 -5.21
C THR A 71 -10.35 5.17 -4.80
N THR A 72 -11.21 4.67 -5.67
CA THR A 72 -11.87 3.39 -5.41
C THR A 72 -10.87 2.25 -5.47
N MET A 73 -11.39 1.04 -5.39
CA MET A 73 -10.56 -0.16 -5.43
C MET A 73 -10.26 -0.57 -6.88
N GLY A 74 -11.34 -0.82 -7.61
CA GLY A 74 -11.22 -1.22 -9.01
C GLY A 74 -10.11 -0.43 -9.72
N SER A 75 -10.37 0.87 -9.87
CA SER A 75 -9.42 1.74 -10.52
C SER A 75 -8.00 1.45 -10.00
N ALA A 76 -7.89 1.43 -8.68
CA ALA A 76 -6.60 1.18 -8.04
C ALA A 76 -6.06 -0.17 -8.53
N VAL A 77 -6.96 -1.13 -8.63
CA VAL A 77 -6.58 -2.46 -9.07
C VAL A 77 -6.19 -2.41 -10.55
N LYS A 78 -7.08 -1.83 -11.34
CA LYS A 78 -6.84 -1.70 -12.78
C LYS A 78 -5.41 -1.18 -13.00
N VAL A 79 -4.96 -0.38 -12.06
CA VAL A 79 -3.62 0.19 -12.15
C VAL A 79 -2.63 -0.73 -11.43
N LEU A 80 -3.04 -1.17 -10.25
CA LEU A 80 -2.19 -2.05 -9.45
C LEU A 80 -1.96 -3.35 -10.22
N THR A 81 -2.75 -3.54 -11.27
CA THR A 81 -2.64 -4.73 -12.09
C THR A 81 -2.06 -4.37 -13.47
N SER A 82 -1.67 -3.11 -13.61
CA SER A 82 -1.11 -2.63 -14.85
C SER A 82 0.19 -1.85 -14.57
N SER A 83 1.27 -2.60 -14.44
CA SER A 83 2.56 -2.00 -14.18
C SER A 83 3.56 -3.08 -13.76
N SER A 84 4.78 -2.96 -14.29
CA SER A 84 5.82 -3.91 -13.98
C SER A 84 6.65 -3.41 -12.80
N ARG A 85 6.02 -2.59 -11.98
CA ARG A 85 6.68 -2.03 -10.81
C ARG A 85 5.73 -1.12 -10.04
N LEU A 86 5.05 -1.70 -9.07
CA LEU A 86 4.11 -0.95 -8.25
C LEU A 86 4.85 -0.33 -7.07
N HIS A 87 4.84 1.00 -7.03
CA HIS A 87 5.51 1.72 -5.96
C HIS A 87 4.46 2.25 -4.97
N MET A 88 4.13 1.40 -4.00
CA MET A 88 3.16 1.76 -2.99
C MET A 88 3.84 2.41 -1.78
N MET A 89 3.19 3.45 -1.26
CA MET A 89 3.71 4.17 -0.12
C MET A 89 2.66 4.26 0.99
N VAL A 90 3.00 3.69 2.14
CA VAL A 90 2.10 3.70 3.28
C VAL A 90 2.58 4.75 4.28
N ARG A 91 1.63 5.23 5.08
CA ARG A 91 1.94 6.24 6.08
C ARG A 91 1.84 5.64 7.48
N ARG A 92 2.95 5.74 8.21
CA ARG A 92 3.01 5.21 9.56
C ARG A 92 3.28 6.34 10.56
N MET A 93 2.74 6.17 11.76
CA MET A 93 2.91 7.16 12.81
C MET A 93 3.64 6.56 14.02
N GLY A 94 4.95 6.71 14.02
CA GLY A 94 5.77 6.19 15.10
C GLY A 94 6.05 4.70 14.91
N SER A 95 6.98 4.20 15.70
CA SER A 95 7.36 2.80 15.64
C SER A 95 6.25 1.93 16.23
N GLY A 96 6.22 0.68 15.81
CA GLY A 96 5.23 -0.27 16.29
C GLY A 96 5.87 -1.61 16.66
N PRO A 97 6.16 -1.75 17.98
CA PRO A 97 6.77 -2.97 18.48
C PRO A 97 5.75 -4.11 18.54
N SER A 98 5.93 -5.07 17.65
CA SER A 98 5.04 -6.22 17.59
C SER A 98 5.85 -7.49 17.30
N SER A 99 5.63 -8.49 18.14
CA SER A 99 6.32 -9.76 17.99
C SER A 99 5.86 -10.45 16.70
N GLY A 100 6.84 -10.88 15.92
CA GLY A 100 6.57 -11.56 14.68
C GLY A 100 7.21 -10.83 13.50
N GLY A 1 17.27 23.97 -1.32
CA GLY A 1 16.01 23.82 -2.04
C GLY A 1 15.94 22.45 -2.73
N SER A 2 15.46 21.47 -1.98
CA SER A 2 15.34 20.12 -2.51
C SER A 2 14.03 19.49 -2.02
N SER A 3 13.38 18.78 -2.93
CA SER A 3 12.12 18.13 -2.62
C SER A 3 12.27 17.28 -1.35
N GLY A 4 11.51 17.64 -0.33
CA GLY A 4 11.56 16.93 0.93
C GLY A 4 10.98 17.79 2.06
N SER A 5 10.60 17.12 3.14
CA SER A 5 10.04 17.80 4.29
C SER A 5 9.92 16.83 5.47
N SER A 6 10.13 17.36 6.66
CA SER A 6 10.04 16.56 7.87
C SER A 6 8.74 16.88 8.62
N GLY A 7 8.24 15.86 9.30
CA GLY A 7 7.01 16.02 10.06
C GLY A 7 6.57 14.69 10.68
N SER A 8 5.34 14.67 11.18
CA SER A 8 4.80 13.49 11.80
C SER A 8 4.58 12.40 10.75
N ASP A 9 4.68 11.16 11.19
CA ASP A 9 4.49 10.03 10.30
C ASP A 9 5.56 10.07 9.21
N ILE A 10 5.85 8.89 8.67
CA ILE A 10 6.85 8.77 7.61
C ILE A 10 6.31 7.89 6.49
N ILE A 11 6.88 8.06 5.31
CA ILE A 11 6.47 7.29 4.16
C ILE A 11 7.38 6.06 4.01
N HIS A 12 6.76 4.95 3.64
CA HIS A 12 7.51 3.71 3.46
C HIS A 12 7.58 3.37 1.98
N SER A 13 8.80 3.08 1.53
CA SER A 13 9.03 2.75 0.14
C SER A 13 9.02 1.23 -0.04
N VAL A 14 8.21 0.78 -1.00
CA VAL A 14 8.10 -0.65 -1.28
C VAL A 14 7.87 -0.85 -2.77
N ARG A 15 8.37 -1.97 -3.26
CA ARG A 15 8.23 -2.30 -4.67
C ARG A 15 7.66 -3.71 -4.83
N VAL A 16 6.40 -3.76 -5.25
CA VAL A 16 5.74 -5.04 -5.44
C VAL A 16 5.74 -5.38 -6.94
N GLU A 17 6.10 -6.62 -7.23
CA GLU A 17 6.15 -7.09 -8.60
C GLU A 17 4.90 -7.91 -8.92
N LYS A 18 4.71 -8.16 -10.22
CA LYS A 18 3.57 -8.94 -10.67
C LYS A 18 3.88 -10.43 -10.53
N SER A 19 2.90 -11.17 -10.02
CA SER A 19 3.06 -12.59 -9.83
C SER A 19 1.94 -13.35 -10.56
N PRO A 20 2.30 -14.55 -11.08
CA PRO A 20 1.34 -15.37 -11.79
C PRO A 20 0.37 -16.04 -10.82
N ALA A 21 -0.86 -15.54 -10.82
CA ALA A 21 -1.89 -16.08 -9.95
C ALA A 21 -3.23 -15.44 -10.29
N GLY A 22 -3.27 -14.12 -10.14
CA GLY A 22 -4.49 -13.38 -10.43
C GLY A 22 -4.53 -12.07 -9.63
N ARG A 23 -4.99 -12.20 -8.40
CA ARG A 23 -5.10 -11.05 -7.52
C ARG A 23 -3.72 -10.68 -6.95
N LEU A 24 -3.52 -9.39 -6.72
CA LEU A 24 -2.27 -8.91 -6.18
C LEU A 24 -1.78 -9.86 -5.09
N GLY A 25 -0.48 -9.81 -4.84
CA GLY A 25 0.14 -10.66 -3.84
C GLY A 25 -0.37 -10.31 -2.45
N PHE A 26 -1.10 -9.20 -2.37
CA PHE A 26 -1.65 -8.74 -1.11
C PHE A 26 -3.15 -8.46 -1.22
N SER A 27 -3.82 -8.52 -0.09
CA SER A 27 -5.26 -8.27 -0.06
C SER A 27 -5.53 -6.90 0.58
N VAL A 28 -6.27 -6.09 -0.15
CA VAL A 28 -6.61 -4.76 0.32
C VAL A 28 -8.09 -4.72 0.69
N ARG A 29 -8.39 -3.92 1.71
CA ARG A 29 -9.77 -3.79 2.17
C ARG A 29 -10.29 -2.37 1.87
N GLY A 30 -11.61 -2.27 1.78
CA GLY A 30 -12.25 -1.00 1.50
C GLY A 30 -12.75 -0.95 0.05
N GLY A 31 -12.75 0.26 -0.50
CA GLY A 31 -13.22 0.46 -1.86
C GLY A 31 -14.52 1.24 -1.89
N SER A 32 -15.54 0.67 -1.25
CA SER A 32 -16.84 1.31 -1.19
C SER A 32 -16.68 2.82 -1.01
N GLU A 33 -17.36 3.56 -1.85
CA GLU A 33 -17.31 5.02 -1.80
C GLU A 33 -17.59 5.50 -0.37
N HIS A 34 -16.55 5.96 0.29
CA HIS A 34 -16.68 6.45 1.65
C HIS A 34 -15.69 7.60 1.89
N GLY A 35 -14.42 7.30 1.65
CA GLY A 35 -13.38 8.30 1.82
C GLY A 35 -12.01 7.64 2.00
N LEU A 36 -11.95 6.76 2.99
CA LEU A 36 -10.72 6.04 3.28
C LEU A 36 -10.10 5.55 1.98
N GLY A 37 -8.77 5.63 1.91
CA GLY A 37 -8.05 5.20 0.73
C GLY A 37 -7.96 3.68 0.67
N ILE A 38 -6.78 3.19 0.31
CA ILE A 38 -6.55 1.76 0.21
C ILE A 38 -5.78 1.29 1.45
N PHE A 39 -6.26 0.19 2.01
CA PHE A 39 -5.64 -0.38 3.19
C PHE A 39 -5.36 -1.87 3.00
N VAL A 40 -4.21 -2.29 3.51
CA VAL A 40 -3.81 -3.68 3.40
C VAL A 40 -4.56 -4.50 4.44
N SER A 41 -4.82 -5.76 4.10
CA SER A 41 -5.52 -6.66 5.00
C SER A 41 -4.70 -7.92 5.22
N LYS A 42 -4.13 -8.43 4.14
CA LYS A 42 -3.33 -9.63 4.20
C LYS A 42 -2.27 -9.59 3.11
N VAL A 43 -1.32 -10.51 3.21
CA VAL A 43 -0.24 -10.59 2.23
C VAL A 43 0.12 -12.05 1.99
N GLU A 44 -0.24 -12.53 0.80
CA GLU A 44 0.04 -13.91 0.43
C GLU A 44 1.46 -14.30 0.85
N GLU A 45 1.57 -15.50 1.40
CA GLU A 45 2.85 -16.00 1.84
C GLU A 45 3.78 -16.23 0.65
N GLY A 46 5.08 -16.12 0.90
CA GLY A 46 6.07 -16.30 -0.13
C GLY A 46 5.68 -15.56 -1.42
N SER A 47 5.20 -14.34 -1.21
CA SER A 47 4.79 -13.50 -2.34
C SER A 47 5.78 -12.37 -2.54
N SER A 48 5.58 -11.63 -3.63
CA SER A 48 6.45 -10.51 -3.95
C SER A 48 6.25 -9.39 -2.93
N ALA A 49 5.03 -9.31 -2.42
CA ALA A 49 4.69 -8.28 -1.44
C ALA A 49 5.50 -8.50 -0.18
N GLU A 50 5.16 -9.58 0.52
CA GLU A 50 5.85 -9.92 1.76
C GLU A 50 7.36 -9.68 1.61
N ARG A 51 7.87 -10.06 0.45
CA ARG A 51 9.29 -9.90 0.18
C ARG A 51 9.61 -8.42 -0.13
N ALA A 52 8.70 -7.80 -0.86
CA ALA A 52 8.86 -6.40 -1.23
C ALA A 52 8.83 -5.54 0.04
N GLY A 53 8.20 -6.08 1.07
CA GLY A 53 8.09 -5.38 2.34
C GLY A 53 6.63 -5.04 2.66
N LEU A 54 5.75 -5.48 1.78
CA LEU A 54 4.33 -5.23 1.95
C LEU A 54 3.75 -6.29 2.91
N CYS A 55 3.06 -5.80 3.93
CA CYS A 55 2.46 -6.68 4.91
C CYS A 55 1.21 -5.99 5.47
N VAL A 56 0.26 -6.82 5.86
CA VAL A 56 -1.00 -6.30 6.41
C VAL A 56 -0.69 -5.36 7.58
N GLY A 57 -1.58 -4.42 7.79
CA GLY A 57 -1.42 -3.45 8.86
C GLY A 57 -0.96 -2.09 8.32
N ASP A 58 -0.72 -2.07 7.01
CA ASP A 58 -0.29 -0.85 6.35
C ASP A 58 -1.44 -0.25 5.57
N LYS A 59 -1.31 1.03 5.27
CA LYS A 59 -2.34 1.73 4.52
C LYS A 59 -1.69 2.46 3.33
N ILE A 60 -2.01 1.96 2.13
CA ILE A 60 -1.48 2.55 0.92
C ILE A 60 -2.16 3.89 0.65
N THR A 61 -1.37 4.94 0.74
CA THR A 61 -1.88 6.29 0.52
C THR A 61 -1.61 6.73 -0.92
N GLU A 62 -0.64 6.05 -1.54
CA GLU A 62 -0.28 6.36 -2.91
C GLU A 62 0.44 5.17 -3.56
N VAL A 63 0.36 5.12 -4.88
CA VAL A 63 0.99 4.04 -5.62
C VAL A 63 1.17 4.47 -7.07
N ASN A 64 2.34 4.14 -7.61
CA ASN A 64 2.64 4.49 -9.00
C ASN A 64 2.57 6.01 -9.16
N GLY A 65 2.61 6.70 -8.03
CA GLY A 65 2.56 8.15 -8.04
C GLY A 65 1.12 8.64 -7.88
N LEU A 66 0.18 7.80 -8.29
CA LEU A 66 -1.22 8.14 -8.19
C LEU A 66 -1.69 7.97 -6.75
N SER A 67 -2.43 8.97 -6.28
CA SER A 67 -2.94 8.94 -4.92
C SER A 67 -4.24 8.13 -4.87
N LEU A 68 -4.40 7.39 -3.78
CA LEU A 68 -5.58 6.58 -3.59
C LEU A 68 -6.28 6.99 -2.30
N GLU A 69 -6.17 8.27 -1.98
CA GLU A 69 -6.78 8.81 -0.78
C GLU A 69 -8.28 9.04 -1.01
N SER A 70 -8.66 9.01 -2.28
CA SER A 70 -10.06 9.22 -2.65
C SER A 70 -10.35 8.53 -3.98
N THR A 71 -9.96 7.26 -4.05
CA THR A 71 -10.17 6.48 -5.26
C THR A 71 -10.77 5.12 -4.90
N THR A 72 -11.41 4.51 -5.90
CA THR A 72 -12.03 3.21 -5.72
C THR A 72 -10.96 2.11 -5.69
N MET A 73 -11.39 0.93 -5.30
CA MET A 73 -10.49 -0.21 -5.23
C MET A 73 -10.11 -0.70 -6.64
N GLY A 74 -11.14 -1.07 -7.40
CA GLY A 74 -10.93 -1.55 -8.75
C GLY A 74 -9.82 -0.76 -9.45
N SER A 75 -10.12 0.49 -9.74
CA SER A 75 -9.17 1.36 -10.40
C SER A 75 -7.76 1.10 -9.86
N ALA A 76 -7.61 1.33 -8.57
CA ALA A 76 -6.33 1.12 -7.92
C ALA A 76 -5.76 -0.25 -8.32
N VAL A 77 -6.59 -1.27 -8.13
CA VAL A 77 -6.18 -2.62 -8.48
C VAL A 77 -5.79 -2.67 -9.95
N LYS A 78 -6.72 -2.27 -10.80
CA LYS A 78 -6.49 -2.27 -12.23
C LYS A 78 -5.08 -1.75 -12.51
N VAL A 79 -4.68 -0.75 -11.73
CA VAL A 79 -3.36 -0.17 -11.88
C VAL A 79 -2.32 -1.08 -11.25
N LEU A 80 -2.65 -1.57 -10.07
CA LEU A 80 -1.77 -2.46 -9.34
C LEU A 80 -1.48 -3.69 -10.19
N THR A 81 -2.52 -4.19 -10.84
CA THR A 81 -2.40 -5.36 -11.68
C THR A 81 -1.85 -4.97 -13.06
N SER A 82 -1.50 -3.70 -13.18
CA SER A 82 -0.96 -3.18 -14.43
C SER A 82 0.37 -2.46 -14.16
N SER A 83 1.44 -3.24 -14.14
CA SER A 83 2.76 -2.69 -13.91
C SER A 83 3.71 -3.80 -13.45
N SER A 84 4.95 -3.69 -13.92
CA SER A 84 5.97 -4.68 -13.58
C SER A 84 6.82 -4.15 -12.42
N ARG A 85 6.34 -3.08 -11.80
CA ARG A 85 7.05 -2.48 -10.69
C ARG A 85 6.18 -1.40 -10.03
N LEU A 86 5.38 -1.82 -9.07
CA LEU A 86 4.51 -0.91 -8.35
C LEU A 86 5.28 -0.25 -7.22
N HIS A 87 4.94 1.01 -6.96
CA HIS A 87 5.60 1.77 -5.90
C HIS A 87 4.55 2.37 -4.98
N MET A 88 4.20 1.63 -3.95
CA MET A 88 3.21 2.09 -2.99
C MET A 88 3.87 2.86 -1.85
N MET A 89 3.12 3.81 -1.31
CA MET A 89 3.62 4.62 -0.23
C MET A 89 2.61 4.67 0.93
N VAL A 90 3.01 4.06 2.04
CA VAL A 90 2.16 4.03 3.22
C VAL A 90 2.66 5.06 4.23
N ARG A 91 1.74 5.45 5.12
CA ARG A 91 2.08 6.42 6.15
C ARG A 91 1.92 5.81 7.54
N ARG A 92 3.06 5.59 8.18
CA ARG A 92 3.07 5.01 9.51
C ARG A 92 3.72 5.97 10.51
N MET A 93 3.30 5.85 11.76
CA MET A 93 3.83 6.70 12.82
C MET A 93 5.26 6.26 13.20
N GLY A 94 6.23 6.98 12.65
CA GLY A 94 7.62 6.67 12.92
C GLY A 94 7.88 6.64 14.43
N SER A 95 8.11 5.42 14.93
CA SER A 95 8.38 5.24 16.34
C SER A 95 7.16 5.68 17.17
N GLY A 96 6.72 4.79 18.04
CA GLY A 96 5.57 5.07 18.89
C GLY A 96 4.57 3.91 18.87
N PRO A 97 3.26 4.29 18.94
CA PRO A 97 2.20 3.30 18.93
C PRO A 97 2.00 2.74 17.52
N SER A 98 1.16 1.71 17.45
CA SER A 98 0.86 1.07 16.18
C SER A 98 -0.63 1.18 15.87
N SER A 99 -1.43 0.64 16.77
CA SER A 99 -2.87 0.66 16.63
C SER A 99 -3.53 1.21 17.89
N GLY A 100 -3.75 2.52 17.88
CA GLY A 100 -4.37 3.17 19.03
C GLY A 100 -5.89 3.22 18.88
N GLY A 1 6.70 33.32 6.24
CA GLY A 1 5.89 32.88 5.12
C GLY A 1 5.32 31.48 5.38
N SER A 2 6.00 30.49 4.83
CA SER A 2 5.58 29.11 4.99
C SER A 2 6.77 28.17 4.81
N SER A 3 7.05 27.41 5.86
CA SER A 3 8.16 26.47 5.82
C SER A 3 8.14 25.60 7.09
N GLY A 4 8.98 24.58 7.07
CA GLY A 4 9.09 23.67 8.21
C GLY A 4 9.19 22.22 7.74
N SER A 5 9.76 21.39 8.60
CA SER A 5 9.93 19.98 8.29
C SER A 5 10.09 19.18 9.59
N SER A 6 9.03 18.47 9.93
CA SER A 6 9.04 17.65 11.14
C SER A 6 9.00 16.17 10.77
N GLY A 7 9.73 15.37 11.54
CA GLY A 7 9.77 13.94 11.31
C GLY A 7 8.90 13.19 12.31
N SER A 8 7.79 12.66 11.80
CA SER A 8 6.86 11.92 12.63
C SER A 8 6.20 10.81 11.82
N ASP A 9 5.50 11.23 10.78
CA ASP A 9 4.82 10.27 9.92
C ASP A 9 5.59 10.14 8.60
N ILE A 10 6.61 9.30 8.63
CA ILE A 10 7.43 9.07 7.45
C ILE A 10 6.70 8.12 6.50
N ILE A 11 7.09 8.18 5.24
CA ILE A 11 6.48 7.34 4.22
C ILE A 11 7.37 6.11 3.99
N HIS A 12 6.71 4.99 3.72
CA HIS A 12 7.42 3.74 3.48
C HIS A 12 7.46 3.46 1.98
N SER A 13 8.63 3.03 1.53
CA SER A 13 8.82 2.72 0.12
C SER A 13 8.85 1.20 -0.08
N VAL A 14 8.06 0.75 -1.05
CA VAL A 14 7.99 -0.66 -1.36
C VAL A 14 7.78 -0.85 -2.85
N ARG A 15 8.30 -1.95 -3.36
CA ARG A 15 8.18 -2.26 -4.78
C ARG A 15 7.67 -3.69 -4.97
N VAL A 16 6.40 -3.80 -5.32
CA VAL A 16 5.78 -5.09 -5.53
C VAL A 16 5.78 -5.41 -7.03
N GLU A 17 5.73 -6.71 -7.32
CA GLU A 17 5.73 -7.15 -8.71
C GLU A 17 4.30 -7.50 -9.14
N LYS A 18 4.11 -7.51 -10.45
CA LYS A 18 2.81 -7.84 -11.02
C LYS A 18 2.58 -9.35 -10.93
N SER A 19 1.31 -9.72 -10.90
CA SER A 19 0.95 -11.12 -10.83
C SER A 19 -0.14 -11.44 -11.86
N PRO A 20 0.04 -12.62 -12.52
CA PRO A 20 -0.91 -13.05 -13.53
C PRO A 20 -2.20 -13.55 -12.90
N ALA A 21 -3.15 -13.91 -13.76
CA ALA A 21 -4.43 -14.40 -13.30
C ALA A 21 -5.30 -13.22 -12.87
N GLY A 22 -4.81 -12.49 -11.89
CA GLY A 22 -5.54 -11.33 -11.38
C GLY A 22 -5.76 -11.45 -9.86
N ARG A 23 -4.67 -11.27 -9.13
CA ARG A 23 -4.74 -11.35 -7.68
C ARG A 23 -3.41 -10.90 -7.06
N LEU A 24 -3.30 -9.60 -6.85
CA LEU A 24 -2.09 -9.04 -6.27
C LEU A 24 -1.62 -9.93 -5.12
N GLY A 25 -0.31 -9.91 -4.90
CA GLY A 25 0.28 -10.71 -3.85
C GLY A 25 -0.25 -10.31 -2.47
N PHE A 26 -0.94 -9.17 -2.46
CA PHE A 26 -1.52 -8.66 -1.22
C PHE A 26 -3.02 -8.41 -1.38
N SER A 27 -3.71 -8.40 -0.24
CA SER A 27 -5.14 -8.18 -0.24
C SER A 27 -5.46 -6.83 0.43
N VAL A 28 -6.34 -6.08 -0.21
CA VAL A 28 -6.73 -4.79 0.29
C VAL A 28 -8.21 -4.83 0.70
N ARG A 29 -8.56 -3.97 1.65
CA ARG A 29 -9.93 -3.90 2.13
C ARG A 29 -10.48 -2.49 1.95
N GLY A 30 -11.80 -2.41 1.92
CA GLY A 30 -12.47 -1.12 1.75
C GLY A 30 -12.74 -0.84 0.28
N GLY A 31 -12.54 0.42 -0.10
CA GLY A 31 -12.77 0.83 -1.48
C GLY A 31 -13.32 2.25 -1.54
N SER A 32 -14.46 2.38 -2.20
CA SER A 32 -15.10 3.67 -2.34
C SER A 32 -16.57 3.58 -1.96
N GLU A 33 -16.90 4.16 -0.82
CA GLU A 33 -18.27 4.14 -0.33
C GLU A 33 -18.44 5.10 0.85
N HIS A 34 -17.54 4.96 1.82
CA HIS A 34 -17.57 5.80 3.00
C HIS A 34 -16.67 7.03 2.77
N GLY A 35 -15.42 6.74 2.44
CA GLY A 35 -14.45 7.80 2.20
C GLY A 35 -13.09 7.44 2.81
N LEU A 36 -12.50 6.38 2.28
CA LEU A 36 -11.20 5.92 2.75
C LEU A 36 -10.41 5.36 1.56
N GLY A 37 -9.10 5.61 1.61
CA GLY A 37 -8.21 5.15 0.55
C GLY A 37 -8.17 3.62 0.52
N ILE A 38 -6.99 3.10 0.25
CA ILE A 38 -6.79 1.67 0.19
C ILE A 38 -5.96 1.21 1.39
N PHE A 39 -6.38 0.09 1.97
CA PHE A 39 -5.70 -0.45 3.13
C PHE A 39 -5.41 -1.94 2.93
N VAL A 40 -4.26 -2.36 3.41
CA VAL A 40 -3.86 -3.75 3.30
C VAL A 40 -4.56 -4.57 4.39
N SER A 41 -4.86 -5.81 4.06
CA SER A 41 -5.52 -6.70 4.98
C SER A 41 -4.75 -8.00 5.12
N LYS A 42 -4.40 -8.57 3.98
CA LYS A 42 -3.65 -9.82 3.96
C LYS A 42 -2.52 -9.72 2.92
N VAL A 43 -1.45 -10.44 3.20
CA VAL A 43 -0.30 -10.43 2.30
C VAL A 43 0.21 -11.87 2.12
N GLU A 44 -0.12 -12.43 0.96
CA GLU A 44 0.28 -13.79 0.65
C GLU A 44 1.73 -14.02 1.06
N GLU A 45 1.94 -15.08 1.82
CA GLU A 45 3.27 -15.43 2.29
C GLU A 45 4.16 -15.83 1.11
N GLY A 46 5.45 -15.93 1.39
CA GLY A 46 6.41 -16.31 0.37
C GLY A 46 6.05 -15.70 -0.99
N SER A 47 5.43 -14.52 -0.91
CA SER A 47 5.04 -13.81 -2.12
C SER A 47 5.99 -12.64 -2.39
N SER A 48 5.71 -11.93 -3.47
CA SER A 48 6.52 -10.79 -3.84
C SER A 48 6.25 -9.61 -2.89
N ALA A 49 5.02 -9.55 -2.41
CA ALA A 49 4.63 -8.50 -1.50
C ALA A 49 5.39 -8.65 -0.18
N GLU A 50 5.08 -9.73 0.52
CA GLU A 50 5.73 -10.01 1.79
C GLU A 50 7.23 -9.77 1.68
N ARG A 51 7.75 -10.02 0.49
CA ARG A 51 9.18 -9.82 0.24
C ARG A 51 9.47 -8.36 -0.11
N ALA A 52 8.52 -7.77 -0.83
CA ALA A 52 8.66 -6.38 -1.24
C ALA A 52 8.70 -5.48 0.00
N GLY A 53 8.16 -6.01 1.10
CA GLY A 53 8.11 -5.28 2.35
C GLY A 53 6.67 -5.04 2.79
N LEU A 54 5.75 -5.37 1.90
CA LEU A 54 4.34 -5.19 2.19
C LEU A 54 3.86 -6.32 3.09
N CYS A 55 3.24 -5.95 4.20
CA CYS A 55 2.73 -6.92 5.14
C CYS A 55 1.35 -6.45 5.62
N VAL A 56 0.80 -7.20 6.56
CA VAL A 56 -0.50 -6.88 7.11
C VAL A 56 -0.35 -5.77 8.17
N GLY A 57 -1.25 -4.80 8.09
CA GLY A 57 -1.21 -3.69 9.03
C GLY A 57 -0.60 -2.45 8.37
N ASP A 58 -0.87 -2.30 7.09
CA ASP A 58 -0.36 -1.16 6.34
C ASP A 58 -1.50 -0.50 5.56
N LYS A 59 -1.31 0.77 5.25
CA LYS A 59 -2.32 1.52 4.52
C LYS A 59 -1.65 2.23 3.34
N ILE A 60 -1.96 1.75 2.15
CA ILE A 60 -1.41 2.33 0.94
C ILE A 60 -2.02 3.71 0.71
N THR A 61 -1.16 4.72 0.79
CA THR A 61 -1.61 6.09 0.60
C THR A 61 -1.47 6.49 -0.88
N GLU A 62 -0.59 5.79 -1.56
CA GLU A 62 -0.35 6.06 -2.98
C GLU A 62 0.44 4.92 -3.61
N VAL A 63 0.31 4.82 -4.93
CA VAL A 63 1.00 3.77 -5.66
C VAL A 63 1.22 4.23 -7.11
N ASN A 64 2.41 3.98 -7.61
CA ASN A 64 2.75 4.36 -8.97
C ASN A 64 2.44 5.84 -9.18
N GLY A 65 2.49 6.59 -8.08
CA GLY A 65 2.21 8.02 -8.13
C GLY A 65 0.73 8.29 -7.89
N LEU A 66 -0.10 7.45 -8.50
CA LEU A 66 -1.54 7.58 -8.36
C LEU A 66 -1.92 7.50 -6.89
N SER A 67 -2.49 8.60 -6.40
CA SER A 67 -2.90 8.68 -5.00
C SER A 67 -4.20 7.89 -4.81
N LEU A 68 -4.22 7.11 -3.74
CA LEU A 68 -5.40 6.31 -3.43
C LEU A 68 -6.03 6.83 -2.13
N GLU A 69 -5.81 8.11 -1.87
CA GLU A 69 -6.36 8.73 -0.68
C GLU A 69 -7.81 9.13 -0.90
N SER A 70 -8.30 8.80 -2.09
CA SER A 70 -9.68 9.12 -2.44
C SER A 70 -10.01 8.56 -3.83
N THR A 71 -9.69 7.28 -4.00
CA THR A 71 -9.95 6.63 -5.27
C THR A 71 -10.68 5.30 -5.05
N THR A 72 -11.27 4.80 -6.12
CA THR A 72 -12.00 3.54 -6.05
C THR A 72 -11.03 2.36 -6.08
N MET A 73 -11.38 1.33 -5.32
CA MET A 73 -10.56 0.13 -5.25
C MET A 73 -10.13 -0.32 -6.66
N GLY A 74 -11.12 -0.71 -7.44
CA GLY A 74 -10.86 -1.16 -8.80
C GLY A 74 -9.75 -0.33 -9.45
N SER A 75 -10.06 0.95 -9.65
CA SER A 75 -9.11 1.85 -10.26
C SER A 75 -7.69 1.54 -9.77
N ALA A 76 -7.52 1.61 -8.46
CA ALA A 76 -6.23 1.34 -7.84
C ALA A 76 -5.71 0.00 -8.35
N VAL A 77 -6.52 -1.04 -8.15
CA VAL A 77 -6.15 -2.37 -8.57
C VAL A 77 -5.75 -2.35 -10.05
N LYS A 78 -6.62 -1.72 -10.85
CA LYS A 78 -6.37 -1.62 -12.28
C LYS A 78 -4.89 -1.30 -12.51
N VAL A 79 -4.32 -0.57 -11.57
CA VAL A 79 -2.91 -0.19 -11.66
C VAL A 79 -2.06 -1.27 -11.00
N LEU A 80 -2.55 -1.76 -9.86
CA LEU A 80 -1.85 -2.78 -9.12
C LEU A 80 -1.84 -4.08 -9.93
N THR A 81 -2.63 -4.08 -11.00
CA THR A 81 -2.72 -5.25 -11.86
C THR A 81 -1.67 -5.18 -12.96
N SER A 82 -1.21 -3.97 -13.23
CA SER A 82 -0.20 -3.76 -14.25
C SER A 82 1.09 -3.23 -13.62
N SER A 83 1.79 -2.39 -14.38
CA SER A 83 3.03 -1.81 -13.91
C SER A 83 3.99 -2.92 -13.47
N SER A 84 5.04 -3.09 -14.27
CA SER A 84 6.04 -4.10 -13.99
C SER A 84 6.77 -3.77 -12.68
N ARG A 85 6.51 -2.57 -12.19
CA ARG A 85 7.13 -2.12 -10.95
C ARG A 85 6.22 -1.12 -10.24
N LEU A 86 5.45 -1.65 -9.30
CA LEU A 86 4.53 -0.82 -8.54
C LEU A 86 5.27 -0.18 -7.37
N HIS A 87 5.02 1.11 -7.18
CA HIS A 87 5.67 1.85 -6.10
C HIS A 87 4.60 2.36 -5.13
N MET A 88 4.27 1.51 -4.16
CA MET A 88 3.29 1.85 -3.17
C MET A 88 3.95 2.49 -1.93
N MET A 89 3.22 3.44 -1.34
CA MET A 89 3.72 4.12 -0.16
C MET A 89 2.65 4.18 0.93
N VAL A 90 3.01 3.66 2.09
CA VAL A 90 2.10 3.65 3.22
C VAL A 90 2.50 4.75 4.20
N ARG A 91 1.53 5.17 5.00
CA ARG A 91 1.76 6.23 5.98
C ARG A 91 2.15 5.61 7.33
N ARG A 92 2.73 6.45 8.17
CA ARG A 92 3.16 6.00 9.49
C ARG A 92 2.87 7.09 10.53
N MET A 93 2.61 6.63 11.74
CA MET A 93 2.32 7.54 12.84
C MET A 93 3.60 8.06 13.48
N GLY A 94 3.42 8.90 14.48
CA GLY A 94 4.55 9.48 15.19
C GLY A 94 4.86 8.68 16.46
N SER A 95 4.57 9.30 17.60
CA SER A 95 4.81 8.68 18.88
C SER A 95 3.50 8.52 19.65
N GLY A 96 3.43 7.48 20.46
CA GLY A 96 2.25 7.22 21.25
C GLY A 96 2.59 6.46 22.53
N PRO A 97 1.54 6.20 23.35
CA PRO A 97 1.72 5.50 24.61
C PRO A 97 1.95 4.01 24.37
N SER A 98 3.02 3.71 23.66
CA SER A 98 3.36 2.32 23.36
C SER A 98 2.24 1.68 22.54
N SER A 99 2.54 0.51 21.99
CA SER A 99 1.57 -0.21 21.18
C SER A 99 2.19 -1.52 20.68
N GLY A 100 1.40 -2.58 20.79
CA GLY A 100 1.86 -3.89 20.34
C GLY A 100 1.39 -4.99 21.31
N GLY A 1 5.76 27.43 3.63
CA GLY A 1 6.08 28.16 4.83
C GLY A 1 7.04 27.36 5.72
N SER A 2 7.96 28.09 6.33
CA SER A 2 8.94 27.46 7.21
C SER A 2 9.77 26.44 6.41
N SER A 3 10.86 26.00 7.04
CA SER A 3 11.72 25.02 6.41
C SER A 3 11.82 23.77 7.27
N GLY A 4 11.67 22.62 6.63
CA GLY A 4 11.73 21.35 7.33
C GLY A 4 10.33 20.84 7.66
N SER A 5 9.63 21.62 8.47
CA SER A 5 8.28 21.25 8.88
C SER A 5 8.23 19.77 9.26
N SER A 6 8.49 19.51 10.53
CA SER A 6 8.48 18.15 11.04
C SER A 6 7.13 17.50 10.74
N GLY A 7 7.11 16.17 10.81
CA GLY A 7 5.90 15.42 10.56
C GLY A 7 5.68 14.36 11.64
N SER A 8 4.44 13.88 11.71
CA SER A 8 4.08 12.86 12.68
C SER A 8 4.12 11.47 12.03
N ASP A 9 4.03 11.47 10.71
CA ASP A 9 4.04 10.22 9.97
C ASP A 9 5.13 10.29 8.90
N ILE A 10 5.52 9.13 8.41
CA ILE A 10 6.55 9.04 7.39
C ILE A 10 6.07 8.12 6.26
N ILE A 11 6.65 8.33 5.09
CA ILE A 11 6.29 7.54 3.92
C ILE A 11 7.33 6.43 3.73
N HIS A 12 6.82 5.22 3.55
CA HIS A 12 7.69 4.06 3.35
C HIS A 12 7.83 3.78 1.85
N SER A 13 8.78 2.92 1.54
CA SER A 13 9.02 2.55 0.15
C SER A 13 8.92 1.03 -0.02
N VAL A 14 8.09 0.63 -0.97
CA VAL A 14 7.90 -0.79 -1.24
C VAL A 14 7.68 -0.98 -2.74
N ARG A 15 8.16 -2.12 -3.23
CA ARG A 15 8.02 -2.44 -4.64
C ARG A 15 7.42 -3.84 -4.81
N VAL A 16 6.13 -3.87 -5.13
CA VAL A 16 5.43 -5.12 -5.32
C VAL A 16 5.39 -5.46 -6.80
N GLU A 17 6.15 -6.48 -7.18
CA GLU A 17 6.21 -6.91 -8.56
C GLU A 17 5.02 -7.82 -8.89
N LYS A 18 4.54 -7.70 -10.12
CA LYS A 18 3.41 -8.51 -10.56
C LYS A 18 3.87 -9.93 -10.81
N SER A 19 2.93 -10.86 -10.71
CA SER A 19 3.23 -12.27 -10.93
C SER A 19 1.94 -13.05 -11.20
N PRO A 20 2.00 -13.92 -12.24
CA PRO A 20 0.85 -14.72 -12.61
C PRO A 20 0.64 -15.86 -11.62
N ALA A 21 0.11 -15.50 -10.45
CA ALA A 21 -0.14 -16.49 -9.42
C ALA A 21 -1.63 -16.47 -9.07
N GLY A 22 -2.10 -15.31 -8.63
CA GLY A 22 -3.49 -15.15 -8.26
C GLY A 22 -3.71 -13.85 -7.49
N ARG A 23 -4.07 -12.81 -8.23
CA ARG A 23 -4.31 -11.51 -7.63
C ARG A 23 -3.04 -10.99 -6.96
N LEU A 24 -3.02 -9.68 -6.73
CA LEU A 24 -1.87 -9.05 -6.11
C LEU A 24 -1.36 -9.95 -4.97
N GLY A 25 -0.07 -9.80 -4.69
CA GLY A 25 0.55 -10.60 -3.63
C GLY A 25 -0.01 -10.20 -2.26
N PHE A 26 -0.77 -9.12 -2.25
CA PHE A 26 -1.37 -8.63 -1.03
C PHE A 26 -2.88 -8.49 -1.16
N SER A 27 -3.56 -8.62 -0.04
CA SER A 27 -5.01 -8.50 -0.02
C SER A 27 -5.42 -7.16 0.61
N VAL A 28 -6.20 -6.40 -0.15
CA VAL A 28 -6.67 -5.10 0.33
C VAL A 28 -8.16 -5.19 0.63
N ARG A 29 -8.59 -4.37 1.58
CA ARG A 29 -9.99 -4.33 1.96
C ARG A 29 -10.59 -2.94 1.72
N GLY A 30 -11.91 -2.91 1.66
CA GLY A 30 -12.60 -1.65 1.42
C GLY A 30 -13.14 -1.59 -0.01
N GLY A 31 -13.26 -0.37 -0.51
CA GLY A 31 -13.77 -0.15 -1.85
C GLY A 31 -15.26 0.17 -1.84
N SER A 32 -15.55 1.47 -1.87
CA SER A 32 -16.93 1.93 -1.86
C SER A 32 -16.97 3.46 -1.85
N GLU A 33 -18.12 3.98 -2.24
CA GLU A 33 -18.31 5.42 -2.28
C GLU A 33 -18.59 5.96 -0.87
N HIS A 34 -17.62 5.78 0.00
CA HIS A 34 -17.75 6.24 1.37
C HIS A 34 -16.78 7.39 1.63
N GLY A 35 -15.50 7.08 1.58
CA GLY A 35 -14.47 8.08 1.80
C GLY A 35 -13.28 7.49 2.57
N LEU A 36 -12.52 6.66 1.89
CA LEU A 36 -11.36 6.03 2.49
C LEU A 36 -10.47 5.46 1.39
N GLY A 37 -9.17 5.45 1.67
CA GLY A 37 -8.20 4.93 0.72
C GLY A 37 -8.20 3.41 0.72
N ILE A 38 -7.02 2.86 0.44
CA ILE A 38 -6.87 1.41 0.40
C ILE A 38 -6.01 0.96 1.59
N PHE A 39 -6.52 -0.03 2.31
CA PHE A 39 -5.80 -0.56 3.45
C PHE A 39 -5.51 -2.04 3.29
N VAL A 40 -4.31 -2.43 3.70
CA VAL A 40 -3.90 -3.83 3.59
C VAL A 40 -4.62 -4.64 4.67
N SER A 41 -4.98 -5.86 4.30
CA SER A 41 -5.67 -6.76 5.21
C SER A 41 -4.84 -8.03 5.42
N LYS A 42 -4.25 -8.49 4.33
CA LYS A 42 -3.44 -9.70 4.39
C LYS A 42 -2.36 -9.62 3.31
N VAL A 43 -1.41 -10.55 3.40
CA VAL A 43 -0.32 -10.61 2.44
C VAL A 43 0.09 -12.06 2.22
N GLU A 44 0.08 -12.46 0.95
CA GLU A 44 0.44 -13.82 0.59
C GLU A 44 1.74 -14.22 1.28
N GLU A 45 2.10 -15.49 1.10
CA GLU A 45 3.32 -16.01 1.71
C GLU A 45 4.46 -16.00 0.68
N GLY A 46 5.62 -15.57 1.15
CA GLY A 46 6.79 -15.52 0.29
C GLY A 46 6.42 -15.09 -1.13
N SER A 47 5.59 -14.05 -1.20
CA SER A 47 5.15 -13.55 -2.48
C SER A 47 5.79 -12.18 -2.76
N SER A 48 5.43 -11.61 -3.89
CA SER A 48 5.95 -10.31 -4.27
C SER A 48 5.74 -9.29 -3.14
N ALA A 49 4.52 -9.30 -2.62
CA ALA A 49 4.17 -8.39 -1.54
C ALA A 49 5.09 -8.66 -0.34
N GLU A 50 4.86 -9.80 0.29
CA GLU A 50 5.65 -10.18 1.44
C GLU A 50 7.13 -9.90 1.20
N ARG A 51 7.52 -10.02 -0.06
CA ARG A 51 8.91 -9.77 -0.44
C ARG A 51 9.17 -8.27 -0.55
N ALA A 52 8.18 -7.57 -1.08
CA ALA A 52 8.29 -6.13 -1.25
C ALA A 52 8.40 -5.47 0.13
N GLY A 53 7.86 -6.16 1.13
CA GLY A 53 7.88 -5.66 2.49
C GLY A 53 6.49 -5.21 2.93
N LEU A 54 5.51 -5.50 2.09
CA LEU A 54 4.14 -5.13 2.38
C LEU A 54 3.52 -6.19 3.29
N CYS A 55 3.00 -5.72 4.41
CA CYS A 55 2.38 -6.61 5.38
C CYS A 55 1.11 -5.94 5.92
N VAL A 56 0.08 -6.74 6.10
CA VAL A 56 -1.19 -6.23 6.61
C VAL A 56 -0.92 -5.29 7.79
N GLY A 57 -1.78 -4.29 7.89
CA GLY A 57 -1.64 -3.31 8.96
C GLY A 57 -1.24 -1.94 8.41
N ASP A 58 -0.87 -1.94 7.14
CA ASP A 58 -0.46 -0.71 6.48
C ASP A 58 -1.62 -0.18 5.63
N LYS A 59 -1.50 1.09 5.25
CA LYS A 59 -2.53 1.72 4.44
C LYS A 59 -1.87 2.42 3.25
N ILE A 60 -2.19 1.92 2.07
CA ILE A 60 -1.64 2.49 0.84
C ILE A 60 -2.27 3.86 0.59
N THR A 61 -1.44 4.88 0.66
CA THR A 61 -1.92 6.24 0.45
C THR A 61 -1.68 6.65 -1.01
N GLU A 62 -0.75 5.96 -1.64
CA GLU A 62 -0.42 6.25 -3.03
C GLU A 62 0.41 5.10 -3.63
N VAL A 63 0.41 5.04 -4.96
CA VAL A 63 1.15 4.01 -5.66
C VAL A 63 1.46 4.49 -7.07
N ASN A 64 2.67 4.18 -7.52
CA ASN A 64 3.11 4.57 -8.85
C ASN A 64 2.80 6.05 -9.06
N GLY A 65 2.71 6.77 -7.96
CA GLY A 65 2.43 8.19 -8.01
C GLY A 65 0.92 8.46 -7.87
N LEU A 66 0.14 7.56 -8.47
CA LEU A 66 -1.31 7.68 -8.42
C LEU A 66 -1.78 7.52 -6.98
N SER A 67 -2.46 8.55 -6.50
CA SER A 67 -2.97 8.54 -5.13
C SER A 67 -4.26 7.72 -5.06
N LEU A 68 -4.35 6.91 -4.02
CA LEU A 68 -5.52 6.07 -3.83
C LEU A 68 -6.35 6.62 -2.67
N GLU A 69 -6.09 7.87 -2.32
CA GLU A 69 -6.79 8.52 -1.23
C GLU A 69 -8.25 8.80 -1.64
N SER A 70 -8.39 9.43 -2.79
CA SER A 70 -9.71 9.75 -3.30
C SER A 70 -9.99 8.97 -4.59
N THR A 71 -9.77 7.67 -4.51
CA THR A 71 -10.00 6.79 -5.65
C THR A 71 -10.63 5.48 -5.20
N THR A 72 -11.37 4.88 -6.12
CA THR A 72 -12.03 3.62 -5.84
C THR A 72 -11.02 2.47 -5.86
N MET A 73 -11.43 1.35 -5.29
CA MET A 73 -10.58 0.18 -5.24
C MET A 73 -10.15 -0.25 -6.64
N GLY A 74 -11.14 -0.50 -7.48
CA GLY A 74 -10.89 -0.91 -8.85
C GLY A 74 -9.68 -0.16 -9.43
N SER A 75 -9.87 1.13 -9.62
CA SER A 75 -8.81 1.97 -10.17
C SER A 75 -7.47 1.55 -9.58
N ALA A 76 -7.41 1.55 -8.26
CA ALA A 76 -6.19 1.17 -7.56
C ALA A 76 -5.70 -0.18 -8.09
N VAL A 77 -6.62 -1.14 -8.10
CA VAL A 77 -6.30 -2.48 -8.56
C VAL A 77 -5.83 -2.40 -10.02
N LYS A 78 -6.68 -1.84 -10.86
CA LYS A 78 -6.36 -1.69 -12.27
C LYS A 78 -4.89 -1.33 -12.43
N VAL A 79 -4.38 -0.62 -11.43
CA VAL A 79 -2.99 -0.20 -11.44
C VAL A 79 -2.13 -1.28 -10.78
N LEU A 80 -2.60 -1.74 -9.63
CA LEU A 80 -1.89 -2.77 -8.89
C LEU A 80 -1.76 -4.02 -9.76
N THR A 81 -2.55 -4.06 -10.82
CA THR A 81 -2.53 -5.18 -11.73
C THR A 81 -1.94 -4.78 -13.08
N SER A 82 -1.48 -3.54 -13.13
CA SER A 82 -0.88 -3.00 -14.35
C SER A 82 0.41 -2.26 -14.02
N SER A 83 1.51 -3.01 -14.05
CA SER A 83 2.81 -2.45 -13.75
C SER A 83 3.78 -3.55 -13.34
N SER A 84 4.90 -3.61 -14.05
CA SER A 84 5.92 -4.61 -13.77
C SER A 84 6.69 -4.23 -12.50
N ARG A 85 6.40 -3.04 -12.00
CA ARG A 85 7.05 -2.55 -10.80
C ARG A 85 6.20 -1.46 -10.14
N LEU A 86 5.37 -1.90 -9.21
CA LEU A 86 4.51 -0.97 -8.50
C LEU A 86 5.28 -0.34 -7.33
N HIS A 87 5.00 0.93 -7.10
CA HIS A 87 5.67 1.66 -6.02
C HIS A 87 4.62 2.26 -5.09
N MET A 88 4.24 1.48 -4.09
CA MET A 88 3.26 1.92 -3.12
C MET A 88 3.92 2.61 -1.93
N MET A 89 3.26 3.65 -1.45
CA MET A 89 3.77 4.41 -0.32
C MET A 89 2.74 4.49 0.81
N VAL A 90 3.09 3.87 1.93
CA VAL A 90 2.19 3.87 3.08
C VAL A 90 2.70 4.87 4.11
N ARG A 91 1.78 5.34 4.94
CA ARG A 91 2.12 6.30 5.98
C ARG A 91 2.12 5.63 7.35
N ARG A 92 3.33 5.40 7.85
CA ARG A 92 3.49 4.77 9.15
C ARG A 92 4.50 5.54 10.00
N MET A 93 4.21 5.60 11.29
CA MET A 93 5.09 6.30 12.21
C MET A 93 6.39 5.52 12.45
N GLY A 94 7.35 6.20 13.05
CA GLY A 94 8.63 5.58 13.34
C GLY A 94 8.45 4.14 13.82
N SER A 95 9.36 3.28 13.36
CA SER A 95 9.31 1.88 13.74
C SER A 95 9.74 1.71 15.19
N GLY A 96 9.51 0.52 15.71
CA GLY A 96 9.86 0.20 17.08
C GLY A 96 8.65 -0.29 17.87
N PRO A 97 8.48 -1.65 17.86
CA PRO A 97 7.37 -2.26 18.56
C PRO A 97 7.61 -2.26 20.08
N SER A 98 6.63 -2.78 20.80
CA SER A 98 6.72 -2.85 22.25
C SER A 98 6.15 -4.18 22.75
N SER A 99 6.87 -4.79 23.68
CA SER A 99 6.46 -6.06 24.24
C SER A 99 6.70 -6.07 25.75
N GLY A 100 7.96 -5.87 26.12
CA GLY A 100 8.34 -5.86 27.51
C GLY A 100 9.00 -7.18 27.91
N GLY A 1 2.28 23.56 -3.65
CA GLY A 1 2.47 24.14 -2.33
C GLY A 1 3.89 23.90 -1.82
N SER A 2 4.14 24.35 -0.61
CA SER A 2 5.45 24.19 0.01
C SER A 2 5.32 23.41 1.31
N SER A 3 6.12 22.35 1.41
CA SER A 3 6.10 21.51 2.59
C SER A 3 7.17 20.43 2.47
N GLY A 4 7.52 19.86 3.62
CA GLY A 4 8.54 18.82 3.66
C GLY A 4 9.74 19.25 4.50
N SER A 5 9.81 18.70 5.71
CA SER A 5 10.90 19.02 6.61
C SER A 5 10.77 18.22 7.90
N SER A 6 9.60 18.33 8.51
CA SER A 6 9.32 17.63 9.75
C SER A 6 7.99 16.88 9.64
N GLY A 7 7.86 15.84 10.46
CA GLY A 7 6.65 15.04 10.46
C GLY A 7 6.88 13.69 11.14
N SER A 8 6.11 13.44 12.19
CA SER A 8 6.23 12.20 12.93
C SER A 8 6.10 11.01 11.98
N ASP A 9 5.00 11.01 11.24
CA ASP A 9 4.74 9.94 10.30
C ASP A 9 5.74 10.03 9.14
N ILE A 10 6.04 8.88 8.56
CA ILE A 10 6.98 8.81 7.45
C ILE A 10 6.40 7.89 6.37
N ILE A 11 6.87 8.11 5.15
CA ILE A 11 6.43 7.31 4.02
C ILE A 11 7.38 6.12 3.83
N HIS A 12 6.80 5.01 3.41
CA HIS A 12 7.56 3.80 3.20
C HIS A 12 7.61 3.47 1.70
N SER A 13 8.69 2.84 1.29
CA SER A 13 8.87 2.47 -0.10
C SER A 13 8.83 0.94 -0.25
N VAL A 14 8.08 0.50 -1.23
CA VAL A 14 7.94 -0.93 -1.49
C VAL A 14 7.80 -1.17 -2.99
N ARG A 15 8.28 -2.32 -3.44
CA ARG A 15 8.21 -2.67 -4.84
C ARG A 15 7.65 -4.08 -5.00
N VAL A 16 6.40 -4.15 -5.42
CA VAL A 16 5.73 -5.42 -5.62
C VAL A 16 5.74 -5.78 -7.12
N GLU A 17 6.39 -6.89 -7.42
CA GLU A 17 6.48 -7.34 -8.80
C GLU A 17 5.19 -8.06 -9.21
N LYS A 18 5.03 -8.22 -10.51
CA LYS A 18 3.86 -8.89 -11.04
C LYS A 18 3.94 -10.39 -10.75
N SER A 19 2.91 -10.90 -10.10
CA SER A 19 2.86 -12.32 -9.76
C SER A 19 2.28 -13.11 -10.93
N PRO A 20 2.53 -14.45 -10.89
CA PRO A 20 2.04 -15.33 -11.93
C PRO A 20 0.53 -15.58 -11.78
N ALA A 21 -0.24 -14.53 -12.03
CA ALA A 21 -1.69 -14.61 -11.93
C ALA A 21 -2.29 -13.22 -12.14
N GLY A 22 -3.61 -13.18 -12.11
CA GLY A 22 -4.32 -11.92 -12.29
C GLY A 22 -4.78 -11.35 -10.96
N ARG A 23 -3.79 -10.96 -10.15
CA ARG A 23 -4.08 -10.39 -8.84
C ARG A 23 -2.78 -10.12 -8.09
N LEU A 24 -2.84 -9.13 -7.21
CA LEU A 24 -1.68 -8.76 -6.43
C LEU A 24 -1.39 -9.85 -5.39
N GLY A 25 -0.17 -9.81 -4.87
CA GLY A 25 0.24 -10.79 -3.87
C GLY A 25 -0.30 -10.43 -2.49
N PHE A 26 -1.14 -9.41 -2.46
CA PHE A 26 -1.72 -8.96 -1.22
C PHE A 26 -3.20 -8.61 -1.40
N SER A 27 -3.92 -8.62 -0.28
CA SER A 27 -5.35 -8.32 -0.30
C SER A 27 -5.59 -6.95 0.34
N VAL A 28 -6.33 -6.13 -0.39
CA VAL A 28 -6.65 -4.79 0.09
C VAL A 28 -8.13 -4.74 0.46
N ARG A 29 -8.44 -3.82 1.38
CA ARG A 29 -9.82 -3.65 1.83
C ARG A 29 -10.26 -2.20 1.65
N GLY A 30 -11.56 -1.99 1.79
CA GLY A 30 -12.12 -0.66 1.65
C GLY A 30 -12.64 -0.43 0.22
N GLY A 31 -12.60 0.83 -0.19
CA GLY A 31 -13.06 1.19 -1.52
C GLY A 31 -13.91 2.46 -1.47
N SER A 32 -15.21 2.26 -1.32
CA SER A 32 -16.14 3.37 -1.26
C SER A 32 -17.28 3.05 -0.31
N GLU A 33 -16.99 3.13 0.98
CA GLU A 33 -17.98 2.85 2.01
C GLU A 33 -18.00 3.96 3.05
N HIS A 34 -16.86 4.13 3.71
CA HIS A 34 -16.73 5.15 4.74
C HIS A 34 -16.16 6.43 4.12
N GLY A 35 -15.01 6.28 3.49
CA GLY A 35 -14.35 7.41 2.86
C GLY A 35 -12.86 7.42 3.17
N LEU A 36 -12.17 6.40 2.70
CA LEU A 36 -10.74 6.28 2.93
C LEU A 36 -10.06 5.78 1.65
N GLY A 37 -8.75 5.71 1.71
CA GLY A 37 -7.96 5.25 0.58
C GLY A 37 -7.92 3.72 0.52
N ILE A 38 -6.74 3.21 0.19
CA ILE A 38 -6.54 1.76 0.11
C ILE A 38 -5.69 1.31 1.29
N PHE A 39 -6.12 0.19 1.88
CA PHE A 39 -5.41 -0.37 3.02
C PHE A 39 -5.20 -1.88 2.84
N VAL A 40 -4.04 -2.34 3.29
CA VAL A 40 -3.70 -3.75 3.20
C VAL A 40 -4.52 -4.54 4.23
N SER A 41 -4.85 -5.77 3.85
CA SER A 41 -5.62 -6.63 4.73
C SER A 41 -4.90 -7.96 4.93
N LYS A 42 -4.46 -8.54 3.83
CA LYS A 42 -3.75 -9.80 3.86
C LYS A 42 -2.61 -9.78 2.85
N VAL A 43 -1.62 -10.64 3.08
CA VAL A 43 -0.48 -10.73 2.20
C VAL A 43 -0.10 -12.19 2.01
N GLU A 44 -0.25 -12.67 0.79
CA GLU A 44 0.08 -14.04 0.46
C GLU A 44 1.37 -14.46 1.16
N GLU A 45 1.45 -15.75 1.48
CA GLU A 45 2.61 -16.29 2.16
C GLU A 45 3.79 -16.36 1.20
N GLY A 46 4.96 -15.98 1.71
CA GLY A 46 6.17 -16.00 0.91
C GLY A 46 5.94 -15.33 -0.45
N SER A 47 5.07 -14.32 -0.43
CA SER A 47 4.76 -13.58 -1.65
C SER A 47 5.80 -12.49 -1.88
N SER A 48 5.73 -11.89 -3.07
CA SER A 48 6.66 -10.83 -3.42
C SER A 48 6.42 -9.60 -2.56
N ALA A 49 5.18 -9.46 -2.13
CA ALA A 49 4.79 -8.34 -1.28
C ALA A 49 5.53 -8.42 0.05
N GLU A 50 5.30 -9.53 0.74
CA GLU A 50 5.94 -9.76 2.03
C GLU A 50 7.44 -9.51 1.93
N ARG A 51 7.98 -9.78 0.75
CA ARG A 51 9.40 -9.59 0.50
C ARG A 51 9.69 -8.15 0.10
N ALA A 52 8.76 -7.59 -0.67
CA ALA A 52 8.90 -6.22 -1.13
C ALA A 52 8.89 -5.27 0.07
N GLY A 53 8.30 -5.76 1.16
CA GLY A 53 8.22 -4.97 2.37
C GLY A 53 6.77 -4.82 2.83
N LEU A 54 5.85 -5.16 1.93
CA LEU A 54 4.44 -5.07 2.23
C LEU A 54 4.10 -6.03 3.37
N CYS A 55 3.21 -5.58 4.24
CA CYS A 55 2.78 -6.40 5.37
C CYS A 55 1.32 -6.07 5.68
N VAL A 56 0.78 -6.82 6.62
CA VAL A 56 -0.61 -6.62 7.02
C VAL A 56 -0.70 -5.45 7.98
N GLY A 57 -1.73 -4.64 7.78
CA GLY A 57 -1.94 -3.47 8.63
C GLY A 57 -1.55 -2.19 7.90
N ASP A 58 -0.60 -2.33 6.99
CA ASP A 58 -0.12 -1.19 6.21
C ASP A 58 -1.32 -0.48 5.58
N LYS A 59 -1.12 0.79 5.26
CA LYS A 59 -2.16 1.59 4.64
C LYS A 59 -1.59 2.30 3.42
N ILE A 60 -1.92 1.76 2.25
CA ILE A 60 -1.46 2.34 1.01
C ILE A 60 -2.16 3.69 0.78
N THR A 61 -1.34 4.74 0.74
CA THR A 61 -1.87 6.07 0.53
C THR A 61 -1.65 6.51 -0.92
N GLU A 62 -0.73 5.83 -1.58
CA GLU A 62 -0.42 6.14 -2.96
C GLU A 62 0.42 5.02 -3.59
N VAL A 63 0.31 4.90 -4.90
CA VAL A 63 1.05 3.87 -5.62
C VAL A 63 1.24 4.31 -7.07
N ASN A 64 2.48 4.26 -7.51
CA ASN A 64 2.81 4.65 -8.88
C ASN A 64 3.00 6.17 -8.93
N GLY A 65 2.10 6.87 -8.25
CA GLY A 65 2.15 8.32 -8.23
C GLY A 65 0.78 8.91 -7.87
N LEU A 66 -0.26 8.27 -8.39
CA LEU A 66 -1.61 8.72 -8.14
C LEU A 66 -1.99 8.40 -6.70
N SER A 67 -2.48 9.42 -6.01
CA SER A 67 -2.89 9.26 -4.62
C SER A 67 -4.21 8.51 -4.54
N LEU A 68 -4.23 7.47 -3.72
CA LEU A 68 -5.42 6.67 -3.54
C LEU A 68 -6.07 7.00 -2.19
N GLU A 69 -6.10 8.28 -1.89
CA GLU A 69 -6.68 8.75 -0.64
C GLU A 69 -8.20 8.79 -0.75
N SER A 70 -8.68 8.96 -1.99
CA SER A 70 -10.10 9.02 -2.24
C SER A 70 -10.43 8.31 -3.55
N THR A 71 -9.72 7.21 -3.79
CA THR A 71 -9.92 6.43 -4.99
C THR A 71 -10.50 5.05 -4.64
N THR A 72 -11.39 4.59 -5.51
CA THR A 72 -12.03 3.29 -5.31
C THR A 72 -10.98 2.19 -5.27
N MET A 73 -11.46 0.95 -5.35
CA MET A 73 -10.57 -0.20 -5.31
C MET A 73 -10.24 -0.68 -6.73
N GLY A 74 -11.28 -1.10 -7.44
CA GLY A 74 -11.11 -1.58 -8.80
C GLY A 74 -10.08 -0.75 -9.55
N SER A 75 -10.43 0.51 -9.80
CA SER A 75 -9.54 1.41 -10.51
C SER A 75 -8.11 1.24 -10.00
N ALA A 76 -7.98 1.29 -8.67
CA ALA A 76 -6.67 1.15 -8.05
C ALA A 76 -6.08 -0.20 -8.44
N VAL A 77 -6.85 -1.25 -8.20
CA VAL A 77 -6.41 -2.59 -8.52
C VAL A 77 -6.00 -2.66 -9.99
N LYS A 78 -6.86 -2.11 -10.84
CA LYS A 78 -6.60 -2.10 -12.27
C LYS A 78 -5.22 -1.51 -12.52
N VAL A 79 -4.95 -0.39 -11.86
CA VAL A 79 -3.68 0.29 -12.00
C VAL A 79 -2.59 -0.56 -11.34
N LEU A 80 -2.98 -1.34 -10.35
CA LEU A 80 -2.06 -2.18 -9.64
C LEU A 80 -1.75 -3.42 -10.48
N THR A 81 -2.57 -3.62 -11.51
CA THR A 81 -2.40 -4.75 -12.41
C THR A 81 -1.83 -4.29 -13.75
N SER A 82 -1.50 -3.01 -13.81
CA SER A 82 -0.94 -2.44 -15.02
C SER A 82 0.39 -1.74 -14.72
N SER A 83 1.37 -2.55 -14.40
CA SER A 83 2.70 -2.03 -14.08
C SER A 83 3.63 -3.18 -13.69
N SER A 84 4.84 -3.12 -14.22
CA SER A 84 5.84 -4.15 -13.93
C SER A 84 6.67 -3.73 -12.72
N ARG A 85 6.29 -2.61 -12.14
CA ARG A 85 6.99 -2.10 -10.98
C ARG A 85 6.09 -1.15 -10.18
N LEU A 86 5.35 -1.73 -9.25
CA LEU A 86 4.44 -0.95 -8.42
C LEU A 86 5.22 -0.37 -7.23
N HIS A 87 4.96 0.91 -6.98
CA HIS A 87 5.63 1.59 -5.88
C HIS A 87 4.58 2.19 -4.94
N MET A 88 4.21 1.39 -3.95
CA MET A 88 3.22 1.82 -2.98
C MET A 88 3.89 2.53 -1.79
N MET A 89 3.23 3.57 -1.32
CA MET A 89 3.75 4.34 -0.20
C MET A 89 2.72 4.39 0.94
N VAL A 90 3.10 3.82 2.08
CA VAL A 90 2.23 3.80 3.24
C VAL A 90 2.71 4.85 4.24
N ARG A 91 1.79 5.25 5.11
CA ARG A 91 2.11 6.24 6.13
C ARG A 91 2.07 5.61 7.52
N ARG A 92 3.25 5.51 8.12
CA ARG A 92 3.36 4.94 9.45
C ARG A 92 3.66 6.03 10.48
N MET A 93 2.99 5.91 11.63
CA MET A 93 3.17 6.88 12.69
C MET A 93 4.60 6.84 13.24
N GLY A 94 4.98 7.92 13.89
CA GLY A 94 6.32 8.02 14.46
C GLY A 94 6.70 6.73 15.18
N SER A 95 6.47 6.73 16.48
CA SER A 95 6.78 5.57 17.29
C SER A 95 6.35 5.80 18.74
N GLY A 96 5.57 4.86 19.26
CA GLY A 96 5.08 4.95 20.61
C GLY A 96 3.78 4.16 20.79
N PRO A 97 3.42 3.93 22.07
CA PRO A 97 2.21 3.18 22.39
C PRO A 97 0.96 4.05 22.16
N SER A 98 0.69 4.31 20.90
CA SER A 98 -0.46 5.12 20.54
C SER A 98 -0.34 6.52 21.16
N SER A 99 -0.93 7.48 20.48
CA SER A 99 -0.89 8.86 20.95
C SER A 99 -2.02 9.10 21.96
N GLY A 100 -1.75 10.00 22.90
CA GLY A 100 -2.73 10.32 23.92
C GLY A 100 -2.06 10.51 25.28
N GLY A 1 15.04 21.33 -0.38
CA GLY A 1 13.79 20.82 0.18
C GLY A 1 13.33 21.70 1.35
N SER A 2 12.60 22.74 1.02
CA SER A 2 12.08 23.67 2.02
C SER A 2 11.01 22.96 2.86
N SER A 3 11.47 22.26 3.88
CA SER A 3 10.57 21.54 4.77
C SER A 3 11.34 21.02 5.99
N GLY A 4 10.58 20.71 7.03
CA GLY A 4 11.18 20.21 8.27
C GLY A 4 10.36 19.06 8.83
N SER A 5 9.16 19.39 9.30
CA SER A 5 8.28 18.38 9.86
C SER A 5 8.91 17.79 11.13
N SER A 6 8.19 17.92 12.23
CA SER A 6 8.66 17.41 13.50
C SER A 6 7.66 16.39 14.06
N GLY A 7 7.91 15.13 13.72
CA GLY A 7 7.04 14.05 14.17
C GLY A 7 5.87 13.85 13.21
N SER A 8 6.02 12.88 12.34
CA SER A 8 4.99 12.58 11.37
C SER A 8 5.19 11.18 10.79
N ASP A 9 4.08 10.54 10.46
CA ASP A 9 4.14 9.19 9.91
C ASP A 9 4.85 9.23 8.55
N ILE A 10 6.17 9.14 8.61
CA ILE A 10 6.97 9.16 7.41
C ILE A 10 6.36 8.23 6.36
N ILE A 11 6.80 8.39 5.13
CA ILE A 11 6.30 7.57 4.04
C ILE A 11 7.23 6.37 3.85
N HIS A 12 6.62 5.23 3.55
CA HIS A 12 7.38 4.01 3.34
C HIS A 12 7.54 3.76 1.84
N SER A 13 8.63 3.10 1.50
CA SER A 13 8.92 2.78 0.11
C SER A 13 8.87 1.27 -0.10
N VAL A 14 8.04 0.86 -1.05
CA VAL A 14 7.89 -0.55 -1.36
C VAL A 14 7.64 -0.72 -2.85
N ARG A 15 8.10 -1.84 -3.38
CA ARG A 15 7.93 -2.14 -4.80
C ARG A 15 7.46 -3.58 -4.99
N VAL A 16 6.19 -3.72 -5.31
CA VAL A 16 5.61 -5.04 -5.52
C VAL A 16 5.68 -5.38 -7.01
N GLU A 17 5.88 -6.67 -7.28
CA GLU A 17 5.98 -7.14 -8.64
C GLU A 17 4.59 -7.55 -9.15
N LYS A 18 4.52 -7.76 -10.46
CA LYS A 18 3.26 -8.15 -11.09
C LYS A 18 3.26 -9.66 -11.31
N SER A 19 2.08 -10.17 -11.66
CA SER A 19 1.93 -11.60 -11.89
C SER A 19 0.51 -11.90 -12.38
N PRO A 20 0.43 -12.66 -13.49
CA PRO A 20 -0.86 -13.02 -14.06
C PRO A 20 -1.54 -14.11 -13.23
N ALA A 21 -2.51 -13.69 -12.44
CA ALA A 21 -3.25 -14.61 -11.59
C ALA A 21 -4.63 -14.04 -11.32
N GLY A 22 -4.65 -12.94 -10.59
CA GLY A 22 -5.91 -12.29 -10.25
C GLY A 22 -5.75 -11.41 -8.99
N ARG A 23 -5.35 -12.05 -7.91
CA ARG A 23 -5.15 -11.35 -6.65
C ARG A 23 -3.66 -11.16 -6.37
N LEU A 24 -3.21 -9.92 -6.52
CA LEU A 24 -1.82 -9.61 -6.29
C LEU A 24 -1.33 -10.34 -5.04
N GLY A 25 -0.01 -10.43 -4.92
CA GLY A 25 0.59 -11.09 -3.78
C GLY A 25 -0.03 -10.61 -2.47
N PHE A 26 -0.60 -9.43 -2.53
CA PHE A 26 -1.22 -8.84 -1.36
C PHE A 26 -2.71 -8.56 -1.61
N SER A 27 -3.45 -8.43 -0.52
CA SER A 27 -4.88 -8.16 -0.61
C SER A 27 -5.21 -6.82 0.05
N VAL A 28 -6.11 -6.09 -0.58
CA VAL A 28 -6.51 -4.79 -0.06
C VAL A 28 -7.98 -4.85 0.35
N ARG A 29 -8.35 -3.95 1.25
CA ARG A 29 -9.71 -3.89 1.73
C ARG A 29 -10.16 -2.43 1.90
N GLY A 30 -11.45 -2.25 2.07
CA GLY A 30 -12.01 -0.92 2.26
C GLY A 30 -12.62 -0.40 0.95
N GLY A 31 -11.98 0.63 0.40
CA GLY A 31 -12.45 1.22 -0.84
C GLY A 31 -12.89 2.67 -0.63
N SER A 32 -14.20 2.86 -0.58
CA SER A 32 -14.75 4.20 -0.38
C SER A 32 -16.09 4.09 0.36
N GLU A 33 -15.98 4.06 1.68
CA GLU A 33 -17.17 3.96 2.52
C GLU A 33 -17.28 5.21 3.41
N HIS A 34 -16.23 5.44 4.18
CA HIS A 34 -16.20 6.59 5.08
C HIS A 34 -15.47 7.75 4.41
N GLY A 35 -14.25 7.47 3.98
CA GLY A 35 -13.44 8.47 3.33
C GLY A 35 -11.94 8.24 3.59
N LEU A 36 -11.50 7.03 3.28
CA LEU A 36 -10.10 6.67 3.49
C LEU A 36 -9.53 6.11 2.18
N GLY A 37 -8.27 5.73 2.25
CA GLY A 37 -7.59 5.16 1.08
C GLY A 37 -7.67 3.63 1.08
N ILE A 38 -6.67 3.03 0.47
CA ILE A 38 -6.60 1.58 0.39
C ILE A 38 -5.83 1.04 1.59
N PHE A 39 -6.28 -0.10 2.09
CA PHE A 39 -5.64 -0.73 3.23
C PHE A 39 -5.38 -2.21 2.96
N VAL A 40 -4.19 -2.64 3.33
CA VAL A 40 -3.80 -4.03 3.14
C VAL A 40 -4.50 -4.90 4.19
N SER A 41 -5.16 -5.94 3.70
CA SER A 41 -5.87 -6.85 4.58
C SER A 41 -5.01 -8.08 4.88
N LYS A 42 -4.56 -8.72 3.81
CA LYS A 42 -3.73 -9.90 3.93
C LYS A 42 -2.60 -9.84 2.91
N VAL A 43 -1.64 -10.73 3.08
CA VAL A 43 -0.50 -10.79 2.18
C VAL A 43 -0.09 -12.25 1.97
N GLU A 44 -0.41 -12.76 0.80
CA GLU A 44 -0.08 -14.13 0.46
C GLU A 44 1.28 -14.51 1.02
N GLU A 45 1.30 -15.56 1.82
CA GLU A 45 2.53 -16.03 2.43
C GLU A 45 3.62 -16.19 1.36
N GLY A 46 4.85 -15.97 1.79
CA GLY A 46 5.99 -16.10 0.89
C GLY A 46 5.67 -15.47 -0.48
N SER A 47 5.18 -14.24 -0.44
CA SER A 47 4.83 -13.53 -1.66
C SER A 47 5.84 -12.41 -1.91
N SER A 48 5.79 -11.88 -3.13
CA SER A 48 6.69 -10.81 -3.51
C SER A 48 6.44 -9.58 -2.63
N ALA A 49 5.21 -9.46 -2.18
CA ALA A 49 4.82 -8.34 -1.32
C ALA A 49 5.55 -8.45 0.02
N GLU A 50 5.27 -9.54 0.73
CA GLU A 50 5.90 -9.76 2.01
C GLU A 50 7.41 -9.52 1.93
N ARG A 51 7.94 -9.76 0.74
CA ARG A 51 9.37 -9.56 0.51
C ARG A 51 9.65 -8.13 0.09
N ALA A 52 8.71 -7.56 -0.66
CA ALA A 52 8.84 -6.19 -1.13
C ALA A 52 8.86 -5.24 0.06
N GLY A 53 8.32 -5.73 1.17
CA GLY A 53 8.27 -4.94 2.39
C GLY A 53 6.82 -4.76 2.86
N LEU A 54 5.89 -5.12 1.98
CA LEU A 54 4.48 -4.99 2.29
C LEU A 54 4.11 -6.03 3.37
N CYS A 55 3.17 -5.63 4.21
CA CYS A 55 2.73 -6.50 5.28
C CYS A 55 1.25 -6.21 5.56
N VAL A 56 0.75 -6.80 6.64
CA VAL A 56 -0.63 -6.60 7.03
C VAL A 56 -0.74 -5.37 7.93
N GLY A 57 -1.86 -4.68 7.80
CA GLY A 57 -2.10 -3.48 8.60
C GLY A 57 -1.67 -2.23 7.84
N ASP A 58 -0.75 -2.42 6.91
CA ASP A 58 -0.25 -1.31 6.10
C ASP A 58 -1.42 -0.66 5.37
N LYS A 59 -1.26 0.62 5.09
CA LYS A 59 -2.29 1.38 4.39
C LYS A 59 -1.66 2.13 3.21
N ILE A 60 -1.99 1.66 2.02
CA ILE A 60 -1.47 2.28 0.81
C ILE A 60 -2.12 3.65 0.62
N THR A 61 -1.28 4.68 0.68
CA THR A 61 -1.75 6.03 0.51
C THR A 61 -1.53 6.51 -0.93
N GLU A 62 -0.62 5.83 -1.61
CA GLU A 62 -0.30 6.16 -2.98
C GLU A 62 0.45 5.01 -3.66
N VAL A 63 0.35 4.97 -4.98
CA VAL A 63 1.01 3.93 -5.74
C VAL A 63 1.37 4.47 -7.13
N ASN A 64 2.55 4.11 -7.58
CA ASN A 64 3.01 4.54 -8.89
C ASN A 64 2.81 6.06 -9.02
N GLY A 65 2.76 6.72 -7.87
CA GLY A 65 2.57 8.16 -7.84
C GLY A 65 1.08 8.50 -7.67
N LEU A 66 0.24 7.68 -8.27
CA LEU A 66 -1.20 7.89 -8.19
C LEU A 66 -1.67 7.65 -6.75
N SER A 67 -2.45 8.59 -6.26
CA SER A 67 -2.97 8.51 -4.91
C SER A 67 -4.23 7.64 -4.89
N LEU A 68 -4.40 6.93 -3.78
CA LEU A 68 -5.55 6.06 -3.63
C LEU A 68 -6.40 6.55 -2.46
N GLU A 69 -6.18 7.80 -2.09
CA GLU A 69 -6.92 8.40 -1.00
C GLU A 69 -8.35 8.74 -1.43
N SER A 70 -8.46 9.28 -2.63
CA SER A 70 -9.75 9.63 -3.18
C SER A 70 -9.96 8.95 -4.53
N THR A 71 -9.82 7.64 -4.52
CA THR A 71 -9.99 6.85 -5.74
C THR A 71 -10.75 5.57 -5.44
N THR A 72 -11.43 5.07 -6.47
CA THR A 72 -12.20 3.84 -6.34
C THR A 72 -11.27 2.64 -6.20
N MET A 73 -11.65 1.73 -5.31
CA MET A 73 -10.85 0.53 -5.08
C MET A 73 -10.38 -0.07 -6.41
N GLY A 74 -11.35 -0.49 -7.21
CA GLY A 74 -11.05 -1.10 -8.50
C GLY A 74 -9.88 -0.39 -9.16
N SER A 75 -10.06 0.90 -9.42
CA SER A 75 -9.03 1.70 -10.06
C SER A 75 -7.65 1.31 -9.51
N ALA A 76 -7.46 1.61 -8.23
CA ALA A 76 -6.19 1.29 -7.58
C ALA A 76 -5.72 -0.08 -8.06
N VAL A 77 -6.60 -1.06 -7.95
CA VAL A 77 -6.28 -2.41 -8.37
C VAL A 77 -5.93 -2.42 -9.86
N LYS A 78 -6.84 -1.89 -10.65
CA LYS A 78 -6.65 -1.82 -12.09
C LYS A 78 -5.20 -1.43 -12.38
N VAL A 79 -4.63 -0.65 -11.48
CA VAL A 79 -3.26 -0.21 -11.62
C VAL A 79 -2.31 -1.28 -11.07
N LEU A 80 -2.67 -1.78 -9.89
CA LEU A 80 -1.87 -2.80 -9.24
C LEU A 80 -1.80 -4.04 -10.15
N THR A 81 -2.88 -4.27 -10.87
CA THR A 81 -2.96 -5.41 -11.77
C THR A 81 -1.90 -5.29 -12.87
N SER A 82 -1.64 -4.04 -13.26
CA SER A 82 -0.66 -3.78 -14.30
C SER A 82 0.60 -3.17 -13.68
N SER A 83 1.18 -2.22 -14.40
CA SER A 83 2.38 -1.55 -13.94
C SER A 83 3.49 -2.58 -13.72
N SER A 84 4.51 -2.50 -14.56
CA SER A 84 5.63 -3.41 -14.47
C SER A 84 6.44 -3.11 -13.21
N ARG A 85 6.07 -2.02 -12.55
CA ARG A 85 6.76 -1.62 -11.34
C ARG A 85 5.85 -0.72 -10.49
N LEU A 86 5.16 -1.35 -9.55
CA LEU A 86 4.25 -0.63 -8.67
C LEU A 86 5.05 -0.02 -7.51
N HIS A 87 4.83 1.27 -7.30
CA HIS A 87 5.51 1.98 -6.23
C HIS A 87 4.49 2.49 -5.21
N MET A 88 4.17 1.63 -4.25
CA MET A 88 3.21 1.99 -3.22
C MET A 88 3.91 2.61 -2.01
N MET A 89 3.25 3.59 -1.41
CA MET A 89 3.79 4.26 -0.25
C MET A 89 2.77 4.31 0.89
N VAL A 90 3.13 3.66 1.99
CA VAL A 90 2.26 3.62 3.14
C VAL A 90 2.76 4.61 4.19
N ARG A 91 1.84 5.03 5.06
CA ARG A 91 2.17 5.98 6.10
C ARG A 91 2.21 5.27 7.46
N ARG A 92 3.39 5.29 8.07
CA ARG A 92 3.56 4.65 9.37
C ARG A 92 4.32 5.59 10.32
N MET A 93 4.03 5.43 11.59
CA MET A 93 4.67 6.26 12.62
C MET A 93 5.89 5.55 13.21
N GLY A 94 6.88 6.35 13.56
CA GLY A 94 8.10 5.81 14.14
C GLY A 94 7.92 5.51 15.63
N SER A 95 7.70 4.24 15.92
CA SER A 95 7.50 3.80 17.29
C SER A 95 7.69 2.29 17.40
N GLY A 96 8.39 1.89 18.45
CA GLY A 96 8.65 0.48 18.67
C GLY A 96 7.42 -0.22 19.25
N PRO A 97 7.37 -1.56 19.02
CA PRO A 97 6.25 -2.36 19.51
C PRO A 97 6.35 -2.58 21.02
N SER A 98 5.28 -2.22 21.71
CA SER A 98 5.24 -2.37 23.15
C SER A 98 5.01 -3.84 23.53
N SER A 99 5.55 -4.22 24.67
CA SER A 99 5.42 -5.58 25.15
C SER A 99 4.43 -5.64 26.31
N GLY A 100 4.78 -4.94 27.39
CA GLY A 100 3.95 -4.90 28.57
C GLY A 100 2.49 -4.62 28.20
N GLY A 1 5.00 23.94 -9.69
CA GLY A 1 4.18 23.73 -8.52
C GLY A 1 4.95 22.99 -7.43
N SER A 2 5.18 23.70 -6.33
CA SER A 2 5.90 23.13 -5.21
C SER A 2 5.01 22.13 -4.46
N SER A 3 5.66 21.18 -3.82
CA SER A 3 4.94 20.17 -3.06
C SER A 3 5.93 19.20 -2.41
N GLY A 4 6.00 19.27 -1.08
CA GLY A 4 6.89 18.41 -0.33
C GLY A 4 6.11 17.35 0.45
N SER A 5 6.77 16.80 1.46
CA SER A 5 6.14 15.78 2.29
C SER A 5 6.79 15.77 3.67
N SER A 6 5.96 16.01 4.68
CA SER A 6 6.44 16.03 6.05
C SER A 6 5.25 16.01 7.01
N GLY A 7 5.53 15.62 8.26
CA GLY A 7 4.51 15.55 9.28
C GLY A 7 4.98 14.73 10.48
N SER A 8 4.37 13.56 10.63
CA SER A 8 4.73 12.68 11.73
C SER A 8 4.85 11.24 11.23
N ASP A 9 3.87 10.83 10.44
CA ASP A 9 3.85 9.49 9.88
C ASP A 9 4.75 9.45 8.64
N ILE A 10 5.89 8.79 8.80
CA ILE A 10 6.84 8.67 7.71
C ILE A 10 6.23 7.82 6.60
N ILE A 11 6.80 7.95 5.41
CA ILE A 11 6.31 7.20 4.26
C ILE A 11 7.21 5.98 4.04
N HIS A 12 6.59 4.90 3.59
CA HIS A 12 7.31 3.67 3.34
C HIS A 12 7.28 3.35 1.84
N SER A 13 8.42 2.92 1.32
CA SER A 13 8.53 2.58 -0.08
C SER A 13 8.57 1.06 -0.25
N VAL A 14 7.81 0.58 -1.22
CA VAL A 14 7.74 -0.84 -1.50
C VAL A 14 7.59 -1.06 -3.01
N ARG A 15 8.05 -2.22 -3.46
CA ARG A 15 7.98 -2.56 -4.87
C ARG A 15 7.46 -4.00 -5.04
N VAL A 16 6.23 -4.09 -5.51
CA VAL A 16 5.62 -5.40 -5.72
C VAL A 16 5.59 -5.71 -7.22
N GLU A 17 5.90 -6.97 -7.53
CA GLU A 17 5.92 -7.40 -8.92
C GLU A 17 4.54 -7.91 -9.34
N LYS A 18 4.12 -7.48 -10.51
CA LYS A 18 2.82 -7.88 -11.03
C LYS A 18 2.90 -9.32 -11.53
N SER A 19 1.88 -10.09 -11.17
CA SER A 19 1.82 -11.49 -11.56
C SER A 19 1.00 -11.63 -12.84
N PRO A 20 1.31 -12.72 -13.60
CA PRO A 20 0.61 -12.99 -14.84
C PRO A 20 -0.78 -13.53 -14.58
N ALA A 21 -1.03 -13.89 -13.33
CA ALA A 21 -2.31 -14.43 -12.93
C ALA A 21 -3.37 -13.32 -13.02
N GLY A 22 -3.12 -12.25 -12.27
CA GLY A 22 -4.04 -11.13 -12.24
C GLY A 22 -4.48 -10.81 -10.82
N ARG A 23 -3.49 -10.52 -9.98
CA ARG A 23 -3.77 -10.20 -8.58
C ARG A 23 -2.46 -9.94 -7.83
N LEU A 24 -2.50 -8.95 -6.96
CA LEU A 24 -1.33 -8.60 -6.17
C LEU A 24 -1.03 -9.73 -5.19
N GLY A 25 0.19 -9.71 -4.66
CA GLY A 25 0.62 -10.72 -3.70
C GLY A 25 0.04 -10.44 -2.32
N PHE A 26 -0.78 -9.40 -2.25
CA PHE A 26 -1.40 -9.01 -0.98
C PHE A 26 -2.87 -8.69 -1.18
N SER A 27 -3.62 -8.85 -0.10
CA SER A 27 -5.06 -8.58 -0.14
C SER A 27 -5.35 -7.23 0.51
N VAL A 28 -6.23 -6.47 -0.14
CA VAL A 28 -6.60 -5.16 0.37
C VAL A 28 -8.07 -5.18 0.81
N ARG A 29 -8.44 -4.16 1.57
CA ARG A 29 -9.81 -4.06 2.06
C ARG A 29 -10.37 -2.68 1.74
N GLY A 30 -11.70 -2.59 1.82
CA GLY A 30 -12.38 -1.33 1.55
C GLY A 30 -12.14 -0.88 0.10
N GLY A 31 -11.66 0.35 -0.03
CA GLY A 31 -11.38 0.90 -1.34
C GLY A 31 -12.66 1.46 -1.98
N SER A 32 -12.85 2.76 -1.79
CA SER A 32 -14.02 3.43 -2.34
C SER A 32 -13.86 4.94 -2.22
N GLU A 33 -14.42 5.65 -3.19
CA GLU A 33 -14.35 7.11 -3.20
C GLU A 33 -14.89 7.67 -1.89
N HIS A 34 -13.98 7.81 -0.93
CA HIS A 34 -14.34 8.34 0.37
C HIS A 34 -13.25 9.28 0.87
N GLY A 35 -12.07 8.71 1.06
CA GLY A 35 -10.93 9.47 1.54
C GLY A 35 -9.89 8.56 2.19
N LEU A 36 -10.37 7.46 2.73
CA LEU A 36 -9.50 6.50 3.39
C LEU A 36 -8.45 6.01 2.39
N GLY A 37 -8.92 5.63 1.22
CA GLY A 37 -8.03 5.15 0.17
C GLY A 37 -8.02 3.61 0.12
N ILE A 38 -6.82 3.07 0.19
CA ILE A 38 -6.66 1.62 0.16
C ILE A 38 -5.90 1.16 1.41
N PHE A 39 -6.30 0.02 1.92
CA PHE A 39 -5.67 -0.54 3.11
C PHE A 39 -5.37 -2.03 2.92
N VAL A 40 -4.24 -2.45 3.47
CA VAL A 40 -3.83 -3.84 3.37
C VAL A 40 -4.56 -4.65 4.47
N SER A 41 -4.88 -5.88 4.12
CA SER A 41 -5.57 -6.76 5.05
C SER A 41 -4.75 -8.04 5.26
N LYS A 42 -4.36 -8.64 4.15
CA LYS A 42 -3.57 -9.87 4.20
C LYS A 42 -2.44 -9.79 3.17
N VAL A 43 -1.39 -10.54 3.43
CA VAL A 43 -0.24 -10.57 2.54
C VAL A 43 0.21 -12.01 2.34
N GLU A 44 -0.09 -12.53 1.16
CA GLU A 44 0.28 -13.90 0.84
C GLU A 44 1.66 -14.23 1.41
N GLU A 45 1.85 -15.49 1.74
CA GLU A 45 3.11 -15.95 2.29
C GLU A 45 4.15 -16.12 1.18
N GLY A 46 5.40 -15.82 1.52
CA GLY A 46 6.49 -15.94 0.57
C GLY A 46 6.14 -15.21 -0.74
N SER A 47 5.25 -14.24 -0.62
CA SER A 47 4.83 -13.47 -1.78
C SER A 47 5.84 -12.35 -2.06
N SER A 48 5.76 -11.81 -3.26
CA SER A 48 6.65 -10.73 -3.66
C SER A 48 6.43 -9.51 -2.77
N ALA A 49 5.21 -9.41 -2.25
CA ALA A 49 4.87 -8.30 -1.38
C ALA A 49 5.66 -8.41 -0.06
N GLU A 50 5.37 -9.47 0.67
CA GLU A 50 6.04 -9.71 1.93
C GLU A 50 7.54 -9.45 1.79
N ARG A 51 8.05 -9.69 0.59
CA ARG A 51 9.46 -9.48 0.32
C ARG A 51 9.70 -8.04 -0.14
N ALA A 52 8.73 -7.50 -0.86
CA ALA A 52 8.82 -6.15 -1.36
C ALA A 52 8.87 -5.17 -0.18
N GLY A 53 8.37 -5.65 0.95
CA GLY A 53 8.34 -4.83 2.15
C GLY A 53 6.92 -4.68 2.69
N LEU A 54 5.96 -5.07 1.86
CA LEU A 54 4.56 -4.99 2.23
C LEU A 54 4.27 -6.02 3.33
N CYS A 55 3.28 -5.71 4.14
CA CYS A 55 2.89 -6.59 5.23
C CYS A 55 1.46 -6.24 5.65
N VAL A 56 1.01 -6.90 6.70
CA VAL A 56 -0.33 -6.67 7.21
C VAL A 56 -0.32 -5.47 8.14
N GLY A 57 -1.41 -4.71 8.10
CA GLY A 57 -1.54 -3.53 8.95
C GLY A 57 -0.92 -2.30 8.26
N ASP A 58 -1.02 -2.30 6.94
CA ASP A 58 -0.47 -1.19 6.16
C ASP A 58 -1.62 -0.45 5.47
N LYS A 59 -1.41 0.84 5.26
CA LYS A 59 -2.41 1.67 4.62
C LYS A 59 -1.80 2.35 3.39
N ILE A 60 -2.15 1.82 2.22
CA ILE A 60 -1.63 2.37 0.97
C ILE A 60 -2.30 3.72 0.70
N THR A 61 -1.47 4.76 0.69
CA THR A 61 -1.96 6.11 0.44
C THR A 61 -1.74 6.48 -1.03
N GLU A 62 -0.68 5.95 -1.60
CA GLU A 62 -0.35 6.23 -2.99
C GLU A 62 0.33 5.02 -3.62
N VAL A 63 0.20 4.93 -4.94
CA VAL A 63 0.79 3.84 -5.68
C VAL A 63 1.21 4.32 -7.07
N ASN A 64 2.22 3.67 -7.62
CA ASN A 64 2.71 4.03 -8.93
C ASN A 64 2.71 5.55 -9.08
N GLY A 65 2.91 6.22 -7.95
CA GLY A 65 2.91 7.67 -7.95
C GLY A 65 1.50 8.23 -7.78
N LEU A 66 0.57 7.60 -8.46
CA LEU A 66 -0.82 8.03 -8.40
C LEU A 66 -1.34 7.87 -6.97
N SER A 67 -1.80 8.98 -6.41
CA SER A 67 -2.32 8.98 -5.05
C SER A 67 -3.67 8.25 -5.00
N LEU A 68 -3.81 7.40 -4.01
CA LEU A 68 -5.04 6.64 -3.84
C LEU A 68 -5.72 7.06 -2.54
N GLU A 69 -5.66 8.36 -2.27
CA GLU A 69 -6.26 8.91 -1.06
C GLU A 69 -7.77 9.04 -1.25
N SER A 70 -8.16 9.28 -2.50
CA SER A 70 -9.57 9.43 -2.82
C SER A 70 -9.89 8.74 -4.15
N THR A 71 -9.37 7.54 -4.29
CA THR A 71 -9.58 6.76 -5.50
C THR A 71 -10.34 5.47 -5.19
N THR A 72 -11.14 5.04 -6.15
CA THR A 72 -11.91 3.82 -5.99
C THR A 72 -10.98 2.60 -5.94
N MET A 73 -11.55 1.49 -5.50
CA MET A 73 -10.79 0.25 -5.39
C MET A 73 -10.39 -0.26 -6.78
N GLY A 74 -11.41 -0.55 -7.58
CA GLY A 74 -11.19 -1.05 -8.92
C GLY A 74 -9.99 -0.35 -9.58
N SER A 75 -10.18 0.92 -9.88
CA SER A 75 -9.13 1.70 -10.50
C SER A 75 -7.77 1.36 -9.87
N ALA A 76 -7.70 1.53 -8.57
CA ALA A 76 -6.48 1.23 -7.84
C ALA A 76 -5.97 -0.14 -8.25
N VAL A 77 -6.90 -1.09 -8.35
CA VAL A 77 -6.56 -2.45 -8.72
C VAL A 77 -6.14 -2.46 -10.20
N LYS A 78 -7.06 -2.03 -11.05
CA LYS A 78 -6.80 -2.00 -12.48
C LYS A 78 -5.41 -1.40 -12.73
N VAL A 79 -5.07 -0.43 -11.90
CA VAL A 79 -3.78 0.24 -12.02
C VAL A 79 -2.69 -0.65 -11.40
N LEU A 80 -3.04 -1.25 -10.26
CA LEU A 80 -2.12 -2.12 -9.56
C LEU A 80 -1.86 -3.36 -10.40
N THR A 81 -2.66 -3.52 -11.44
CA THR A 81 -2.53 -4.66 -12.34
C THR A 81 -1.82 -4.25 -13.62
N SER A 82 -1.37 -3.00 -13.65
CA SER A 82 -0.67 -2.48 -14.81
C SER A 82 0.65 -1.83 -14.37
N SER A 83 1.66 -2.66 -14.20
CA SER A 83 2.97 -2.18 -13.79
C SER A 83 3.80 -3.34 -13.25
N SER A 84 5.02 -3.46 -13.77
CA SER A 84 5.92 -4.51 -13.36
C SER A 84 6.61 -4.13 -12.05
N ARG A 85 6.19 -2.99 -11.51
CA ARG A 85 6.76 -2.49 -10.27
C ARG A 85 5.80 -1.48 -9.62
N LEU A 86 4.98 -1.99 -8.72
CA LEU A 86 4.02 -1.16 -8.01
C LEU A 86 4.71 -0.49 -6.82
N HIS A 87 4.75 0.84 -6.87
CA HIS A 87 5.37 1.62 -5.81
C HIS A 87 4.29 2.19 -4.90
N MET A 88 3.91 1.40 -3.90
CA MET A 88 2.89 1.82 -2.96
C MET A 88 3.52 2.54 -1.76
N MET A 89 2.89 3.65 -1.38
CA MET A 89 3.37 4.42 -0.25
C MET A 89 2.38 4.39 0.90
N VAL A 90 2.82 3.83 2.02
CA VAL A 90 1.97 3.72 3.20
C VAL A 90 2.44 4.75 4.24
N ARG A 91 1.52 5.12 5.11
CA ARG A 91 1.82 6.08 6.15
C ARG A 91 1.76 5.41 7.53
N ARG A 92 2.93 5.23 8.12
CA ARG A 92 3.02 4.60 9.42
C ARG A 92 4.13 5.25 10.25
N MET A 93 3.82 5.49 11.51
CA MET A 93 4.78 6.12 12.42
C MET A 93 5.77 5.08 12.95
N GLY A 94 6.96 5.57 13.28
CA GLY A 94 8.00 4.71 13.80
C GLY A 94 8.66 3.90 12.67
N SER A 95 8.56 2.58 12.81
CA SER A 95 9.13 1.68 11.83
C SER A 95 8.33 0.39 11.77
N GLY A 96 8.18 -0.24 12.93
CA GLY A 96 7.43 -1.48 13.02
C GLY A 96 7.04 -1.77 14.47
N PRO A 97 5.77 -1.40 14.81
CA PRO A 97 5.25 -1.61 16.14
C PRO A 97 4.92 -3.09 16.37
N SER A 98 5.92 -3.93 16.18
CA SER A 98 5.76 -5.36 16.37
C SER A 98 4.77 -5.91 15.33
N SER A 99 5.08 -7.09 14.82
CA SER A 99 4.24 -7.73 13.83
C SER A 99 2.83 -7.92 14.40
N GLY A 100 1.92 -8.28 13.49
CA GLY A 100 0.54 -8.51 13.88
C GLY A 100 0.09 -7.49 14.95
N GLY A 1 5.13 26.44 -2.69
CA GLY A 1 4.18 25.66 -1.90
C GLY A 1 4.55 24.18 -1.89
N SER A 2 3.70 23.38 -2.51
CA SER A 2 3.93 21.94 -2.58
C SER A 2 3.92 21.35 -1.17
N SER A 3 3.42 20.13 -1.08
CA SER A 3 3.35 19.43 0.19
C SER A 3 4.72 18.84 0.55
N GLY A 4 4.84 18.40 1.78
CA GLY A 4 6.08 17.81 2.26
C GLY A 4 6.27 18.04 3.76
N SER A 5 7.47 17.74 4.23
CA SER A 5 7.79 17.92 5.64
C SER A 5 6.87 17.04 6.49
N SER A 6 7.40 16.62 7.63
CA SER A 6 6.64 15.78 8.54
C SER A 6 7.48 15.47 9.79
N GLY A 7 6.79 15.09 10.85
CA GLY A 7 7.46 14.77 12.10
C GLY A 7 6.99 13.41 12.63
N SER A 8 7.97 12.57 12.94
CA SER A 8 7.68 11.24 13.46
C SER A 8 7.17 10.35 12.34
N ASP A 9 6.04 10.77 11.76
CA ASP A 9 5.44 10.01 10.68
C ASP A 9 6.41 9.96 9.49
N ILE A 10 6.55 8.75 8.95
CA ILE A 10 7.44 8.56 7.82
C ILE A 10 6.73 7.72 6.76
N ILE A 11 7.22 7.83 5.53
CA ILE A 11 6.64 7.09 4.41
C ILE A 11 7.45 5.82 4.18
N HIS A 12 6.75 4.79 3.73
CA HIS A 12 7.39 3.51 3.46
C HIS A 12 7.42 3.26 1.94
N SER A 13 8.61 2.93 1.46
CA SER A 13 8.78 2.67 0.03
C SER A 13 8.84 1.16 -0.21
N VAL A 14 8.04 0.72 -1.17
CA VAL A 14 7.99 -0.68 -1.52
C VAL A 14 7.73 -0.83 -3.01
N ARG A 15 8.28 -1.90 -3.58
CA ARG A 15 8.12 -2.17 -5.00
C ARG A 15 7.68 -3.61 -5.22
N VAL A 16 6.41 -3.75 -5.59
CA VAL A 16 5.85 -5.07 -5.83
C VAL A 16 5.87 -5.36 -7.34
N GLU A 17 5.93 -6.64 -7.66
CA GLU A 17 5.97 -7.05 -9.05
C GLU A 17 4.71 -7.86 -9.39
N LYS A 18 4.30 -7.74 -10.65
CA LYS A 18 3.12 -8.45 -11.11
C LYS A 18 3.44 -9.94 -11.26
N SER A 19 2.52 -10.77 -10.78
CA SER A 19 2.70 -12.20 -10.84
C SER A 19 1.64 -12.81 -11.76
N PRO A 20 2.02 -13.96 -12.39
CA PRO A 20 1.11 -14.65 -13.29
C PRO A 20 0.03 -15.40 -12.52
N ALA A 21 -0.72 -14.64 -11.73
CA ALA A 21 -1.79 -15.22 -10.93
C ALA A 21 -3.08 -14.43 -11.18
N GLY A 22 -3.03 -13.14 -10.86
CA GLY A 22 -4.18 -12.28 -11.04
C GLY A 22 -4.22 -11.19 -9.97
N ARG A 23 -4.99 -11.46 -8.93
CA ARG A 23 -5.12 -10.51 -7.83
C ARG A 23 -3.74 -10.20 -7.22
N LEU A 24 -3.66 -9.05 -6.58
CA LEU A 24 -2.42 -8.63 -5.95
C LEU A 24 -1.97 -9.71 -4.96
N GLY A 25 -0.66 -9.73 -4.72
CA GLY A 25 -0.09 -10.70 -3.80
C GLY A 25 -0.54 -10.42 -2.37
N PHE A 26 -1.17 -9.27 -2.18
CA PHE A 26 -1.65 -8.88 -0.87
C PHE A 26 -3.14 -8.55 -0.91
N SER A 27 -3.81 -8.83 0.21
CA SER A 27 -5.23 -8.58 0.31
C SER A 27 -5.48 -7.17 0.86
N VAL A 28 -6.34 -6.44 0.16
CA VAL A 28 -6.66 -5.08 0.55
C VAL A 28 -8.11 -5.03 1.05
N ARG A 29 -8.41 -4.00 1.82
CA ARG A 29 -9.75 -3.83 2.35
C ARG A 29 -10.21 -2.38 2.18
N GLY A 30 -11.52 -2.20 2.11
CA GLY A 30 -12.10 -0.89 1.94
C GLY A 30 -12.75 -0.74 0.56
N GLY A 31 -12.81 0.50 0.10
CA GLY A 31 -13.40 0.79 -1.19
C GLY A 31 -13.21 2.27 -1.57
N SER A 32 -14.31 2.98 -1.61
CA SER A 32 -14.28 4.39 -1.96
C SER A 32 -15.66 5.02 -1.74
N GLU A 33 -15.75 5.82 -0.68
CA GLU A 33 -16.99 6.48 -0.36
C GLU A 33 -16.83 7.34 0.89
N HIS A 34 -16.17 6.76 1.89
CA HIS A 34 -15.93 7.46 3.14
C HIS A 34 -14.77 8.43 2.98
N GLY A 35 -13.78 8.00 2.21
CA GLY A 35 -12.60 8.82 1.96
C GLY A 35 -11.42 8.36 2.82
N LEU A 36 -11.09 7.08 2.67
CA LEU A 36 -9.98 6.50 3.42
C LEU A 36 -8.90 6.04 2.44
N GLY A 37 -9.35 5.50 1.32
CA GLY A 37 -8.43 5.02 0.30
C GLY A 37 -8.34 3.48 0.31
N ILE A 38 -7.14 2.99 0.11
CA ILE A 38 -6.91 1.56 0.10
C ILE A 38 -6.09 1.17 1.32
N PHE A 39 -6.45 0.03 1.90
CA PHE A 39 -5.76 -0.46 3.08
C PHE A 39 -5.42 -1.95 2.93
N VAL A 40 -4.27 -2.32 3.48
CA VAL A 40 -3.82 -3.69 3.41
C VAL A 40 -4.45 -4.48 4.57
N SER A 41 -4.71 -5.76 4.30
CA SER A 41 -5.31 -6.63 5.30
C SER A 41 -4.47 -7.89 5.45
N LYS A 42 -4.20 -8.52 4.32
CA LYS A 42 -3.41 -9.75 4.30
C LYS A 42 -2.30 -9.62 3.27
N VAL A 43 -1.29 -10.47 3.44
CA VAL A 43 -0.15 -10.46 2.53
C VAL A 43 0.34 -11.90 2.32
N GLU A 44 -0.04 -12.47 1.19
CA GLU A 44 0.35 -13.82 0.87
C GLU A 44 1.83 -14.05 1.21
N GLU A 45 2.09 -15.12 1.93
CA GLU A 45 3.44 -15.45 2.33
C GLU A 45 4.24 -15.96 1.12
N GLY A 46 5.56 -15.92 1.27
CA GLY A 46 6.44 -16.37 0.19
C GLY A 46 6.05 -15.73 -1.13
N SER A 47 5.40 -14.58 -1.04
CA SER A 47 4.98 -13.86 -2.23
C SER A 47 5.97 -12.73 -2.54
N SER A 48 5.64 -11.98 -3.59
CA SER A 48 6.49 -10.87 -3.99
C SER A 48 6.29 -9.68 -3.05
N ALA A 49 5.06 -9.54 -2.59
CA ALA A 49 4.72 -8.46 -1.68
C ALA A 49 5.50 -8.63 -0.37
N GLU A 50 5.16 -9.69 0.35
CA GLU A 50 5.81 -9.98 1.61
C GLU A 50 7.32 -9.79 1.48
N ARG A 51 7.81 -10.02 0.27
CA ARG A 51 9.23 -9.88 0.00
C ARG A 51 9.57 -8.43 -0.36
N ALA A 52 8.64 -7.81 -1.07
CA ALA A 52 8.82 -6.43 -1.49
C ALA A 52 8.88 -5.53 -0.25
N GLY A 53 8.32 -6.04 0.85
CA GLY A 53 8.31 -5.29 2.10
C GLY A 53 6.87 -5.05 2.57
N LEU A 54 5.93 -5.33 1.69
CA LEU A 54 4.53 -5.14 2.00
C LEU A 54 4.09 -6.24 2.97
N CYS A 55 3.52 -5.80 4.09
CA CYS A 55 3.05 -6.73 5.10
C CYS A 55 1.64 -6.31 5.52
N VAL A 56 1.16 -6.93 6.57
CA VAL A 56 -0.18 -6.65 7.08
C VAL A 56 -0.10 -5.48 8.06
N GLY A 57 -1.17 -4.71 8.11
CA GLY A 57 -1.24 -3.56 9.00
C GLY A 57 -0.63 -2.32 8.35
N ASP A 58 -1.01 -2.10 7.09
CA ASP A 58 -0.51 -0.97 6.34
C ASP A 58 -1.66 -0.31 5.59
N LYS A 59 -1.49 0.97 5.31
CA LYS A 59 -2.51 1.73 4.59
C LYS A 59 -1.87 2.43 3.39
N ILE A 60 -2.07 1.84 2.22
CA ILE A 60 -1.52 2.40 1.00
C ILE A 60 -2.24 3.70 0.67
N THR A 61 -1.48 4.79 0.72
CA THR A 61 -2.03 6.10 0.43
C THR A 61 -1.77 6.48 -1.03
N GLU A 62 -0.63 6.03 -1.54
CA GLU A 62 -0.27 6.30 -2.91
C GLU A 62 0.44 5.09 -3.53
N VAL A 63 0.32 4.99 -4.84
CA VAL A 63 0.94 3.88 -5.56
C VAL A 63 1.42 4.37 -6.93
N ASN A 64 2.55 3.84 -7.36
CA ASN A 64 3.12 4.21 -8.63
C ASN A 64 2.96 5.72 -8.84
N GLY A 65 3.07 6.45 -7.74
CA GLY A 65 2.93 7.89 -7.78
C GLY A 65 1.47 8.31 -7.67
N LEU A 66 0.61 7.57 -8.35
CA LEU A 66 -0.81 7.85 -8.34
C LEU A 66 -1.34 7.71 -6.91
N SER A 67 -2.08 8.73 -6.47
CA SER A 67 -2.64 8.72 -5.14
C SER A 67 -3.95 7.94 -5.12
N LEU A 68 -4.20 7.27 -4.00
CA LEU A 68 -5.40 6.47 -3.85
C LEU A 68 -6.12 6.89 -2.56
N GLU A 69 -6.06 8.18 -2.28
CA GLU A 69 -6.70 8.72 -1.09
C GLU A 69 -8.20 8.87 -1.31
N SER A 70 -8.59 8.88 -2.58
CA SER A 70 -9.99 9.00 -2.93
C SER A 70 -10.25 8.34 -4.30
N THR A 71 -9.49 7.28 -4.55
CA THR A 71 -9.63 6.56 -5.80
C THR A 71 -10.46 5.28 -5.59
N THR A 72 -11.18 4.90 -6.64
CA THR A 72 -12.02 3.72 -6.58
C THR A 72 -11.14 2.46 -6.55
N MET A 73 -11.60 1.50 -5.75
CA MET A 73 -10.87 0.24 -5.62
C MET A 73 -10.47 -0.31 -6.99
N GLY A 74 -11.49 -0.54 -7.81
CA GLY A 74 -11.26 -1.07 -9.14
C GLY A 74 -10.03 -0.42 -9.79
N SER A 75 -10.18 0.85 -10.13
CA SER A 75 -9.11 1.60 -10.75
C SER A 75 -7.77 1.22 -10.10
N ALA A 76 -7.68 1.49 -8.81
CA ALA A 76 -6.46 1.18 -8.07
C ALA A 76 -5.98 -0.22 -8.46
N VAL A 77 -6.92 -1.15 -8.48
CA VAL A 77 -6.59 -2.53 -8.83
C VAL A 77 -6.13 -2.58 -10.28
N LYS A 78 -6.88 -1.91 -11.14
CA LYS A 78 -6.56 -1.87 -12.56
C LYS A 78 -5.09 -1.47 -12.73
N VAL A 79 -4.59 -0.74 -11.75
CA VAL A 79 -3.21 -0.29 -11.78
C VAL A 79 -2.34 -1.26 -10.97
N LEU A 80 -2.87 -1.66 -9.83
CA LEU A 80 -2.15 -2.59 -8.96
C LEU A 80 -2.05 -3.94 -9.66
N THR A 81 -2.79 -4.08 -10.74
CA THR A 81 -2.78 -5.32 -11.51
C THR A 81 -1.99 -5.15 -12.79
N SER A 82 -1.37 -3.98 -12.93
CA SER A 82 -0.58 -3.69 -14.11
C SER A 82 0.80 -3.17 -13.69
N SER A 83 1.34 -2.28 -14.51
CA SER A 83 2.64 -1.70 -14.25
C SER A 83 3.67 -2.81 -14.02
N SER A 84 4.93 -2.40 -13.93
CA SER A 84 6.01 -3.35 -13.73
C SER A 84 6.70 -3.07 -12.38
N ARG A 85 6.27 -1.99 -11.74
CA ARG A 85 6.83 -1.61 -10.46
C ARG A 85 5.83 -0.76 -9.68
N LEU A 86 5.09 -1.43 -8.79
CA LEU A 86 4.10 -0.75 -7.98
C LEU A 86 4.79 -0.12 -6.76
N HIS A 87 4.87 1.20 -6.79
CA HIS A 87 5.50 1.94 -5.71
C HIS A 87 4.41 2.46 -4.75
N MET A 88 4.07 1.61 -3.80
CA MET A 88 3.05 1.97 -2.81
C MET A 88 3.69 2.64 -1.60
N MET A 89 3.07 3.74 -1.18
CA MET A 89 3.55 4.49 -0.04
C MET A 89 2.51 4.52 1.08
N VAL A 90 2.89 3.94 2.21
CA VAL A 90 2.00 3.89 3.37
C VAL A 90 2.44 4.95 4.38
N ARG A 91 1.48 5.37 5.19
CA ARG A 91 1.76 6.37 6.22
C ARG A 91 1.67 5.75 7.61
N ARG A 92 2.79 5.78 8.31
CA ARG A 92 2.85 5.22 9.65
C ARG A 92 3.32 6.28 10.64
N MET A 93 2.72 6.26 11.82
CA MET A 93 3.06 7.20 12.87
C MET A 93 4.45 6.90 13.45
N GLY A 94 4.91 7.83 14.27
CA GLY A 94 6.22 7.68 14.90
C GLY A 94 6.47 6.22 15.29
N SER A 95 5.96 5.85 16.45
CA SER A 95 6.12 4.50 16.94
C SER A 95 5.23 4.27 18.17
N GLY A 96 4.95 3.00 18.43
CA GLY A 96 4.11 2.64 19.56
C GLY A 96 4.87 1.75 20.55
N PRO A 97 5.42 2.40 21.61
CA PRO A 97 6.16 1.67 22.63
C PRO A 97 5.23 0.87 23.54
N SER A 98 5.20 -0.43 23.32
CA SER A 98 4.36 -1.31 24.11
C SER A 98 4.95 -2.72 24.13
N SER A 99 5.22 -3.24 22.95
CA SER A 99 5.79 -4.57 22.82
C SER A 99 4.82 -5.60 23.39
N GLY A 100 4.21 -6.36 22.49
CA GLY A 100 3.27 -7.39 22.89
C GLY A 100 3.08 -8.44 21.78
N GLY A 1 29.11 9.93 6.23
CA GLY A 1 28.47 11.20 5.89
C GLY A 1 27.00 10.99 5.52
N SER A 2 26.79 10.42 4.34
CA SER A 2 25.45 10.16 3.86
C SER A 2 25.08 8.70 4.12
N SER A 3 24.45 8.48 5.27
CA SER A 3 24.04 7.13 5.64
C SER A 3 22.99 7.21 6.75
N GLY A 4 22.04 6.28 6.68
CA GLY A 4 20.98 6.22 7.68
C GLY A 4 19.93 5.16 7.31
N SER A 5 19.15 4.78 8.30
CA SER A 5 18.12 3.78 8.10
C SER A 5 16.74 4.38 8.41
N SER A 6 15.82 4.15 7.49
CA SER A 6 14.47 4.66 7.66
C SER A 6 13.60 3.63 8.41
N GLY A 7 13.00 4.09 9.50
CA GLY A 7 12.16 3.24 10.31
C GLY A 7 10.73 3.76 10.35
N SER A 8 10.07 3.50 11.48
CA SER A 8 8.70 3.94 11.66
C SER A 8 8.59 5.44 11.32
N ASP A 9 7.35 5.90 11.29
CA ASP A 9 7.08 7.29 10.98
C ASP A 9 7.42 7.56 9.51
N ILE A 10 6.88 8.65 9.01
CA ILE A 10 7.12 9.03 7.62
C ILE A 10 6.56 7.95 6.69
N ILE A 11 6.42 8.31 5.43
CA ILE A 11 5.90 7.39 4.44
C ILE A 11 6.97 6.36 4.08
N HIS A 12 6.53 5.13 3.91
CA HIS A 12 7.44 4.05 3.57
C HIS A 12 7.34 3.75 2.07
N SER A 13 8.40 3.14 1.55
CA SER A 13 8.45 2.78 0.15
C SER A 13 8.49 1.27 -0.02
N VAL A 14 7.72 0.79 -0.99
CA VAL A 14 7.65 -0.63 -1.26
C VAL A 14 7.47 -0.86 -2.77
N ARG A 15 8.02 -1.97 -3.24
CA ARG A 15 7.93 -2.30 -4.64
C ARG A 15 7.41 -3.73 -4.82
N VAL A 16 6.20 -3.83 -5.33
CA VAL A 16 5.57 -5.13 -5.54
C VAL A 16 5.65 -5.48 -7.03
N GLU A 17 5.96 -6.74 -7.29
CA GLU A 17 6.07 -7.22 -8.66
C GLU A 17 4.76 -7.88 -9.10
N LYS A 18 4.64 -8.07 -10.40
CA LYS A 18 3.45 -8.68 -10.96
C LYS A 18 3.53 -10.20 -10.81
N SER A 19 2.50 -10.76 -10.20
CA SER A 19 2.44 -12.19 -9.98
C SER A 19 2.10 -12.91 -11.29
N PRO A 20 2.39 -14.24 -11.32
CA PRO A 20 2.11 -15.04 -12.50
C PRO A 20 0.61 -15.32 -12.63
N ALA A 21 -0.10 -14.31 -13.13
CA ALA A 21 -1.54 -14.44 -13.31
C ALA A 21 -2.18 -14.88 -11.99
N GLY A 22 -2.11 -13.99 -11.01
CA GLY A 22 -2.69 -14.28 -9.70
C GLY A 22 -2.81 -13.00 -8.87
N ARG A 23 -3.64 -12.09 -9.37
CA ARG A 23 -3.86 -10.83 -8.69
C ARG A 23 -2.56 -10.34 -8.04
N LEU A 24 -2.71 -9.55 -6.98
CA LEU A 24 -1.57 -9.02 -6.27
C LEU A 24 -1.07 -10.05 -5.26
N GLY A 25 0.16 -9.85 -4.81
CA GLY A 25 0.76 -10.75 -3.85
C GLY A 25 0.23 -10.49 -2.43
N PHE A 26 -0.71 -9.56 -2.36
CA PHE A 26 -1.31 -9.20 -1.08
C PHE A 26 -2.83 -9.06 -1.21
N SER A 27 -3.45 -8.70 -0.10
CA SER A 27 -4.89 -8.52 -0.07
C SER A 27 -5.24 -7.19 0.59
N VAL A 28 -6.07 -6.42 -0.11
CA VAL A 28 -6.49 -5.12 0.39
C VAL A 28 -7.98 -5.16 0.70
N ARG A 29 -8.36 -4.39 1.71
CA ARG A 29 -9.75 -4.34 2.13
C ARG A 29 -10.28 -2.90 2.03
N GLY A 30 -11.56 -2.75 2.28
CA GLY A 30 -12.20 -1.45 2.23
C GLY A 30 -11.83 -0.72 0.93
N GLY A 31 -11.10 0.37 1.09
CA GLY A 31 -10.67 1.16 -0.05
C GLY A 31 -11.74 2.22 -0.41
N SER A 32 -11.40 3.47 -0.14
CA SER A 32 -12.30 4.56 -0.42
C SER A 32 -13.63 4.37 0.32
N GLU A 33 -13.87 5.25 1.27
CA GLU A 33 -15.08 5.18 2.06
C GLU A 33 -15.43 6.57 2.62
N HIS A 34 -14.42 7.21 3.19
CA HIS A 34 -14.61 8.54 3.75
C HIS A 34 -13.26 9.24 3.85
N GLY A 35 -12.69 9.53 2.68
CA GLY A 35 -11.40 10.20 2.61
C GLY A 35 -10.25 9.19 2.63
N LEU A 36 -10.35 8.25 3.56
CA LEU A 36 -9.32 7.23 3.69
C LEU A 36 -8.99 6.66 2.31
N GLY A 37 -7.93 5.87 2.27
CA GLY A 37 -7.50 5.27 1.02
C GLY A 37 -7.62 3.75 1.07
N ILE A 38 -6.68 3.09 0.41
CA ILE A 38 -6.67 1.63 0.37
C ILE A 38 -5.90 1.10 1.58
N PHE A 39 -6.39 -0.02 2.11
CA PHE A 39 -5.77 -0.63 3.26
C PHE A 39 -5.46 -2.10 3.00
N VAL A 40 -4.28 -2.51 3.45
CA VAL A 40 -3.86 -3.90 3.26
C VAL A 40 -4.48 -4.77 4.36
N SER A 41 -5.15 -5.82 3.91
CA SER A 41 -5.80 -6.73 4.83
C SER A 41 -4.88 -7.93 5.11
N LYS A 42 -4.46 -8.58 4.03
CA LYS A 42 -3.59 -9.73 4.15
C LYS A 42 -2.41 -9.58 3.19
N VAL A 43 -1.43 -10.45 3.36
CA VAL A 43 -0.25 -10.42 2.51
C VAL A 43 0.25 -11.85 2.28
N GLU A 44 0.04 -12.32 1.06
CA GLU A 44 0.46 -13.66 0.69
C GLU A 44 1.91 -13.89 1.07
N GLU A 45 2.15 -14.98 1.79
CA GLU A 45 3.50 -15.32 2.21
C GLU A 45 4.35 -15.75 1.02
N GLY A 46 5.66 -15.77 1.24
CA GLY A 46 6.58 -16.17 0.19
C GLY A 46 6.21 -15.51 -1.14
N SER A 47 5.55 -14.36 -1.04
CA SER A 47 5.13 -13.63 -2.22
C SER A 47 6.07 -12.43 -2.45
N SER A 48 5.76 -11.68 -3.48
CA SER A 48 6.55 -10.51 -3.82
C SER A 48 6.21 -9.35 -2.87
N ALA A 49 5.02 -9.44 -2.29
CA ALA A 49 4.57 -8.41 -1.37
C ALA A 49 5.35 -8.53 -0.06
N GLU A 50 5.07 -9.60 0.67
CA GLU A 50 5.74 -9.83 1.94
C GLU A 50 7.25 -9.58 1.80
N ARG A 51 7.76 -9.85 0.61
CA ARG A 51 9.17 -9.65 0.34
C ARG A 51 9.44 -8.20 -0.05
N ALA A 52 8.48 -7.62 -0.77
CA ALA A 52 8.61 -6.25 -1.22
C ALA A 52 8.61 -5.32 0.00
N GLY A 53 8.10 -5.84 1.10
CA GLY A 53 8.04 -5.09 2.34
C GLY A 53 6.59 -4.87 2.78
N LEU A 54 5.67 -5.24 1.90
CA LEU A 54 4.25 -5.10 2.19
C LEU A 54 3.85 -6.12 3.26
N CYS A 55 3.19 -5.62 4.28
CA CYS A 55 2.73 -6.48 5.37
C CYS A 55 1.27 -6.14 5.68
N VAL A 56 0.77 -6.73 6.75
CA VAL A 56 -0.60 -6.50 7.16
C VAL A 56 -0.67 -5.22 8.00
N GLY A 57 -1.79 -4.53 7.87
CA GLY A 57 -2.00 -3.29 8.62
C GLY A 57 -1.55 -2.08 7.79
N ASP A 58 -0.61 -2.34 6.89
CA ASP A 58 -0.10 -1.28 6.04
C ASP A 58 -1.26 -0.54 5.38
N LYS A 59 -1.03 0.74 5.12
CA LYS A 59 -2.05 1.57 4.50
C LYS A 59 -1.45 2.29 3.29
N ILE A 60 -1.74 1.75 2.12
CA ILE A 60 -1.25 2.33 0.89
C ILE A 60 -1.89 3.70 0.66
N THR A 61 -1.07 4.73 0.78
CA THR A 61 -1.56 6.09 0.59
C THR A 61 -1.42 6.51 -0.87
N GLU A 62 -0.52 5.84 -1.56
CA GLU A 62 -0.29 6.13 -2.97
C GLU A 62 0.40 4.94 -3.65
N VAL A 63 0.25 4.88 -4.96
CA VAL A 63 0.85 3.81 -5.75
C VAL A 63 1.01 4.27 -7.20
N ASN A 64 2.13 3.87 -7.79
CA ASN A 64 2.42 4.22 -9.16
C ASN A 64 2.28 5.73 -9.33
N GLY A 65 2.42 6.44 -8.22
CA GLY A 65 2.32 7.88 -8.22
C GLY A 65 0.88 8.33 -7.94
N LEU A 66 -0.05 7.59 -8.50
CA LEU A 66 -1.47 7.89 -8.33
C LEU A 66 -1.84 7.69 -6.86
N SER A 67 -2.40 8.75 -6.28
CA SER A 67 -2.81 8.70 -4.88
C SER A 67 -4.14 7.96 -4.75
N LEU A 68 -4.23 7.17 -3.70
CA LEU A 68 -5.44 6.39 -3.44
C LEU A 68 -6.16 6.96 -2.21
N GLU A 69 -5.82 8.19 -1.88
CA GLU A 69 -6.42 8.86 -0.74
C GLU A 69 -7.78 9.44 -1.11
N SER A 70 -8.18 9.17 -2.35
CA SER A 70 -9.46 9.66 -2.84
C SER A 70 -9.74 9.10 -4.23
N THR A 71 -9.54 7.79 -4.36
CA THR A 71 -9.77 7.12 -5.62
C THR A 71 -10.52 5.80 -5.41
N THR A 72 -11.25 5.39 -6.44
CA THR A 72 -12.01 4.16 -6.37
C THR A 72 -11.08 2.95 -6.34
N MET A 73 -11.46 1.96 -5.54
CA MET A 73 -10.67 0.75 -5.43
C MET A 73 -10.29 0.20 -6.80
N GLY A 74 -11.31 0.05 -7.64
CA GLY A 74 -11.10 -0.47 -8.98
C GLY A 74 -9.83 0.10 -9.60
N SER A 75 -9.87 1.39 -9.90
CA SER A 75 -8.72 2.06 -10.49
C SER A 75 -7.43 1.57 -9.83
N ALA A 76 -7.37 1.75 -8.52
CA ALA A 76 -6.19 1.32 -7.76
C ALA A 76 -5.81 -0.10 -8.18
N VAL A 77 -6.83 -0.93 -8.33
CA VAL A 77 -6.61 -2.32 -8.72
C VAL A 77 -6.16 -2.35 -10.18
N LYS A 78 -6.98 -1.79 -11.05
CA LYS A 78 -6.69 -1.76 -12.46
C LYS A 78 -5.21 -1.42 -12.66
N VAL A 79 -4.69 -0.62 -11.74
CA VAL A 79 -3.30 -0.22 -11.79
C VAL A 79 -2.42 -1.30 -11.15
N LEU A 80 -2.88 -1.77 -9.99
CA LEU A 80 -2.16 -2.79 -9.27
C LEU A 80 -2.08 -4.06 -10.12
N THR A 81 -2.93 -4.10 -11.15
CA THR A 81 -2.96 -5.24 -12.04
C THR A 81 -2.41 -4.85 -13.42
N SER A 82 -1.91 -3.63 -13.49
CA SER A 82 -1.36 -3.12 -14.74
C SER A 82 0.03 -2.53 -14.49
N SER A 83 1.02 -3.41 -14.49
CA SER A 83 2.40 -2.99 -14.27
C SER A 83 3.23 -4.18 -13.81
N SER A 84 4.55 -4.04 -13.96
CA SER A 84 5.47 -5.09 -13.56
C SER A 84 6.29 -4.64 -12.36
N ARG A 85 6.02 -3.41 -11.93
CA ARG A 85 6.74 -2.85 -10.79
C ARG A 85 5.91 -1.72 -10.15
N LEU A 86 5.10 -2.11 -9.19
CA LEU A 86 4.25 -1.14 -8.49
C LEU A 86 5.07 -0.48 -7.38
N HIS A 87 4.76 0.79 -7.15
CA HIS A 87 5.45 1.55 -6.11
C HIS A 87 4.42 2.20 -5.18
N MET A 88 4.05 1.45 -4.15
CA MET A 88 3.09 1.94 -3.18
C MET A 88 3.78 2.64 -2.01
N MET A 89 3.07 3.59 -1.42
CA MET A 89 3.60 4.35 -0.30
C MET A 89 2.67 4.28 0.90
N VAL A 90 3.14 3.60 1.94
CA VAL A 90 2.36 3.44 3.15
C VAL A 90 2.89 4.40 4.22
N ARG A 91 2.01 4.76 5.15
CA ARG A 91 2.38 5.67 6.22
C ARG A 91 2.43 4.92 7.55
N ARG A 92 3.20 5.46 8.48
CA ARG A 92 3.34 4.86 9.79
C ARG A 92 3.43 5.95 10.87
N MET A 93 2.94 5.60 12.05
CA MET A 93 2.96 6.53 13.16
C MET A 93 3.39 5.84 14.45
N GLY A 94 3.84 6.64 15.40
CA GLY A 94 4.29 6.12 16.69
C GLY A 94 3.10 5.93 17.65
N SER A 95 2.28 4.94 17.34
CA SER A 95 1.12 4.66 18.16
C SER A 95 0.69 3.20 17.97
N GLY A 96 0.43 2.55 19.09
CA GLY A 96 0.00 1.16 19.05
C GLY A 96 1.17 0.23 18.70
N PRO A 97 1.76 -0.37 19.76
CA PRO A 97 2.88 -1.28 19.58
C PRO A 97 2.42 -2.63 19.02
N SER A 98 1.88 -2.58 17.83
CA SER A 98 1.39 -3.78 17.17
C SER A 98 0.20 -4.35 17.95
N SER A 99 -0.91 -4.53 17.24
CA SER A 99 -2.10 -5.08 17.85
C SER A 99 -2.60 -4.14 18.95
N GLY A 100 -3.91 -4.13 19.13
CA GLY A 100 -4.53 -3.29 20.14
C GLY A 100 -5.69 -4.01 20.82
N GLY A 1 8.16 21.17 -3.77
CA GLY A 1 9.22 20.48 -3.07
C GLY A 1 9.13 20.72 -1.56
N SER A 2 8.46 19.79 -0.88
CA SER A 2 8.30 19.88 0.56
C SER A 2 9.55 19.38 1.27
N SER A 3 9.58 19.58 2.57
CA SER A 3 10.71 19.15 3.38
C SER A 3 10.22 18.53 4.68
N GLY A 4 10.82 17.39 5.02
CA GLY A 4 10.46 16.68 6.24
C GLY A 4 11.57 16.79 7.29
N SER A 5 12.75 16.35 6.91
CA SER A 5 13.90 16.40 7.79
C SER A 5 13.73 15.36 8.91
N SER A 6 12.68 15.54 9.69
CA SER A 6 12.39 14.62 10.78
C SER A 6 10.96 14.85 11.31
N GLY A 7 10.53 13.93 12.15
CA GLY A 7 9.19 14.02 12.72
C GLY A 7 8.75 12.68 13.30
N SER A 8 7.65 12.17 12.78
CA SER A 8 7.11 10.90 13.24
C SER A 8 6.52 10.13 12.05
N ASP A 9 5.50 10.73 11.45
CA ASP A 9 4.84 10.11 10.31
C ASP A 9 5.77 10.16 9.10
N ILE A 10 6.21 8.97 8.70
CA ILE A 10 7.10 8.86 7.55
C ILE A 10 6.48 7.94 6.51
N ILE A 11 6.88 8.14 5.26
CA ILE A 11 6.37 7.34 4.17
C ILE A 11 7.27 6.11 3.98
N HIS A 12 6.65 5.04 3.51
CA HIS A 12 7.39 3.79 3.29
C HIS A 12 7.48 3.52 1.78
N SER A 13 8.51 2.78 1.41
CA SER A 13 8.73 2.44 0.02
C SER A 13 8.67 0.92 -0.17
N VAL A 14 7.97 0.51 -1.21
CA VAL A 14 7.83 -0.90 -1.51
C VAL A 14 7.78 -1.10 -3.03
N ARG A 15 8.28 -2.24 -3.47
CA ARG A 15 8.29 -2.56 -4.89
C ARG A 15 7.83 -4.00 -5.11
N VAL A 16 6.61 -4.13 -5.60
CA VAL A 16 6.03 -5.44 -5.86
C VAL A 16 6.28 -5.82 -7.32
N GLU A 17 6.96 -6.94 -7.50
CA GLU A 17 7.28 -7.42 -8.83
C GLU A 17 6.07 -8.15 -9.43
N LYS A 18 6.10 -8.27 -10.76
CA LYS A 18 5.02 -8.93 -11.46
C LYS A 18 5.51 -10.30 -11.97
N SER A 19 4.59 -11.03 -12.58
CA SER A 19 4.91 -12.35 -13.10
C SER A 19 3.63 -13.18 -13.25
N PRO A 20 2.84 -13.20 -12.14
CA PRO A 20 1.59 -13.95 -12.14
C PRO A 20 0.51 -13.24 -12.94
N ALA A 21 0.59 -11.91 -12.94
CA ALA A 21 -0.36 -11.10 -13.66
C ALA A 21 -1.78 -11.60 -13.35
N GLY A 22 -2.17 -11.47 -12.10
CA GLY A 22 -3.48 -11.91 -11.66
C GLY A 22 -3.53 -12.07 -10.14
N ARG A 23 -4.46 -11.34 -9.54
CA ARG A 23 -4.63 -11.40 -8.09
C ARG A 23 -3.34 -10.95 -7.40
N LEU A 24 -3.29 -9.66 -7.09
CA LEU A 24 -2.12 -9.10 -6.42
C LEU A 24 -1.69 -10.03 -5.29
N GLY A 25 -0.40 -10.01 -5.01
CA GLY A 25 0.16 -10.84 -3.96
C GLY A 25 -0.38 -10.42 -2.59
N PHE A 26 -1.07 -9.29 -2.58
CA PHE A 26 -1.63 -8.76 -1.35
C PHE A 26 -3.12 -8.45 -1.52
N SER A 27 -3.81 -8.43 -0.39
CA SER A 27 -5.24 -8.15 -0.40
C SER A 27 -5.51 -6.81 0.30
N VAL A 28 -6.30 -5.98 -0.37
CA VAL A 28 -6.64 -4.68 0.17
C VAL A 28 -8.12 -4.67 0.55
N ARG A 29 -8.44 -3.89 1.59
CA ARG A 29 -9.80 -3.78 2.06
C ARG A 29 -10.22 -2.32 2.15
N GLY A 30 -11.51 -2.11 2.35
CA GLY A 30 -12.05 -0.77 2.44
C GLY A 30 -12.42 -0.22 1.07
N GLY A 31 -11.99 1.00 0.81
CA GLY A 31 -12.27 1.65 -0.46
C GLY A 31 -13.77 1.90 -0.63
N SER A 32 -14.18 3.12 -0.31
CA SER A 32 -15.58 3.50 -0.41
C SER A 32 -15.73 5.00 -0.19
N GLU A 33 -16.69 5.58 -0.89
CA GLU A 33 -16.95 7.00 -0.77
C GLU A 33 -17.23 7.38 0.68
N HIS A 34 -16.33 8.16 1.25
CA HIS A 34 -16.47 8.60 2.63
C HIS A 34 -15.33 9.55 2.98
N GLY A 35 -14.11 9.06 2.80
CA GLY A 35 -12.94 9.85 3.10
C GLY A 35 -11.79 8.97 3.59
N LEU A 36 -11.25 8.17 2.69
CA LEU A 36 -10.16 7.28 3.02
C LEU A 36 -9.59 6.68 1.73
N GLY A 37 -8.42 6.09 1.86
CA GLY A 37 -7.75 5.47 0.73
C GLY A 37 -7.96 3.96 0.72
N ILE A 38 -6.86 3.25 0.55
CA ILE A 38 -6.92 1.79 0.52
C ILE A 38 -6.05 1.23 1.65
N PHE A 39 -6.55 0.16 2.26
CA PHE A 39 -5.83 -0.48 3.35
C PHE A 39 -5.56 -1.95 3.04
N VAL A 40 -4.37 -2.39 3.41
CA VAL A 40 -3.98 -3.77 3.18
C VAL A 40 -4.61 -4.66 4.25
N SER A 41 -5.36 -5.64 3.79
CA SER A 41 -6.03 -6.57 4.69
C SER A 41 -5.12 -7.76 5.00
N LYS A 42 -4.67 -8.41 3.93
CA LYS A 42 -3.79 -9.56 4.07
C LYS A 42 -2.68 -9.48 3.01
N VAL A 43 -1.68 -10.32 3.19
CA VAL A 43 -0.56 -10.36 2.27
C VAL A 43 -0.05 -11.80 2.14
N GLU A 44 -0.31 -12.38 0.98
CA GLU A 44 0.10 -13.74 0.70
C GLU A 44 1.55 -13.95 1.15
N GLU A 45 1.76 -15.03 1.89
CA GLU A 45 3.09 -15.35 2.38
C GLU A 45 3.99 -15.78 1.22
N GLY A 46 5.29 -15.69 1.46
CA GLY A 46 6.27 -16.07 0.45
C GLY A 46 5.91 -15.47 -0.91
N SER A 47 5.25 -14.32 -0.87
CA SER A 47 4.83 -13.65 -2.08
C SER A 47 5.80 -12.51 -2.40
N SER A 48 5.51 -11.84 -3.51
CA SER A 48 6.35 -10.72 -3.94
C SER A 48 6.11 -9.50 -3.05
N ALA A 49 4.86 -9.38 -2.61
CA ALA A 49 4.48 -8.27 -1.76
C ALA A 49 5.19 -8.40 -0.41
N GLU A 50 4.88 -9.49 0.29
CA GLU A 50 5.48 -9.75 1.58
C GLU A 50 6.99 -9.52 1.52
N ARG A 51 7.55 -9.76 0.35
CA ARG A 51 8.98 -9.60 0.15
C ARG A 51 9.29 -8.16 -0.27
N ALA A 52 8.36 -7.58 -1.03
CA ALA A 52 8.52 -6.21 -1.48
C ALA A 52 8.54 -5.27 -0.28
N GLY A 53 8.01 -5.76 0.82
CA GLY A 53 7.96 -4.97 2.04
C GLY A 53 6.51 -4.78 2.52
N LEU A 54 5.58 -5.10 1.63
CA LEU A 54 4.18 -4.97 1.95
C LEU A 54 3.81 -5.96 3.05
N CYS A 55 3.12 -5.44 4.06
CA CYS A 55 2.72 -6.28 5.19
C CYS A 55 1.23 -6.00 5.47
N VAL A 56 0.74 -6.64 6.51
CA VAL A 56 -0.65 -6.48 6.89
C VAL A 56 -0.78 -5.27 7.84
N GLY A 57 -1.91 -4.60 7.74
CA GLY A 57 -2.17 -3.43 8.57
C GLY A 57 -1.77 -2.15 7.84
N ASP A 58 -0.79 -2.28 6.96
CA ASP A 58 -0.31 -1.14 6.19
C ASP A 58 -1.48 -0.50 5.45
N LYS A 59 -1.33 0.79 5.16
CA LYS A 59 -2.37 1.52 4.46
C LYS A 59 -1.74 2.26 3.27
N ILE A 60 -2.06 1.77 2.08
CA ILE A 60 -1.54 2.36 0.86
C ILE A 60 -2.20 3.73 0.65
N THR A 61 -1.36 4.76 0.62
CA THR A 61 -1.86 6.11 0.42
C THR A 61 -1.63 6.55 -1.02
N GLU A 62 -0.69 5.89 -1.68
CA GLU A 62 -0.37 6.20 -3.05
C GLU A 62 0.45 5.07 -3.68
N VAL A 63 0.40 5.01 -5.00
CA VAL A 63 1.14 3.98 -5.73
C VAL A 63 1.34 4.44 -7.18
N ASN A 64 2.53 4.17 -7.69
CA ASN A 64 2.86 4.54 -9.05
C ASN A 64 2.66 6.05 -9.23
N GLY A 65 2.63 6.75 -8.10
CA GLY A 65 2.45 8.18 -8.11
C GLY A 65 0.97 8.55 -7.90
N LEU A 66 0.11 7.77 -8.54
CA LEU A 66 -1.32 8.00 -8.43
C LEU A 66 -1.75 7.83 -6.97
N SER A 67 -2.31 8.88 -6.42
CA SER A 67 -2.77 8.86 -5.03
C SER A 67 -4.10 8.11 -4.93
N LEU A 68 -4.18 7.24 -3.93
CA LEU A 68 -5.39 6.47 -3.72
C LEU A 68 -6.06 6.92 -2.43
N GLU A 69 -6.18 8.24 -2.29
CA GLU A 69 -6.80 8.81 -1.12
C GLU A 69 -8.25 9.17 -1.40
N SER A 70 -8.63 9.03 -2.67
CA SER A 70 -9.98 9.34 -3.09
C SER A 70 -10.37 8.48 -4.30
N THR A 71 -9.74 7.31 -4.37
CA THR A 71 -10.01 6.39 -5.45
C THR A 71 -10.72 5.13 -4.93
N THR A 72 -11.29 4.38 -5.87
CA THR A 72 -12.00 3.17 -5.51
C THR A 72 -11.05 1.96 -5.56
N MET A 73 -11.44 0.90 -4.88
CA MET A 73 -10.64 -0.31 -4.83
C MET A 73 -10.25 -0.76 -6.24
N GLY A 74 -11.27 -0.96 -7.07
CA GLY A 74 -11.05 -1.39 -8.44
C GLY A 74 -9.95 -0.56 -9.10
N SER A 75 -10.27 0.70 -9.35
CA SER A 75 -9.32 1.61 -9.98
C SER A 75 -7.92 1.36 -9.42
N ALA A 76 -7.79 1.55 -8.11
CA ALA A 76 -6.52 1.36 -7.43
C ALA A 76 -5.92 0.02 -7.87
N VAL A 77 -6.76 -1.00 -7.81
CA VAL A 77 -6.32 -2.34 -8.20
C VAL A 77 -5.87 -2.33 -9.66
N LYS A 78 -6.67 -1.66 -10.48
CA LYS A 78 -6.37 -1.56 -11.91
C LYS A 78 -4.92 -1.08 -12.08
N VAL A 79 -4.41 -0.44 -11.05
CA VAL A 79 -3.05 0.07 -11.08
C VAL A 79 -2.12 -0.94 -10.39
N LEU A 80 -2.71 -1.71 -9.49
CA LEU A 80 -1.94 -2.71 -8.75
C LEU A 80 -1.90 -4.01 -9.57
N THR A 81 -2.72 -4.05 -10.60
CA THR A 81 -2.78 -5.21 -11.46
C THR A 81 -1.37 -5.62 -11.91
N SER A 82 -0.66 -4.65 -12.46
CA SER A 82 0.69 -4.89 -12.93
C SER A 82 1.16 -3.71 -13.79
N SER A 83 2.32 -3.18 -13.43
CA SER A 83 2.88 -2.06 -14.15
C SER A 83 4.41 -2.21 -14.26
N SER A 84 4.85 -3.46 -14.14
CA SER A 84 6.27 -3.76 -14.23
C SER A 84 6.92 -3.61 -12.85
N ARG A 85 6.54 -2.53 -12.17
CA ARG A 85 7.08 -2.25 -10.85
C ARG A 85 6.20 -1.23 -10.13
N LEU A 86 5.39 -1.75 -9.22
CA LEU A 86 4.50 -0.90 -8.45
C LEU A 86 5.25 -0.32 -7.25
N HIS A 87 5.05 0.97 -7.03
CA HIS A 87 5.70 1.66 -5.92
C HIS A 87 4.65 2.27 -5.01
N MET A 88 4.23 1.48 -4.03
CA MET A 88 3.22 1.95 -3.08
C MET A 88 3.88 2.60 -1.86
N MET A 89 3.22 3.63 -1.35
CA MET A 89 3.72 4.35 -0.20
C MET A 89 2.68 4.38 0.93
N VAL A 90 3.04 3.75 2.03
CA VAL A 90 2.14 3.70 3.19
C VAL A 90 2.62 4.71 4.24
N ARG A 91 1.68 5.13 5.07
CA ARG A 91 1.99 6.09 6.12
C ARG A 91 1.92 5.41 7.49
N ARG A 92 3.09 5.19 8.07
CA ARG A 92 3.17 4.56 9.38
C ARG A 92 3.42 5.61 10.46
N MET A 93 3.21 5.20 11.70
CA MET A 93 3.41 6.08 12.83
C MET A 93 2.48 7.30 12.74
N GLY A 94 1.88 7.64 13.88
CA GLY A 94 0.98 8.77 13.95
C GLY A 94 -0.44 8.31 14.31
N SER A 95 -0.55 7.71 15.49
CA SER A 95 -1.84 7.23 15.96
C SER A 95 -2.33 6.10 15.07
N GLY A 96 -2.62 4.97 15.69
CA GLY A 96 -3.10 3.80 14.97
C GLY A 96 -3.49 2.68 15.93
N PRO A 97 -4.58 1.96 15.55
CA PRO A 97 -5.05 0.85 16.37
C PRO A 97 -4.15 -0.37 16.23
N SER A 98 -4.51 -1.43 16.94
CA SER A 98 -3.75 -2.66 16.90
C SER A 98 -4.67 -3.87 17.12
N SER A 99 -5.34 -3.86 18.26
CA SER A 99 -6.25 -4.93 18.60
C SER A 99 -7.68 -4.38 18.71
N GLY A 100 -8.64 -5.31 18.64
CA GLY A 100 -10.04 -4.94 18.73
C GLY A 100 -10.37 -3.81 17.74
N GLY A 1 8.60 34.12 6.70
CA GLY A 1 8.59 32.78 6.16
C GLY A 1 9.80 31.97 6.66
N SER A 2 9.50 30.84 7.29
CA SER A 2 10.54 29.99 7.83
C SER A 2 10.09 28.52 7.76
N SER A 3 11.00 27.68 7.33
CA SER A 3 10.72 26.25 7.21
C SER A 3 11.08 25.54 8.53
N GLY A 4 10.41 24.43 8.76
CA GLY A 4 10.66 23.65 9.96
C GLY A 4 10.79 22.16 9.63
N SER A 5 11.14 21.39 10.66
CA SER A 5 11.31 19.96 10.48
C SER A 5 11.19 19.25 11.84
N SER A 6 10.32 18.27 11.90
CA SER A 6 10.11 17.52 13.12
C SER A 6 9.58 16.12 12.79
N GLY A 7 9.84 15.19 13.70
CA GLY A 7 9.40 13.81 13.52
C GLY A 7 7.95 13.76 13.07
N SER A 8 7.75 13.19 11.89
CA SER A 8 6.41 13.07 11.33
C SER A 8 6.26 11.72 10.62
N ASP A 9 5.03 11.26 10.55
CA ASP A 9 4.73 9.99 9.90
C ASP A 9 5.57 9.87 8.63
N ILE A 10 6.57 9.01 8.70
CA ILE A 10 7.46 8.79 7.56
C ILE A 10 6.75 7.92 6.53
N ILE A 11 7.26 7.95 5.31
CA ILE A 11 6.69 7.17 4.24
C ILE A 11 7.55 5.92 4.01
N HIS A 12 6.88 4.85 3.64
CA HIS A 12 7.56 3.58 3.38
C HIS A 12 7.57 3.30 1.89
N SER A 13 8.76 3.01 1.38
CA SER A 13 8.93 2.71 -0.04
C SER A 13 8.95 1.19 -0.25
N VAL A 14 8.13 0.75 -1.19
CA VAL A 14 8.06 -0.67 -1.50
C VAL A 14 7.77 -0.83 -2.99
N ARG A 15 8.29 -1.92 -3.54
CA ARG A 15 8.10 -2.22 -4.96
C ARG A 15 7.54 -3.63 -5.13
N VAL A 16 6.25 -3.69 -5.40
CA VAL A 16 5.59 -4.97 -5.59
C VAL A 16 5.54 -5.29 -7.09
N GLU A 17 6.04 -6.48 -7.44
CA GLU A 17 6.05 -6.90 -8.82
C GLU A 17 4.81 -7.74 -9.13
N LYS A 18 4.43 -7.72 -10.40
CA LYS A 18 3.26 -8.47 -10.84
C LYS A 18 3.58 -9.97 -10.82
N SER A 19 2.53 -10.77 -10.81
CA SER A 19 2.69 -12.22 -10.79
C SER A 19 1.64 -12.87 -11.70
N PRO A 20 2.03 -14.02 -12.30
CA PRO A 20 1.14 -14.75 -13.19
C PRO A 20 0.06 -15.48 -12.40
N ALA A 21 -0.98 -14.74 -12.05
CA ALA A 21 -2.08 -15.31 -11.29
C ALA A 21 -3.34 -14.47 -11.53
N GLY A 22 -3.25 -13.21 -11.13
CA GLY A 22 -4.38 -12.30 -11.29
C GLY A 22 -4.57 -11.44 -10.05
N ARG A 23 -4.61 -12.11 -8.90
CA ARG A 23 -4.80 -11.42 -7.64
C ARG A 23 -3.44 -10.96 -7.08
N LEU A 24 -3.39 -9.70 -6.71
CA LEU A 24 -2.18 -9.12 -6.16
C LEU A 24 -1.65 -10.02 -5.02
N GLY A 25 -0.35 -9.97 -4.84
CA GLY A 25 0.28 -10.77 -3.80
C GLY A 25 -0.24 -10.37 -2.42
N PHE A 26 -0.93 -9.24 -2.38
CA PHE A 26 -1.47 -8.74 -1.13
C PHE A 26 -2.99 -8.51 -1.25
N SER A 27 -3.65 -8.54 -0.11
CA SER A 27 -5.09 -8.35 -0.08
C SER A 27 -5.40 -6.99 0.54
N VAL A 28 -6.23 -6.23 -0.16
CA VAL A 28 -6.63 -4.91 0.31
C VAL A 28 -8.12 -4.92 0.66
N ARG A 29 -8.46 -4.18 1.70
CA ARG A 29 -9.83 -4.10 2.15
C ARG A 29 -10.36 -2.66 2.01
N GLY A 30 -11.68 -2.54 2.02
CA GLY A 30 -12.32 -1.24 1.89
C GLY A 30 -13.08 -1.14 0.57
N GLY A 31 -12.59 -0.27 -0.29
CA GLY A 31 -13.22 -0.06 -1.59
C GLY A 31 -14.75 -0.11 -1.47
N SER A 32 -15.28 0.79 -0.65
CA SER A 32 -16.72 0.86 -0.45
C SER A 32 -17.25 2.22 -0.90
N GLU A 33 -18.57 2.31 -0.94
CA GLU A 33 -19.22 3.54 -1.37
C GLU A 33 -18.48 4.75 -0.78
N HIS A 34 -18.28 4.71 0.52
CA HIS A 34 -17.59 5.79 1.22
C HIS A 34 -16.39 6.23 0.39
N GLY A 35 -15.60 5.25 -0.04
CA GLY A 35 -14.41 5.53 -0.83
C GLY A 35 -13.15 5.11 -0.08
N LEU A 36 -12.67 6.01 0.75
CA LEU A 36 -11.46 5.74 1.52
C LEU A 36 -10.35 5.28 0.59
N GLY A 37 -9.18 5.06 1.17
CA GLY A 37 -8.03 4.61 0.40
C GLY A 37 -7.97 3.08 0.33
N ILE A 38 -6.78 2.58 0.07
CA ILE A 38 -6.58 1.15 -0.03
C ILE A 38 -5.75 0.67 1.17
N PHE A 39 -6.41 -0.10 2.03
CA PHE A 39 -5.75 -0.61 3.23
C PHE A 39 -5.45 -2.11 3.07
N VAL A 40 -4.27 -2.49 3.53
CA VAL A 40 -3.86 -3.89 3.46
C VAL A 40 -4.55 -4.68 4.56
N SER A 41 -4.98 -5.88 4.20
CA SER A 41 -5.66 -6.75 5.16
C SER A 41 -4.86 -8.05 5.34
N LYS A 42 -4.29 -8.51 4.23
CA LYS A 42 -3.50 -9.73 4.25
C LYS A 42 -2.43 -9.66 3.16
N VAL A 43 -1.41 -10.49 3.33
CA VAL A 43 -0.32 -10.54 2.37
C VAL A 43 0.11 -11.99 2.17
N GLU A 44 -0.16 -12.50 0.97
CA GLU A 44 0.21 -13.87 0.64
C GLU A 44 1.63 -14.17 1.11
N GLU A 45 1.78 -15.34 1.71
CA GLU A 45 3.08 -15.75 2.22
C GLU A 45 4.00 -16.15 1.05
N GLY A 46 5.30 -16.08 1.30
CA GLY A 46 6.27 -16.42 0.30
C GLY A 46 5.98 -15.70 -1.02
N SER A 47 5.30 -14.57 -0.90
CA SER A 47 4.96 -13.78 -2.07
C SER A 47 5.94 -12.62 -2.24
N SER A 48 5.84 -11.97 -3.38
CA SER A 48 6.72 -10.84 -3.68
C SER A 48 6.41 -9.67 -2.74
N ALA A 49 5.12 -9.53 -2.44
CA ALA A 49 4.67 -8.47 -1.56
C ALA A 49 5.47 -8.51 -0.26
N GLU A 50 5.21 -9.56 0.52
CA GLU A 50 5.90 -9.75 1.78
C GLU A 50 7.38 -9.39 1.65
N ARG A 51 7.98 -9.90 0.58
CA ARG A 51 9.39 -9.64 0.32
C ARG A 51 9.60 -8.17 0.00
N ALA A 52 8.67 -7.60 -0.74
CA ALA A 52 8.75 -6.20 -1.12
C ALA A 52 8.67 -5.33 0.14
N GLY A 53 8.05 -5.89 1.17
CA GLY A 53 7.90 -5.19 2.43
C GLY A 53 6.43 -4.93 2.74
N LEU A 54 5.58 -5.24 1.77
CA LEU A 54 4.15 -5.05 1.93
C LEU A 54 3.60 -6.11 2.87
N CYS A 55 2.89 -5.64 3.89
CA CYS A 55 2.31 -6.54 4.87
C CYS A 55 1.01 -5.92 5.38
N VAL A 56 0.14 -6.78 5.90
CA VAL A 56 -1.14 -6.32 6.42
C VAL A 56 -0.89 -5.36 7.59
N GLY A 57 -1.84 -4.45 7.78
CA GLY A 57 -1.74 -3.48 8.84
C GLY A 57 -1.28 -2.12 8.31
N ASP A 58 -0.96 -2.11 7.02
CA ASP A 58 -0.50 -0.89 6.37
C ASP A 58 -1.65 -0.29 5.56
N LYS A 59 -1.50 0.99 5.25
CA LYS A 59 -2.52 1.69 4.48
C LYS A 59 -1.85 2.40 3.29
N ILE A 60 -2.14 1.89 2.11
CA ILE A 60 -1.58 2.46 0.89
C ILE A 60 -2.25 3.81 0.62
N THR A 61 -1.46 4.86 0.77
CA THR A 61 -1.95 6.21 0.53
C THR A 61 -1.70 6.63 -0.92
N GLU A 62 -0.77 5.93 -1.54
CA GLU A 62 -0.42 6.23 -2.92
C GLU A 62 0.29 5.03 -3.56
N VAL A 63 0.23 4.99 -4.88
CA VAL A 63 0.86 3.90 -5.63
C VAL A 63 1.18 4.37 -7.04
N ASN A 64 2.38 4.05 -7.49
CA ASN A 64 2.81 4.43 -8.82
C ASN A 64 2.68 5.95 -8.98
N GLY A 65 2.67 6.63 -7.85
CA GLY A 65 2.56 8.08 -7.85
C GLY A 65 1.09 8.51 -7.66
N LEU A 66 0.20 7.79 -8.33
CA LEU A 66 -1.21 8.08 -8.24
C LEU A 66 -1.68 7.93 -6.79
N SER A 67 -2.18 9.03 -6.24
CA SER A 67 -2.66 9.03 -4.87
C SER A 67 -4.03 8.36 -4.80
N LEU A 68 -4.17 7.48 -3.81
CA LEU A 68 -5.42 6.77 -3.62
C LEU A 68 -6.05 7.20 -2.29
N GLU A 69 -5.89 8.47 -1.98
CA GLU A 69 -6.44 9.02 -0.76
C GLU A 69 -7.91 9.41 -0.95
N SER A 70 -8.42 9.09 -2.14
CA SER A 70 -9.79 9.40 -2.46
C SER A 70 -10.18 8.76 -3.79
N THR A 71 -9.71 7.53 -3.97
CA THR A 71 -10.00 6.80 -5.20
C THR A 71 -10.61 5.44 -4.86
N THR A 72 -11.34 4.90 -5.83
CA THR A 72 -11.97 3.61 -5.66
C THR A 72 -10.92 2.50 -5.52
N MET A 73 -11.39 1.26 -5.52
CA MET A 73 -10.50 0.12 -5.39
C MET A 73 -10.09 -0.39 -6.77
N GLY A 74 -11.09 -0.82 -7.54
CA GLY A 74 -10.84 -1.34 -8.87
C GLY A 74 -9.80 -0.48 -9.60
N SER A 75 -10.18 0.76 -9.86
CA SER A 75 -9.29 1.69 -10.55
C SER A 75 -7.86 1.48 -10.08
N ALA A 76 -7.68 1.53 -8.77
CA ALA A 76 -6.36 1.36 -8.19
C ALA A 76 -5.82 -0.02 -8.58
N VAL A 77 -6.60 -1.04 -8.28
CA VAL A 77 -6.20 -2.40 -8.60
C VAL A 77 -5.80 -2.48 -10.07
N LYS A 78 -6.60 -1.85 -10.90
CA LYS A 78 -6.33 -1.85 -12.33
C LYS A 78 -4.85 -1.57 -12.57
N VAL A 79 -4.26 -0.85 -11.63
CA VAL A 79 -2.84 -0.51 -11.72
C VAL A 79 -2.04 -1.51 -10.90
N LEU A 80 -2.60 -1.93 -9.78
CA LEU A 80 -1.95 -2.88 -8.90
C LEU A 80 -1.87 -4.23 -9.61
N THR A 81 -2.66 -4.37 -10.66
CA THR A 81 -2.69 -5.60 -11.43
C THR A 81 -1.80 -5.48 -12.67
N SER A 82 -1.13 -4.35 -12.77
CA SER A 82 -0.25 -4.09 -13.90
C SER A 82 1.04 -3.44 -13.42
N SER A 83 1.60 -2.60 -14.28
CA SER A 83 2.84 -1.91 -13.96
C SER A 83 3.94 -2.92 -13.67
N SER A 84 5.00 -2.83 -14.47
CA SER A 84 6.13 -3.73 -14.31
C SER A 84 6.76 -3.55 -12.92
N ARG A 85 6.37 -2.45 -12.28
CA ARG A 85 6.89 -2.16 -10.95
C ARG A 85 6.00 -1.11 -10.27
N LEU A 86 5.24 -1.59 -9.30
CA LEU A 86 4.34 -0.71 -8.56
C LEU A 86 5.12 -0.04 -7.43
N HIS A 87 4.77 1.22 -7.19
CA HIS A 87 5.43 2.00 -6.15
C HIS A 87 4.39 2.52 -5.15
N MET A 88 4.12 1.70 -4.15
CA MET A 88 3.15 2.05 -3.13
C MET A 88 3.81 2.81 -1.97
N MET A 89 3.06 3.73 -1.40
CA MET A 89 3.56 4.52 -0.29
C MET A 89 2.57 4.52 0.88
N VAL A 90 2.98 3.90 1.97
CA VAL A 90 2.15 3.83 3.15
C VAL A 90 2.64 4.84 4.19
N ARG A 91 1.74 5.21 5.08
CA ARG A 91 2.08 6.17 6.13
C ARG A 91 2.08 5.47 7.50
N ARG A 92 3.23 5.54 8.15
CA ARG A 92 3.38 4.93 9.46
C ARG A 92 4.09 5.89 10.41
N MET A 93 3.70 5.82 11.68
CA MET A 93 4.29 6.67 12.70
C MET A 93 5.21 5.86 13.62
N GLY A 94 5.11 4.55 13.49
CA GLY A 94 5.92 3.66 14.32
C GLY A 94 5.16 3.26 15.58
N SER A 95 4.79 1.99 15.63
CA SER A 95 4.06 1.46 16.77
C SER A 95 4.99 0.60 17.63
N GLY A 96 5.62 -0.38 16.99
CA GLY A 96 6.54 -1.26 17.68
C GLY A 96 7.40 -2.04 16.68
N PRO A 97 8.55 -2.54 17.19
CA PRO A 97 9.47 -3.31 16.36
C PRO A 97 8.93 -4.71 16.11
N SER A 98 8.27 -5.26 17.12
CA SER A 98 7.71 -6.59 17.02
C SER A 98 8.81 -7.61 16.72
N SER A 99 9.03 -8.50 17.69
CA SER A 99 10.05 -9.53 17.55
C SER A 99 9.76 -10.38 16.31
N GLY A 100 8.57 -10.98 16.31
CA GLY A 100 8.17 -11.83 15.21
C GLY A 100 6.64 -11.98 15.16
#